data_8QDR
#
_entry.id   8QDR
#
_cell.length_a   85.905
_cell.length_b   105.818
_cell.length_c   88.533
_cell.angle_alpha   90.00
_cell.angle_beta   92.84
_cell.angle_gamma   90.00
#
_symmetry.space_group_name_H-M   'P 1 21 1'
#
loop_
_entity.id
_entity.type
_entity.pdbx_description
1 polymer Lipoxygenase
2 non-polymer 'FE (III) ION'
3 non-polymer 3,6,12,15,18,21,24-HEPTAOXAHEXATRIACONTAN-1-OL
4 non-polymer 1,2-ETHANEDIOL
5 water water
#
_entity_poly.entity_id   1
_entity_poly.type   'polypeptide(L)'
_entity_poly.pdbx_seq_one_letter_code
;MHHHHHHGSVGYVPANIKAVASDTDTRKSVSVKATVTVKLTVGGFLSSLIGLSHGLDDVSDWLGKTLLLEVVSSEVDPKT
GLEKKPIGAYAHRAAEKDGEVTYESDFVIPDDFGEIGAVLVQNEHHKEMYLRYIVLDGFPNGPIEFNCSSWVASKFDDPQ
KRVFFTNKSYLPLETPSGLKEIREKELVTLRGNGQGERKSYDRIYDYDVYDDLGDPDSSPELTRPVLGGSKQYPYPRRCR
TGRPMSKIDPKAETRSSTVYVPRDEAFSDVKELTFSTNTLYSALHAVVPAIESVITDTSLGFPLFTKIDELYNEGINVPN
LKKHKVLQDILPRLVRAITNSTDSLLQFETPQLLLRDKFSWFRDEEFSRQTLAGLNPYSIQLVKEWPLKSTLDPKIYGPP
ESAITTEIVEREIKGFMTVDEALKQKKLFIIDYHDILLPYVSEVRQIKGTTLYGSRALFFLGPDNTLKPLAIELVRPPMD
GKPQWKQVFTPSWEATGSWLWKLAKTHFLAHDAGYHQLVSHWLRTHCVTEPYIIATNRQLSAMHPIYRLLHPHFRYTMEI
NALAREALINADGIIESAFTPGKYSTEISSAAYGLQWRFDTQGLPADLISRGIAVEDPSSPHGLKLAIPDYPFANDGLLL
WDAIKEWVTDYVNFFYKDASMVKSDAELQAWWTEIRTRGHEDKKDETWWPDLKTPQDLIGIVTTMVWVTSGHHAAVNFGQ
YAYAGYFPNRPTIARTNLPSEDPTEEGWRRFLHKPENELLACLPTQLQAAKVLTVLDVLSSHSPDEEYLGEHLEPAWGAD
PLIKAAFERFSGRLKEIEGIIDARNEDKNLKNRHGAGVVPYELLKPFSGAGVTGKGVPYSISI
;
_entity_poly.pdbx_strand_id   A,B
#
loop_
_chem_comp.id
_chem_comp.type
_chem_comp.name
_chem_comp.formula
EDO non-polymer 1,2-ETHANEDIOL 'C2 H6 O2'
FE non-polymer 'FE (III) ION' 'Fe 3'
PQE non-polymer 3,6,12,15,18,21,24-HEPTAOXAHEXATRIACONTAN-1-OL 'C29 H60 O8'
#
# COMPACT_ATOMS: atom_id res chain seq x y z
N LYS A 28 -68.97 17.92 -48.15
CA LYS A 28 -69.62 17.29 -47.01
C LYS A 28 -68.87 17.63 -45.72
N SER A 29 -68.62 16.59 -44.93
CA SER A 29 -67.97 16.73 -43.63
C SER A 29 -67.29 15.40 -43.30
N VAL A 30 -66.46 15.42 -42.26
CA VAL A 30 -65.67 14.27 -41.85
C VAL A 30 -65.94 13.98 -40.38
N SER A 31 -66.00 12.71 -40.02
CA SER A 31 -66.23 12.27 -38.66
C SER A 31 -64.89 11.95 -38.00
N VAL A 32 -64.52 12.74 -36.99
CA VAL A 32 -63.23 12.59 -36.31
C VAL A 32 -63.46 11.89 -34.98
N LYS A 33 -62.66 10.85 -34.73
CA LYS A 33 -62.61 10.22 -33.41
C LYS A 33 -61.31 10.69 -32.75
N ALA A 34 -61.45 11.50 -31.70
CA ALA A 34 -60.32 12.00 -30.94
C ALA A 34 -60.12 11.14 -29.69
N THR A 35 -58.91 10.62 -29.51
CA THR A 35 -58.58 9.77 -28.38
C THR A 35 -57.39 10.38 -27.64
N VAL A 36 -57.57 10.62 -26.34
CA VAL A 36 -56.52 11.16 -25.47
C VAL A 36 -56.11 10.08 -24.48
N THR A 37 -54.82 9.78 -24.42
CA THR A 37 -54.28 8.80 -23.48
C THR A 37 -53.65 9.50 -22.29
N VAL A 38 -54.07 9.11 -21.10
CA VAL A 38 -53.72 9.80 -19.86
C VAL A 38 -53.16 8.78 -18.87
N LYS A 39 -52.04 9.11 -18.25
CA LYS A 39 -51.40 8.23 -17.27
C LYS A 39 -51.88 8.55 -15.87
N LEU A 40 -51.92 7.52 -15.02
CA LEU A 40 -52.33 7.67 -13.63
C LEU A 40 -51.18 8.09 -12.73
N ASP A 57 -55.94 13.63 -6.83
CA ASP A 57 -57.35 13.91 -7.06
C ASP A 57 -58.20 12.94 -6.27
N ASP A 58 -59.37 13.41 -5.86
CA ASP A 58 -60.34 12.53 -5.25
C ASP A 58 -61.05 11.71 -6.33
N VAL A 59 -61.65 10.60 -5.87
CA VAL A 59 -62.22 9.60 -6.77
C VAL A 59 -63.42 10.17 -7.53
N SER A 60 -64.31 10.86 -6.82
CA SER A 60 -65.55 11.34 -7.44
C SER A 60 -65.26 12.29 -8.60
N ASP A 61 -64.39 13.28 -8.38
CA ASP A 61 -64.00 14.16 -9.49
C ASP A 61 -63.27 13.38 -10.58
N TRP A 62 -62.46 12.40 -10.17
CA TRP A 62 -61.68 11.64 -11.14
C TRP A 62 -62.56 10.96 -12.19
N LEU A 63 -63.65 10.35 -11.75
CA LEU A 63 -64.47 9.51 -12.60
C LEU A 63 -65.60 10.27 -13.27
N GLY A 64 -66.02 11.42 -12.71
CA GLY A 64 -67.19 12.13 -13.17
C GLY A 64 -66.91 13.20 -14.21
N LYS A 65 -65.71 13.78 -14.18
CA LYS A 65 -65.32 14.86 -15.09
C LYS A 65 -64.35 14.33 -16.15
N THR A 66 -64.27 15.06 -17.27
CA THR A 66 -63.41 14.63 -18.38
C THR A 66 -62.60 15.79 -18.95
N LEU A 67 -62.50 15.85 -20.29
CA LEU A 67 -61.70 16.83 -20.99
C LEU A 67 -62.53 17.46 -22.11
N LEU A 68 -62.15 18.68 -22.49
CA LEU A 68 -62.60 19.29 -23.73
C LEU A 68 -61.46 19.22 -24.73
N LEU A 69 -61.74 18.65 -25.91
CA LEU A 69 -60.76 18.52 -26.97
C LEU A 69 -61.27 19.24 -28.20
N GLU A 70 -60.42 20.09 -28.77
CA GLU A 70 -60.73 20.85 -29.97
C GLU A 70 -59.59 20.72 -30.96
N VAL A 71 -59.93 20.79 -32.26
CA VAL A 71 -58.92 20.73 -33.31
C VAL A 71 -58.80 22.11 -33.97
N VAL A 72 -57.59 22.43 -34.40
CA VAL A 72 -57.21 23.76 -34.87
C VAL A 72 -56.70 23.64 -36.29
N SER A 73 -57.30 24.39 -37.20
CA SER A 73 -56.89 24.33 -38.61
C SER A 73 -55.49 24.91 -38.79
N SER A 74 -54.75 24.31 -39.72
CA SER A 74 -53.45 24.86 -40.11
C SER A 74 -53.56 26.15 -40.91
N GLU A 75 -54.67 26.38 -41.59
CA GLU A 75 -54.80 27.50 -42.51
C GLU A 75 -55.84 28.48 -41.99
N VAL A 76 -55.60 29.77 -42.24
CA VAL A 76 -56.63 30.77 -42.03
C VAL A 76 -57.67 30.67 -43.15
N ASP A 77 -58.84 31.25 -42.89
CA ASP A 77 -59.88 31.46 -43.91
C ASP A 77 -59.27 32.16 -45.11
N PRO A 78 -59.23 31.51 -46.28
CA PRO A 78 -58.55 32.11 -47.44
C PRO A 78 -59.30 33.28 -48.02
N LYS A 79 -60.56 33.49 -47.65
CA LYS A 79 -61.33 34.61 -48.16
C LYS A 79 -61.19 35.86 -47.32
N THR A 80 -60.72 35.71 -46.09
CA THR A 80 -60.64 36.82 -45.14
C THR A 80 -59.30 36.95 -44.44
N GLY A 81 -58.45 35.92 -44.48
CA GLY A 81 -57.24 35.91 -43.68
C GLY A 81 -57.45 35.66 -42.21
N LEU A 82 -58.69 35.43 -41.78
CA LEU A 82 -59.00 35.28 -40.36
C LEU A 82 -58.85 33.83 -39.90
N GLU A 83 -58.45 33.69 -38.65
CA GLU A 83 -58.34 32.36 -38.06
C GLU A 83 -59.69 31.67 -38.05
N LYS A 84 -59.68 30.37 -38.28
CA LYS A 84 -60.89 29.57 -38.16
C LYS A 84 -61.12 29.21 -36.71
N LYS A 85 -62.37 29.20 -36.29
CA LYS A 85 -62.68 28.76 -34.94
C LYS A 85 -62.38 27.26 -34.80
N PRO A 86 -61.80 26.84 -33.68
CA PRO A 86 -61.58 25.40 -33.45
C PRO A 86 -62.90 24.66 -33.29
N ILE A 87 -62.83 23.34 -33.47
CA ILE A 87 -64.00 22.47 -33.40
C ILE A 87 -63.70 21.25 -32.55
N GLY A 88 -64.61 20.88 -31.67
CA GLY A 88 -64.42 19.70 -30.88
C GLY A 88 -65.67 19.32 -30.11
N ALA A 89 -65.47 18.55 -29.05
CA ALA A 89 -66.51 18.16 -28.12
C ALA A 89 -65.86 17.64 -26.83
N TYR A 90 -66.67 17.59 -25.77
CA TYR A 90 -66.21 17.05 -24.49
C TYR A 90 -66.05 15.54 -24.57
N ALA A 91 -65.00 15.04 -23.92
CA ALA A 91 -64.68 13.63 -23.99
C ALA A 91 -65.46 12.83 -22.95
N HIS A 92 -65.36 11.51 -23.07
CA HIS A 92 -65.89 10.59 -22.09
C HIS A 92 -64.87 9.48 -21.89
N ARG A 93 -64.88 8.88 -20.70
CA ARG A 93 -64.00 7.74 -20.43
C ARG A 93 -64.28 6.63 -21.44
N ALA A 94 -63.22 6.10 -22.03
CA ALA A 94 -63.36 5.09 -23.08
C ALA A 94 -62.78 3.75 -22.66
N ALA A 95 -61.56 3.72 -22.14
CA ALA A 95 -60.94 2.49 -21.70
C ALA A 95 -59.92 2.80 -20.62
N GLU A 96 -59.60 1.79 -19.82
CA GLU A 96 -58.53 1.87 -18.84
C GLU A 96 -57.78 0.54 -18.82
N LYS A 97 -56.46 0.62 -18.73
CA LYS A 97 -55.62 -0.56 -18.55
C LYS A 97 -54.19 -0.10 -18.28
N ASP A 98 -53.48 -0.91 -17.48
CA ASP A 98 -52.03 -0.77 -17.29
C ASP A 98 -51.64 0.65 -16.89
N GLY A 99 -52.39 1.21 -15.93
CA GLY A 99 -52.11 2.56 -15.45
C GLY A 99 -52.43 3.67 -16.41
N GLU A 100 -53.33 3.44 -17.37
CA GLU A 100 -53.63 4.40 -18.42
C GLU A 100 -55.13 4.52 -18.61
N VAL A 101 -55.59 5.76 -18.71
CA VAL A 101 -56.98 6.06 -18.99
C VAL A 101 -57.06 6.70 -20.36
N THR A 102 -58.09 6.33 -21.12
CA THR A 102 -58.27 6.85 -22.47
C THR A 102 -59.60 7.60 -22.55
N TYR A 103 -59.53 8.87 -22.91
CA TYR A 103 -60.72 9.67 -23.13
C TYR A 103 -60.97 9.75 -24.62
N GLU A 104 -62.26 9.79 -24.98
CA GLU A 104 -62.65 9.77 -26.38
C GLU A 104 -63.64 10.89 -26.67
N SER A 105 -63.34 11.67 -27.70
CA SER A 105 -64.24 12.71 -28.19
CA SER A 105 -64.22 12.72 -28.18
C SER A 105 -64.55 12.45 -29.65
N ASP A 106 -65.84 12.51 -29.99
CA ASP A 106 -66.32 12.30 -31.35
C ASP A 106 -67.06 13.55 -31.82
N PHE A 107 -66.64 14.10 -32.97
CA PHE A 107 -67.24 15.30 -33.51
C PHE A 107 -67.13 15.30 -35.03
N VAL A 108 -67.61 16.37 -35.64
CA VAL A 108 -67.68 16.51 -37.09
C VAL A 108 -66.91 17.75 -37.52
N ILE A 109 -66.18 17.62 -38.62
CA ILE A 109 -65.32 18.65 -39.19
C ILE A 109 -65.77 19.00 -40.61
N PRO A 110 -65.76 20.28 -41.03
CA PRO A 110 -66.11 20.59 -42.42
C PRO A 110 -65.04 20.12 -43.38
N ASP A 111 -65.48 19.73 -44.58
CA ASP A 111 -64.53 19.22 -45.57
C ASP A 111 -63.55 20.29 -46.04
N ASP A 112 -63.86 21.57 -45.83
CA ASP A 112 -62.98 22.67 -46.19
C ASP A 112 -62.22 23.23 -44.99
N PHE A 113 -62.28 22.54 -43.85
CA PHE A 113 -61.59 22.99 -42.65
C PHE A 113 -60.10 23.14 -42.90
N GLY A 114 -59.52 22.21 -43.64
CA GLY A 114 -58.09 22.20 -43.90
C GLY A 114 -57.37 21.23 -43.00
N GLU A 115 -56.05 21.23 -43.14
CA GLU A 115 -55.22 20.33 -42.35
C GLU A 115 -55.21 20.75 -40.89
N ILE A 116 -55.27 19.76 -40.00
CA ILE A 116 -55.26 20.03 -38.58
C ILE A 116 -53.83 20.24 -38.12
N GLY A 117 -53.53 21.43 -37.60
CA GLY A 117 -52.18 21.73 -37.17
C GLY A 117 -51.96 21.67 -35.67
N ALA A 118 -53.05 21.59 -34.90
CA ALA A 118 -52.93 21.55 -33.46
C ALA A 118 -54.24 21.04 -32.87
N VAL A 119 -54.15 20.63 -31.60
CA VAL A 119 -55.33 20.32 -30.80
C VAL A 119 -55.25 21.14 -29.53
N LEU A 120 -56.41 21.57 -29.03
CA LEU A 120 -56.52 22.24 -27.74
C LEU A 120 -57.10 21.26 -26.73
N VAL A 121 -56.60 21.34 -25.49
CA VAL A 121 -57.11 20.53 -24.39
C VAL A 121 -57.46 21.44 -23.23
N GLN A 122 -58.65 21.26 -22.67
CA GLN A 122 -59.03 21.91 -21.43
C GLN A 122 -59.46 20.84 -20.44
N ASN A 123 -58.70 20.73 -19.36
CA ASN A 123 -59.01 19.80 -18.27
C ASN A 123 -60.21 20.30 -17.48
N GLU A 124 -61.20 19.43 -17.29
CA GLU A 124 -62.38 19.76 -16.49
C GLU A 124 -62.30 19.23 -15.07
N HIS A 125 -61.29 18.41 -14.77
CA HIS A 125 -61.04 18.03 -13.39
C HIS A 125 -60.52 19.22 -12.59
N HIS A 126 -60.77 19.19 -11.28
CA HIS A 126 -60.10 20.13 -10.39
C HIS A 126 -58.79 19.59 -9.86
N LYS A 127 -58.13 18.73 -10.63
CA LYS A 127 -56.78 18.26 -10.36
C LYS A 127 -56.06 18.10 -11.70
N GLU A 128 -54.75 18.35 -11.69
CA GLU A 128 -53.95 18.21 -12.90
C GLU A 128 -53.98 16.77 -13.40
N MET A 129 -53.46 16.58 -14.61
CA MET A 129 -53.58 15.30 -15.32
C MET A 129 -52.44 15.21 -16.32
N TYR A 130 -51.77 14.06 -16.38
CA TYR A 130 -50.61 13.91 -17.27
C TYR A 130 -51.07 13.30 -18.60
N LEU A 131 -50.96 14.08 -19.68
CA LEU A 131 -51.36 13.63 -21.00
C LEU A 131 -50.16 13.02 -21.74
N ARG A 132 -50.34 11.82 -22.29
CA ARG A 132 -49.26 11.17 -23.02
C ARG A 132 -49.33 11.58 -24.50
N TYR A 133 -50.38 11.15 -25.20
CA TYR A 133 -50.47 11.45 -26.63
C TYR A 133 -51.93 11.49 -27.05
N ILE A 134 -52.17 12.08 -28.22
CA ILE A 134 -53.51 12.22 -28.77
C ILE A 134 -53.52 11.64 -30.18
N VAL A 135 -54.57 10.90 -30.50
CA VAL A 135 -54.73 10.31 -31.84
C VAL A 135 -56.07 10.77 -32.41
N LEU A 136 -56.04 11.24 -33.65
CA LEU A 136 -57.25 11.61 -34.39
C LEU A 136 -57.47 10.58 -35.50
N ASP A 137 -58.64 9.94 -35.49
CA ASP A 137 -58.98 8.92 -36.46
C ASP A 137 -60.13 9.40 -37.35
N GLY A 138 -60.27 8.73 -38.49
CA GLY A 138 -61.36 9.01 -39.40
C GLY A 138 -61.03 9.89 -40.58
N PHE A 139 -59.77 10.22 -40.80
CA PHE A 139 -59.44 11.00 -41.97
C PHE A 139 -59.07 10.08 -43.13
N PRO A 140 -59.41 10.48 -44.36
CA PRO A 140 -59.10 9.63 -45.52
C PRO A 140 -57.62 9.34 -45.66
N ASN A 141 -56.76 10.24 -45.16
CA ASN A 141 -55.32 10.03 -45.19
C ASN A 141 -54.82 9.17 -44.03
N GLY A 142 -55.61 9.03 -42.97
CA GLY A 142 -55.23 8.20 -41.85
C GLY A 142 -55.15 8.96 -40.54
N PRO A 143 -54.67 8.27 -39.49
CA PRO A 143 -54.57 8.91 -38.18
C PRO A 143 -53.53 10.01 -38.14
N ILE A 144 -53.74 10.94 -37.21
CA ILE A 144 -52.79 12.00 -36.91
C ILE A 144 -52.47 11.92 -35.42
N GLU A 145 -51.19 11.70 -35.10
CA GLU A 145 -50.75 11.58 -33.71
C GLU A 145 -50.16 12.89 -33.24
N PHE A 146 -50.62 13.37 -32.08
CA PHE A 146 -50.05 14.53 -31.40
C PHE A 146 -49.36 14.06 -30.12
N ASN A 147 -48.07 14.30 -30.01
CA ASN A 147 -47.41 13.98 -28.76
C ASN A 147 -47.65 15.11 -27.76
N CYS A 148 -47.96 14.73 -26.52
CA CYS A 148 -48.27 15.70 -25.47
C CYS A 148 -47.17 15.70 -24.41
N SER A 149 -47.01 14.59 -23.67
CA SER A 149 -45.99 14.47 -22.63
C SER A 149 -46.00 15.66 -21.70
N SER A 150 -47.18 16.04 -21.22
CA SER A 150 -47.30 17.28 -20.49
C SER A 150 -48.40 17.14 -19.46
N TRP A 151 -48.15 17.69 -18.26
CA TRP A 151 -49.20 17.84 -17.26
C TRP A 151 -50.14 18.96 -17.68
N VAL A 152 -51.44 18.70 -17.64
CA VAL A 152 -52.44 19.71 -17.91
C VAL A 152 -53.09 20.10 -16.60
N ALA A 153 -53.06 21.39 -16.27
CA ALA A 153 -53.43 21.86 -14.94
C ALA A 153 -54.93 21.71 -14.70
N SER A 154 -55.29 21.62 -13.43
CA SER A 154 -56.68 21.78 -13.02
C SER A 154 -57.24 23.06 -13.59
N LYS A 155 -58.52 23.02 -14.00
CA LYS A 155 -59.07 24.25 -14.56
C LYS A 155 -59.30 25.32 -13.49
N PHE A 156 -59.36 24.92 -12.22
CA PHE A 156 -59.43 25.88 -11.11
C PHE A 156 -58.09 26.55 -10.87
N ASP A 157 -56.99 26.02 -11.40
CA ASP A 157 -55.68 26.66 -11.24
C ASP A 157 -55.37 27.57 -12.43
N ASP A 158 -55.57 27.06 -13.63
CA ASP A 158 -55.34 27.80 -14.84
C ASP A 158 -56.41 27.39 -15.83
N PRO A 159 -57.40 28.25 -16.10
CA PRO A 159 -58.49 27.87 -17.01
C PRO A 159 -58.12 27.94 -18.49
N GLN A 160 -56.88 28.32 -18.80
CA GLN A 160 -56.43 28.48 -20.18
C GLN A 160 -56.19 27.14 -20.85
N LYS A 161 -56.71 26.98 -22.06
CA LYS A 161 -56.55 25.72 -22.79
C LYS A 161 -55.09 25.49 -23.15
N ARG A 162 -54.71 24.23 -23.23
CA ARG A 162 -53.35 23.86 -23.59
C ARG A 162 -53.32 23.45 -25.05
N VAL A 163 -52.27 23.83 -25.77
CA VAL A 163 -52.15 23.60 -27.21
C VAL A 163 -51.03 22.60 -27.46
N PHE A 164 -51.29 21.64 -28.35
CA PHE A 164 -50.27 20.68 -28.77
C PHE A 164 -50.20 20.65 -30.28
N PHE A 165 -48.99 20.81 -30.82
CA PHE A 165 -48.78 20.94 -32.24
C PHE A 165 -48.50 19.57 -32.84
N THR A 166 -48.70 19.45 -34.15
CA THR A 166 -48.36 18.15 -34.73
C THR A 166 -46.85 17.93 -34.67
N ASN A 167 -46.44 16.71 -35.06
CA ASN A 167 -45.04 16.32 -35.00
C ASN A 167 -44.20 16.96 -36.09
N LYS A 168 -44.83 17.64 -37.05
CA LYS A 168 -44.09 18.38 -38.05
C LYS A 168 -43.46 19.63 -37.44
N SER A 169 -42.20 19.90 -37.79
CA SER A 169 -41.49 21.05 -37.25
C SER A 169 -41.36 22.16 -38.29
N TYR A 170 -41.38 23.39 -37.82
CA TYR A 170 -41.37 24.55 -38.69
C TYR A 170 -40.50 25.65 -38.09
N LEU A 171 -39.61 26.22 -38.92
CA LEU A 171 -39.05 27.55 -38.64
C LEU A 171 -40.19 28.57 -38.57
N PRO A 172 -40.02 29.66 -37.80
CA PRO A 172 -41.14 30.61 -37.65
C PRO A 172 -41.74 31.08 -38.98
N LEU A 173 -40.91 31.43 -39.98
CA LEU A 173 -41.45 31.89 -41.26
C LEU A 173 -42.18 30.79 -42.03
N GLU A 174 -41.95 29.53 -41.72
CA GLU A 174 -42.67 28.44 -42.37
C GLU A 174 -43.91 27.99 -41.62
N THR A 175 -44.21 28.61 -40.49
CA THR A 175 -45.38 28.21 -39.72
C THR A 175 -46.63 28.33 -40.59
N PRO A 176 -47.45 27.27 -40.67
CA PRO A 176 -48.72 27.40 -41.40
C PRO A 176 -49.50 28.58 -40.85
N SER A 177 -50.21 29.27 -41.75
CA SER A 177 -50.81 30.56 -41.39
C SER A 177 -51.76 30.45 -40.22
N GLY A 178 -52.44 29.31 -40.06
CA GLY A 178 -53.39 29.18 -38.97
C GLY A 178 -52.78 29.01 -37.59
N LEU A 179 -51.47 28.76 -37.53
CA LEU A 179 -50.78 28.47 -36.29
C LEU A 179 -49.87 29.60 -35.83
N LYS A 180 -49.73 30.67 -36.62
CA LYS A 180 -48.76 31.72 -36.29
C LYS A 180 -49.08 32.40 -34.97
N GLU A 181 -50.36 32.81 -34.79
CA GLU A 181 -50.75 33.51 -33.57
C GLU A 181 -50.60 32.63 -32.34
N ILE A 182 -51.14 31.41 -32.38
CA ILE A 182 -51.05 30.52 -31.23
C ILE A 182 -49.60 30.17 -30.90
N ARG A 183 -48.74 30.06 -31.93
CA ARG A 183 -47.33 29.76 -31.68
C ARG A 183 -46.68 30.88 -30.87
N GLU A 184 -46.99 32.12 -31.22
CA GLU A 184 -46.49 33.26 -30.46
C GLU A 184 -47.11 33.32 -29.08
N LYS A 185 -48.43 33.11 -28.97
CA LYS A 185 -49.11 33.21 -27.68
C LYS A 185 -48.58 32.18 -26.70
N GLU A 186 -48.18 31.02 -27.21
CA GLU A 186 -47.63 30.01 -26.32
C GLU A 186 -46.31 30.48 -25.70
N LEU A 187 -45.44 31.09 -26.51
CA LEU A 187 -44.19 31.61 -25.96
C LEU A 187 -44.45 32.68 -24.91
N VAL A 188 -45.42 33.56 -25.16
CA VAL A 188 -45.78 34.58 -24.20
C VAL A 188 -46.22 33.95 -22.87
N THR A 189 -47.05 32.91 -22.94
CA THR A 189 -47.46 32.20 -21.74
C THR A 189 -46.26 31.64 -20.96
N LEU A 190 -45.30 31.08 -21.69
CA LEU A 190 -44.20 30.38 -21.02
C LEU A 190 -43.22 31.33 -20.34
N ARG A 191 -43.16 32.58 -20.80
CA ARG A 191 -42.26 33.57 -20.22
C ARG A 191 -42.80 34.16 -18.93
N GLY A 192 -44.11 34.22 -18.78
CA GLY A 192 -44.69 34.93 -17.66
C GLY A 192 -44.38 36.42 -17.77
N ASN A 193 -44.61 37.12 -16.68
CA ASN A 193 -44.44 38.56 -16.66
C ASN A 193 -43.34 39.02 -15.72
N GLY A 194 -42.52 38.10 -15.21
CA GLY A 194 -41.40 38.44 -14.34
C GLY A 194 -41.77 38.73 -12.90
N GLN A 195 -43.03 38.60 -12.53
CA GLN A 195 -43.50 38.90 -11.17
C GLN A 195 -44.13 37.66 -10.56
N GLY A 196 -44.22 37.69 -9.23
CA GLY A 196 -45.03 36.76 -8.49
C GLY A 196 -44.23 35.60 -7.94
N GLU A 197 -44.76 35.00 -6.87
CA GLU A 197 -44.21 33.75 -6.36
C GLU A 197 -44.72 32.60 -7.22
N ARG A 198 -43.81 31.88 -7.87
CA ARG A 198 -44.20 30.77 -8.73
C ARG A 198 -44.82 29.64 -7.92
N LYS A 199 -45.92 29.11 -8.44
CA LYS A 199 -46.64 27.99 -7.84
C LYS A 199 -46.34 26.71 -8.62
N SER A 200 -46.67 25.57 -8.00
CA SER A 200 -46.26 24.28 -8.56
C SER A 200 -46.93 23.95 -9.89
N TYR A 201 -48.09 24.52 -10.18
CA TYR A 201 -48.78 24.28 -11.44
C TYR A 201 -48.34 25.24 -12.55
N ASP A 202 -47.43 26.18 -12.26
CA ASP A 202 -46.99 27.13 -13.27
C ASP A 202 -46.06 26.47 -14.29
N ARG A 203 -46.12 26.99 -15.51
CA ARG A 203 -45.23 26.58 -16.60
C ARG A 203 -44.42 27.80 -17.01
N ILE A 204 -43.81 28.49 -16.06
CA ILE A 204 -43.21 29.80 -16.29
C ILE A 204 -41.70 29.70 -16.11
N TYR A 205 -40.98 30.01 -17.18
CA TYR A 205 -39.53 29.96 -17.25
C TYR A 205 -38.98 31.39 -17.25
N ASP A 206 -38.07 31.69 -16.32
CA ASP A 206 -37.49 33.03 -16.21
C ASP A 206 -36.22 32.91 -15.35
N TYR A 207 -35.48 34.01 -15.20
CA TYR A 207 -34.14 33.97 -14.65
C TYR A 207 -34.06 34.66 -13.29
N ASP A 208 -33.15 34.19 -12.45
CA ASP A 208 -32.80 34.94 -11.24
C ASP A 208 -31.38 34.56 -10.85
N VAL A 209 -30.81 35.34 -9.93
CA VAL A 209 -29.47 35.06 -9.42
C VAL A 209 -29.53 33.99 -8.34
N TYR A 210 -28.35 33.42 -8.05
CA TYR A 210 -28.18 32.50 -6.94
C TYR A 210 -28.14 33.31 -5.64
N ASP A 211 -29.31 33.78 -5.21
CA ASP A 211 -29.45 34.50 -3.95
C ASP A 211 -30.23 33.71 -2.92
N ASP A 212 -30.36 32.40 -3.13
CA ASP A 212 -31.19 31.54 -2.29
C ASP A 212 -30.40 30.43 -1.61
N LEU A 213 -29.06 30.52 -1.57
CA LEU A 213 -28.24 29.47 -0.97
C LEU A 213 -28.00 29.65 0.52
N GLY A 214 -27.94 30.91 1.01
CA GLY A 214 -27.70 31.13 2.43
C GLY A 214 -28.96 31.01 3.27
N ASP A 215 -28.77 31.06 4.58
CA ASP A 215 -29.90 31.04 5.51
C ASP A 215 -29.70 32.12 6.59
N PRO A 216 -29.69 33.40 6.18
CA PRO A 216 -29.49 34.47 7.18
C PRO A 216 -30.66 34.66 8.14
N ASP A 217 -31.80 34.00 7.90
CA ASP A 217 -32.88 33.96 8.88
C ASP A 217 -32.61 32.96 10.00
N SER A 218 -31.45 32.28 9.98
CA SER A 218 -31.03 31.41 11.07
C SER A 218 -29.82 31.99 11.80
N SER A 219 -28.75 32.29 11.07
CA SER A 219 -27.52 32.81 11.67
CA SER A 219 -27.54 32.83 11.67
C SER A 219 -26.88 33.76 10.69
N PRO A 220 -26.26 34.84 11.15
CA PRO A 220 -25.43 35.65 10.25
C PRO A 220 -24.27 34.84 9.68
N GLU A 221 -23.86 33.77 10.35
CA GLU A 221 -22.83 32.89 9.83
C GLU A 221 -23.31 32.11 8.61
N LEU A 222 -24.62 31.95 8.44
CA LEU A 222 -25.17 31.28 7.28
C LEU A 222 -25.45 32.24 6.12
N THR A 223 -25.02 33.49 6.24
CA THR A 223 -25.13 34.41 5.12
C THR A 223 -24.11 34.04 4.04
N ARG A 224 -24.54 34.07 2.79
CA ARG A 224 -23.69 33.77 1.66
C ARG A 224 -23.78 34.93 0.66
N PRO A 225 -22.71 35.19 -0.10
CA PRO A 225 -22.78 36.24 -1.11
C PRO A 225 -23.69 35.81 -2.27
N VAL A 226 -24.41 36.78 -2.83
CA VAL A 226 -25.18 36.53 -4.03
C VAL A 226 -24.23 36.14 -5.14
N LEU A 227 -24.48 35.00 -5.77
CA LEU A 227 -23.67 34.57 -6.90
C LEU A 227 -24.38 34.96 -8.20
N GLY A 228 -23.75 35.81 -8.98
CA GLY A 228 -24.30 36.37 -10.21
C GLY A 228 -24.56 37.87 -10.09
N GLY A 229 -24.35 38.58 -11.19
CA GLY A 229 -24.80 39.96 -11.29
C GLY A 229 -23.85 40.99 -10.74
N SER A 230 -22.61 40.62 -10.42
CA SER A 230 -21.62 41.58 -9.98
C SER A 230 -20.27 41.20 -10.56
N LYS A 231 -19.36 42.17 -10.53
CA LYS A 231 -17.99 41.92 -10.95
C LYS A 231 -17.32 40.88 -10.06
N GLN A 232 -17.57 40.96 -8.74
CA GLN A 232 -16.87 40.08 -7.81
C GLN A 232 -17.36 38.63 -7.90
N TYR A 233 -18.65 38.43 -8.15
CA TYR A 233 -19.27 37.10 -8.15
C TYR A 233 -20.06 36.86 -9.43
N PRO A 234 -19.38 36.69 -10.57
CA PRO A 234 -20.08 36.26 -11.78
C PRO A 234 -20.60 34.83 -11.66
N TYR A 235 -21.74 34.57 -12.29
CA TYR A 235 -22.34 33.24 -12.19
C TYR A 235 -23.45 33.11 -13.22
N PRO A 236 -23.72 31.90 -13.73
CA PRO A 236 -24.94 31.68 -14.53
C PRO A 236 -26.21 31.90 -13.70
N ARG A 237 -27.26 32.34 -14.38
CA ARG A 237 -28.56 32.52 -13.76
C ARG A 237 -29.24 31.17 -13.62
N ARG A 238 -30.27 31.13 -12.78
CA ARG A 238 -31.05 29.93 -12.55
C ARG A 238 -32.53 30.29 -12.68
N CYS A 239 -33.40 29.28 -12.54
CA CYS A 239 -34.82 29.51 -12.76
C CYS A 239 -35.42 30.36 -11.64
N ARG A 240 -36.13 31.41 -12.03
CA ARG A 240 -36.76 32.31 -11.05
C ARG A 240 -37.84 31.58 -10.29
N THR A 241 -37.81 31.69 -8.95
CA THR A 241 -38.81 31.12 -8.05
C THR A 241 -39.71 32.18 -7.38
N GLY A 242 -39.21 33.39 -7.15
CA GLY A 242 -40.08 34.50 -6.78
C GLY A 242 -40.59 34.52 -5.34
N ARG A 243 -39.93 33.84 -4.41
CA ARG A 243 -40.35 33.81 -3.01
C ARG A 243 -39.98 35.12 -2.32
N PRO A 244 -40.55 35.39 -1.14
CA PRO A 244 -40.24 36.64 -0.45
C PRO A 244 -38.75 36.79 -0.16
N MET A 245 -38.32 38.05 -0.11
CA MET A 245 -36.94 38.30 0.27
C MET A 245 -36.84 38.31 1.79
N SER A 246 -35.64 38.06 2.28
CA SER A 246 -35.43 38.13 3.72
C SER A 246 -35.54 39.56 4.22
N LYS A 247 -36.16 39.74 5.38
CA LYS A 247 -36.13 41.04 6.06
C LYS A 247 -34.82 41.26 6.79
N ILE A 248 -34.18 40.17 7.24
CA ILE A 248 -32.82 40.27 7.80
C ILE A 248 -31.83 40.67 6.72
N ASP A 249 -31.73 39.86 5.65
CA ASP A 249 -30.82 40.08 4.54
C ASP A 249 -31.61 40.35 3.26
N PRO A 250 -31.80 41.62 2.88
CA PRO A 250 -32.73 41.93 1.77
C PRO A 250 -32.29 41.46 0.39
N LYS A 251 -31.02 41.11 0.20
CA LYS A 251 -30.62 40.55 -1.09
C LYS A 251 -30.76 39.03 -1.14
N ALA A 252 -31.22 38.40 -0.06
CA ALA A 252 -31.38 36.96 0.03
C ALA A 252 -32.85 36.58 -0.13
N GLU A 253 -33.12 35.66 -1.05
CA GLU A 253 -34.47 35.09 -1.15
C GLU A 253 -34.72 34.13 0.01
N THR A 254 -35.91 34.20 0.61
CA THR A 254 -36.19 33.34 1.76
C THR A 254 -36.15 31.86 1.37
N ARG A 255 -35.73 31.02 2.33
CA ARG A 255 -35.60 29.59 2.13
C ARG A 255 -36.97 28.92 2.22
N SER A 256 -37.08 27.75 1.57
CA SER A 256 -38.33 27.02 1.56
C SER A 256 -38.04 25.53 1.44
N SER A 257 -38.90 24.71 2.05
CA SER A 257 -38.75 23.27 1.95
C SER A 257 -39.18 22.73 0.58
N THR A 258 -39.91 23.51 -0.21
CA THR A 258 -40.30 23.12 -1.56
C THR A 258 -39.78 24.16 -2.54
N VAL A 259 -39.09 23.71 -3.57
CA VAL A 259 -38.49 24.60 -4.56
C VAL A 259 -39.23 24.45 -5.89
N TYR A 260 -39.66 25.58 -6.46
CA TYR A 260 -40.39 25.55 -7.72
C TYR A 260 -39.49 25.18 -8.88
N VAL A 261 -40.01 24.36 -9.78
CA VAL A 261 -39.54 24.28 -11.16
C VAL A 261 -40.79 24.27 -12.02
N PRO A 262 -40.72 24.70 -13.27
CA PRO A 262 -41.92 24.63 -14.14
C PRO A 262 -42.43 23.19 -14.20
N ARG A 263 -43.76 23.05 -14.19
CA ARG A 263 -44.40 21.77 -13.85
C ARG A 263 -43.84 20.60 -14.66
N ASP A 264 -43.63 20.79 -15.97
CA ASP A 264 -43.14 19.68 -16.79
C ASP A 264 -41.67 19.38 -16.55
N GLU A 265 -40.94 20.25 -15.85
CA GLU A 265 -39.56 19.93 -15.50
C GLU A 265 -39.45 19.01 -14.30
N ALA A 266 -40.53 18.80 -13.55
CA ALA A 266 -40.47 18.00 -12.34
C ALA A 266 -40.54 16.52 -12.70
N PHE A 267 -39.87 15.70 -11.87
CA PHE A 267 -39.82 14.24 -12.09
C PHE A 267 -41.19 13.60 -12.20
N PHE A 359 -8.12 3.27 -0.83
CA PHE A 359 -6.77 3.84 -0.80
C PHE A 359 -5.97 3.57 -2.07
N SER A 360 -6.65 3.44 -3.21
CA SER A 360 -5.95 3.08 -4.44
C SER A 360 -4.90 4.11 -4.83
N TRP A 361 -5.11 5.37 -4.44
CA TRP A 361 -4.16 6.43 -4.80
C TRP A 361 -2.87 6.37 -3.98
N PHE A 362 -2.82 5.57 -2.92
CA PHE A 362 -1.52 5.25 -2.32
C PHE A 362 -0.53 4.81 -3.39
N ARG A 363 -1.01 4.16 -4.45
CA ARG A 363 -0.17 3.70 -5.55
C ARG A 363 0.02 4.82 -6.56
N ASP A 364 1.26 5.26 -6.75
CA ASP A 364 1.56 6.35 -7.67
C ASP A 364 0.98 6.09 -9.05
N GLU A 365 0.97 4.84 -9.50
CA GLU A 365 0.52 4.53 -10.85
C GLU A 365 -0.98 4.76 -11.03
N GLU A 366 -1.77 4.50 -9.99
CA GLU A 366 -3.20 4.78 -10.10
CA GLU A 366 -3.21 4.78 -10.05
C GLU A 366 -3.51 6.26 -9.89
N PHE A 367 -2.75 6.94 -9.01
CA PHE A 367 -2.85 8.38 -8.86
C PHE A 367 -2.70 9.09 -10.20
N SER A 368 -1.72 8.66 -11.00
CA SER A 368 -1.50 9.36 -12.25
C SER A 368 -2.39 8.84 -13.38
N ARG A 369 -2.80 7.56 -13.33
CA ARG A 369 -3.68 7.05 -14.38
CA ARG A 369 -3.68 7.05 -14.38
C ARG A 369 -5.07 7.70 -14.29
N GLN A 370 -5.54 7.98 -13.08
CA GLN A 370 -6.84 8.61 -12.93
C GLN A 370 -6.91 10.02 -13.53
N THR A 371 -5.78 10.70 -13.76
CA THR A 371 -5.89 12.01 -14.43
C THR A 371 -6.37 11.87 -15.87
N LEU A 372 -6.27 10.65 -16.42
CA LEU A 372 -6.59 10.35 -17.80
C LEU A 372 -7.82 9.49 -17.96
N ALA A 373 -8.13 8.65 -16.95
CA ALA A 373 -9.20 7.67 -17.04
C ALA A 373 -10.11 7.65 -15.81
N GLY A 374 -9.92 8.59 -14.87
CA GLY A 374 -10.79 8.71 -13.71
C GLY A 374 -11.95 9.66 -13.94
N LEU A 375 -12.57 10.06 -12.84
CA LEU A 375 -13.78 10.88 -12.89
C LEU A 375 -13.52 12.35 -13.18
N ASN A 376 -12.27 12.83 -13.11
CA ASN A 376 -11.93 14.22 -13.45
C ASN A 376 -10.80 14.25 -14.47
N PRO A 377 -11.08 13.82 -15.70
CA PRO A 377 -10.07 13.89 -16.77
C PRO A 377 -9.89 15.28 -17.35
N TYR A 378 -10.47 16.31 -16.75
CA TYR A 378 -10.52 17.61 -17.39
C TYR A 378 -9.43 18.57 -16.93
N SER A 379 -8.60 18.21 -15.95
CA SER A 379 -7.67 19.18 -15.38
C SER A 379 -6.27 19.14 -15.98
N ILE A 380 -5.79 17.99 -16.46
CA ILE A 380 -4.40 17.90 -16.86
C ILE A 380 -4.12 18.77 -18.08
N GLN A 381 -2.97 19.46 -18.07
CA GLN A 381 -2.58 20.38 -19.13
C GLN A 381 -1.13 20.14 -19.53
N LEU A 382 -0.78 20.56 -20.74
CA LEU A 382 0.62 20.60 -21.15
C LEU A 382 1.38 21.69 -20.40
N VAL A 383 2.59 21.37 -19.93
CA VAL A 383 3.45 22.41 -19.38
C VAL A 383 4.01 23.23 -20.53
N LYS A 384 3.68 24.51 -20.56
CA LYS A 384 4.09 25.43 -21.63
C LYS A 384 5.28 26.29 -21.23
N GLU A 385 5.26 26.87 -20.03
CA GLU A 385 6.31 27.73 -19.52
C GLU A 385 7.22 26.97 -18.56
N TRP A 386 8.51 27.30 -18.60
CA TRP A 386 9.45 26.75 -17.64
C TRP A 386 10.54 27.77 -17.32
N PRO A 387 10.76 28.06 -16.02
CA PRO A 387 10.11 27.38 -14.90
C PRO A 387 8.67 27.86 -14.67
N LEU A 388 7.91 27.12 -13.87
CA LEU A 388 6.55 27.53 -13.53
C LEU A 388 6.55 28.83 -12.73
N LYS A 389 5.53 29.64 -12.95
CA LYS A 389 5.45 30.95 -12.30
C LYS A 389 3.99 31.35 -12.16
N SER A 390 3.63 31.84 -10.97
CA SER A 390 2.28 32.30 -10.72
C SER A 390 1.99 33.63 -11.45
N THR A 391 0.71 33.81 -11.83
CA THR A 391 0.24 35.09 -12.34
C THR A 391 -0.30 36.00 -11.24
N LEU A 392 -0.23 35.60 -9.98
CA LEU A 392 -0.81 36.42 -8.93
C LEU A 392 0.15 37.53 -8.52
N ASP A 393 -0.42 38.65 -8.09
CA ASP A 393 0.34 39.86 -7.75
C ASP A 393 1.28 39.60 -6.59
N PRO A 394 2.60 39.75 -6.77
CA PRO A 394 3.53 39.48 -5.67
C PRO A 394 3.46 40.48 -4.53
N LYS A 395 2.85 41.65 -4.74
CA LYS A 395 2.65 42.56 -3.60
C LYS A 395 1.75 41.93 -2.54
N ILE A 396 0.94 40.93 -2.92
CA ILE A 396 0.01 40.30 -2.00
C ILE A 396 0.34 38.82 -1.79
N TYR A 397 0.84 38.12 -2.81
CA TYR A 397 0.87 36.66 -2.76
C TYR A 397 2.29 36.09 -2.70
N GLY A 398 3.31 36.91 -2.54
CA GLY A 398 4.65 36.39 -2.36
C GLY A 398 5.34 36.15 -3.68
N PRO A 399 6.57 35.65 -3.64
CA PRO A 399 7.32 35.38 -4.86
C PRO A 399 6.57 34.43 -5.77
N PRO A 400 6.52 34.72 -7.07
CA PRO A 400 5.71 33.91 -7.99
C PRO A 400 6.39 32.68 -8.59
N GLU A 401 7.72 32.58 -8.46
CA GLU A 401 8.44 31.42 -9.00
C GLU A 401 8.05 30.14 -8.25
N SER A 402 7.76 29.08 -9.01
CA SER A 402 7.56 27.78 -8.40
C SER A 402 8.87 27.29 -7.78
N ALA A 403 8.76 26.47 -6.74
CA ALA A 403 9.93 25.79 -6.20
C ALA A 403 10.19 24.48 -6.89
N ILE A 404 9.39 24.09 -7.89
CA ILE A 404 9.73 22.93 -8.69
C ILE A 404 10.85 23.34 -9.64
N THR A 405 12.00 22.71 -9.53
CA THR A 405 13.14 23.13 -10.32
C THR A 405 13.50 22.08 -11.36
N THR A 406 14.27 22.52 -12.35
CA THR A 406 14.93 21.59 -13.27
C THR A 406 15.66 20.51 -12.51
N GLU A 407 16.35 20.89 -11.43
CA GLU A 407 17.14 19.93 -10.67
C GLU A 407 16.27 18.83 -10.08
N ILE A 408 15.16 19.19 -9.44
CA ILE A 408 14.27 18.19 -8.88
C ILE A 408 13.76 17.22 -9.96
N VAL A 409 13.33 17.74 -11.11
CA VAL A 409 12.79 16.86 -12.15
C VAL A 409 13.89 15.99 -12.77
N GLU A 410 15.06 16.57 -13.00
CA GLU A 410 16.16 15.85 -13.63
C GLU A 410 16.58 14.63 -12.81
N ARG A 411 16.52 14.73 -11.48
CA ARG A 411 16.84 13.57 -10.64
C ARG A 411 15.94 12.38 -10.96
N GLU A 412 14.73 12.63 -11.45
CA GLU A 412 13.78 11.55 -11.65
C GLU A 412 13.75 11.03 -13.07
N ILE A 413 14.07 11.85 -14.07
CA ILE A 413 13.79 11.52 -15.46
C ILE A 413 15.05 11.47 -16.33
N LYS A 414 16.22 11.83 -15.80
CA LYS A 414 17.42 11.93 -16.64
C LYS A 414 17.78 10.60 -17.29
N GLY A 415 17.41 9.47 -16.68
CA GLY A 415 17.60 8.20 -17.37
C GLY A 415 16.73 8.02 -18.60
N PHE A 416 15.78 8.91 -18.82
CA PHE A 416 14.99 8.93 -20.05
C PHE A 416 15.37 10.06 -20.98
N MET A 417 15.44 11.30 -20.47
CA MET A 417 15.76 12.47 -21.27
C MET A 417 16.02 13.66 -20.35
N THR A 418 16.64 14.69 -20.91
CA THR A 418 16.83 15.93 -20.16
C THR A 418 15.49 16.65 -19.98
N VAL A 419 15.44 17.49 -18.95
CA VAL A 419 14.28 18.36 -18.74
C VAL A 419 14.00 19.20 -19.99
N ASP A 420 15.06 19.72 -20.60
CA ASP A 420 14.89 20.58 -21.77
C ASP A 420 14.22 19.82 -22.90
N GLU A 421 14.61 18.57 -23.11
CA GLU A 421 14.00 17.78 -24.16
C GLU A 421 12.61 17.29 -23.79
N ALA A 422 12.34 17.08 -22.49
CA ALA A 422 10.98 16.71 -22.07
C ALA A 422 9.98 17.83 -22.37
N LEU A 423 10.39 19.08 -22.17
CA LEU A 423 9.54 20.20 -22.55
C LEU A 423 9.38 20.29 -24.06
N LYS A 424 10.49 20.25 -24.80
CA LYS A 424 10.41 20.37 -26.25
C LYS A 424 9.60 19.25 -26.87
N GLN A 425 9.57 18.07 -26.25
CA GLN A 425 8.86 16.92 -26.80
C GLN A 425 7.52 16.69 -26.13
N LYS A 426 7.01 17.67 -25.38
CA LYS A 426 5.68 17.62 -24.77
C LYS A 426 5.51 16.37 -23.90
N LYS A 427 6.47 16.17 -22.98
CA LYS A 427 6.45 15.04 -22.06
C LYS A 427 6.13 15.46 -20.63
N LEU A 428 5.98 16.77 -20.36
CA LEU A 428 5.70 17.28 -19.03
C LEU A 428 4.29 17.84 -18.95
N PHE A 429 3.52 17.38 -17.98
CA PHE A 429 2.12 17.71 -17.84
C PHE A 429 1.84 18.12 -16.40
N ILE A 430 0.77 18.88 -16.19
CA ILE A 430 0.54 19.45 -14.87
C ILE A 430 -0.95 19.55 -14.60
N ILE A 431 -1.31 19.39 -13.33
CA ILE A 431 -2.60 19.83 -12.82
C ILE A 431 -2.32 21.00 -11.88
N ASP A 432 -2.74 22.20 -12.26
CA ASP A 432 -2.25 23.42 -11.61
C ASP A 432 -3.45 24.19 -11.04
N TYR A 433 -3.69 24.01 -9.74
CA TYR A 433 -4.71 24.71 -8.98
C TYR A 433 -4.14 25.88 -8.18
N HIS A 434 -2.90 26.26 -8.45
CA HIS A 434 -2.23 27.22 -7.57
C HIS A 434 -2.95 28.57 -7.61
N ASP A 435 -3.17 29.12 -8.81
CA ASP A 435 -3.62 30.51 -8.89
C ASP A 435 -5.10 30.68 -8.55
N ILE A 436 -5.93 29.65 -8.80
CA ILE A 436 -7.33 29.80 -8.42
C ILE A 436 -7.52 29.60 -6.92
N LEU A 437 -6.74 28.72 -6.29
CA LEU A 437 -6.94 28.43 -4.87
C LEU A 437 -6.23 29.40 -3.94
N LEU A 438 -5.04 29.90 -4.33
CA LEU A 438 -4.28 30.75 -3.41
C LEU A 438 -5.04 31.95 -2.84
N PRO A 439 -5.89 32.67 -3.60
CA PRO A 439 -6.64 33.79 -2.98
C PRO A 439 -7.63 33.39 -1.89
N TYR A 440 -7.97 32.11 -1.75
CA TYR A 440 -8.90 31.66 -0.72
C TYR A 440 -8.21 31.10 0.52
N VAL A 441 -6.90 30.86 0.44
CA VAL A 441 -6.22 30.10 1.49
C VAL A 441 -6.37 30.77 2.85
N SER A 442 -6.18 32.10 2.91
CA SER A 442 -6.21 32.79 4.18
CA SER A 442 -6.21 32.79 4.20
C SER A 442 -7.58 32.66 4.85
N GLU A 443 -8.66 32.85 4.09
CA GLU A 443 -9.97 32.80 4.73
C GLU A 443 -10.42 31.36 5.00
N VAL A 444 -10.11 30.42 4.11
CA VAL A 444 -10.48 29.03 4.39
C VAL A 444 -9.77 28.52 5.66
N ARG A 445 -8.52 28.94 5.87
CA ARG A 445 -7.79 28.47 7.06
C ARG A 445 -8.39 28.99 8.37
N GLN A 446 -9.29 29.97 8.33
CA GLN A 446 -9.99 30.41 9.54
C GLN A 446 -11.12 29.48 9.93
N ILE A 447 -11.41 28.46 9.15
CA ILE A 447 -12.50 27.52 9.41
C ILE A 447 -11.96 26.34 10.22
N LYS A 448 -12.65 26.02 11.30
CA LYS A 448 -12.27 24.90 12.17
C LYS A 448 -12.50 23.58 11.43
N GLY A 449 -11.45 22.77 11.32
CA GLY A 449 -11.55 21.45 10.73
C GLY A 449 -11.13 21.33 9.28
N THR A 450 -10.48 22.35 8.72
CA THR A 450 -9.97 22.27 7.36
C THR A 450 -8.80 23.23 7.22
N THR A 451 -8.17 23.20 6.05
CA THR A 451 -7.04 24.07 5.73
C THR A 451 -7.00 24.22 4.22
N LEU A 452 -6.01 24.94 3.71
CA LEU A 452 -5.92 25.05 2.26
C LEU A 452 -4.51 25.43 1.85
N TYR A 453 -4.12 24.94 0.67
CA TYR A 453 -2.94 25.36 -0.06
C TYR A 453 -3.31 25.66 -1.51
N GLY A 454 -2.50 26.50 -2.16
CA GLY A 454 -2.42 26.47 -3.62
C GLY A 454 -1.47 25.36 -4.06
N SER A 455 -1.91 24.56 -5.06
CA SER A 455 -1.22 23.30 -5.34
C SER A 455 -0.96 23.09 -6.83
N ARG A 456 0.09 22.32 -7.11
CA ARG A 456 0.45 21.86 -8.44
C ARG A 456 0.90 20.42 -8.34
N ALA A 457 0.49 19.59 -9.31
CA ALA A 457 0.97 18.22 -9.43
C ALA A 457 1.59 18.06 -10.81
N LEU A 458 2.88 17.70 -10.86
CA LEU A 458 3.62 17.60 -12.10
C LEU A 458 3.82 16.14 -12.49
N PHE A 459 3.66 15.83 -13.80
CA PHE A 459 3.74 14.45 -14.32
C PHE A 459 4.68 14.37 -15.53
N PHE A 460 5.33 13.21 -15.68
CA PHE A 460 6.20 12.91 -16.81
C PHE A 460 5.57 11.78 -17.64
N LEU A 461 5.37 12.03 -18.95
CA LEU A 461 4.88 11.01 -19.88
C LEU A 461 6.08 10.22 -20.39
N GLY A 462 6.17 8.95 -20.00
CA GLY A 462 7.30 8.13 -20.36
C GLY A 462 7.11 7.45 -21.71
N PRO A 463 8.07 6.61 -22.12
CA PRO A 463 8.03 6.09 -23.50
C PRO A 463 6.94 5.05 -23.75
N ASP A 464 6.39 4.45 -22.70
CA ASP A 464 5.21 3.60 -22.86
C ASP A 464 3.90 4.40 -22.77
N ASN A 465 4.00 5.73 -22.84
CA ASN A 465 2.86 6.64 -22.81
C ASN A 465 2.02 6.48 -21.54
N THR A 466 2.67 6.13 -20.43
CA THR A 466 2.07 6.23 -19.12
C THR A 466 2.71 7.39 -18.38
N LEU A 467 1.97 7.96 -17.43
CA LEU A 467 2.42 9.11 -16.67
C LEU A 467 3.07 8.66 -15.37
N LYS A 468 4.24 9.25 -15.06
CA LYS A 468 4.92 9.06 -13.80
C LYS A 468 4.77 10.35 -13.01
N PRO A 469 4.24 10.31 -11.80
CA PRO A 469 4.14 11.55 -11.03
C PRO A 469 5.53 11.99 -10.57
N LEU A 470 5.80 13.29 -10.69
CA LEU A 470 7.12 13.85 -10.38
C LEU A 470 7.15 14.63 -9.07
N ALA A 471 6.14 15.44 -8.80
CA ALA A 471 6.26 16.38 -7.71
C ALA A 471 4.89 16.96 -7.42
N ILE A 472 4.68 17.31 -6.16
CA ILE A 472 3.54 18.11 -5.75
C ILE A 472 4.09 19.32 -4.99
N GLU A 473 3.64 20.50 -5.39
CA GLU A 473 4.02 21.76 -4.75
C GLU A 473 2.82 22.28 -3.97
N LEU A 474 3.03 22.65 -2.70
CA LEU A 474 2.00 23.23 -1.86
C LEU A 474 2.46 24.61 -1.38
N VAL A 475 1.60 25.61 -1.48
CA VAL A 475 1.98 27.01 -1.22
C VAL A 475 0.97 27.64 -0.28
N ARG A 476 1.47 28.33 0.73
CA ARG A 476 0.68 29.21 1.57
C ARG A 476 1.07 30.65 1.31
N PRO A 477 0.12 31.53 1.02
CA PRO A 477 0.46 32.94 0.80
C PRO A 477 0.94 33.58 2.08
N PRO A 478 1.63 34.74 1.98
CA PRO A 478 1.89 35.53 3.20
C PRO A 478 0.60 35.84 3.93
N MET A 479 0.55 35.50 5.21
CA MET A 479 -0.57 35.80 6.09
C MET A 479 -0.04 35.85 7.51
N ASP A 480 -0.70 36.65 8.35
CA ASP A 480 -0.31 36.80 9.77
C ASP A 480 1.12 37.31 9.90
N GLY A 481 1.54 38.18 8.98
CA GLY A 481 2.87 38.77 9.06
C GLY A 481 3.99 37.80 8.77
N LYS A 482 3.64 36.53 8.41
CA LYS A 482 4.55 35.45 8.08
C LYS A 482 4.81 35.40 6.57
N PRO A 483 5.97 34.88 6.17
CA PRO A 483 6.30 34.84 4.74
C PRO A 483 5.50 33.77 4.01
N GLN A 484 5.56 33.84 2.69
CA GLN A 484 5.04 32.76 1.87
C GLN A 484 5.73 31.46 2.22
N TRP A 485 4.95 30.40 2.40
CA TRP A 485 5.45 29.06 2.69
C TRP A 485 5.25 28.20 1.44
N LYS A 486 6.32 27.55 0.99
CA LYS A 486 6.32 26.90 -0.31
C LYS A 486 7.28 25.72 -0.26
N GLN A 487 6.76 24.51 -0.46
CA GLN A 487 7.56 23.29 -0.39
C GLN A 487 7.15 22.35 -1.51
N VAL A 488 8.12 21.55 -1.98
CA VAL A 488 7.89 20.56 -3.03
C VAL A 488 8.05 19.17 -2.43
N PHE A 489 7.16 18.25 -2.83
CA PHE A 489 7.19 16.87 -2.37
C PHE A 489 7.27 15.95 -3.58
N THR A 490 8.06 14.89 -3.46
CA THR A 490 8.25 13.95 -4.56
C THR A 490 8.18 12.54 -4.02
N PRO A 491 7.95 11.54 -4.89
CA PRO A 491 8.16 10.14 -4.45
C PRO A 491 9.59 10.01 -3.89
N SER A 492 9.75 9.22 -2.84
CA SER A 492 10.99 9.28 -2.08
C SER A 492 11.54 7.89 -1.77
N TRP A 493 12.85 7.83 -1.55
CA TRP A 493 13.52 6.57 -1.24
C TRP A 493 13.76 6.38 0.26
N GLU A 494 13.19 7.23 1.11
CA GLU A 494 13.34 7.11 2.57
C GLU A 494 11.99 7.40 3.23
N ALA A 495 11.84 6.93 4.49
CA ALA A 495 10.50 6.85 5.09
C ALA A 495 9.84 8.22 5.24
N THR A 496 10.56 9.21 5.79
CA THR A 496 9.95 10.51 6.07
C THR A 496 9.49 11.21 4.81
N GLY A 497 10.35 11.20 3.77
CA GLY A 497 9.98 11.82 2.51
C GLY A 497 8.85 11.09 1.82
N SER A 498 8.76 9.78 2.05
CA SER A 498 7.67 9.00 1.47
C SER A 498 6.34 9.32 2.16
N TRP A 499 6.35 9.40 3.49
CA TRP A 499 5.14 9.78 4.20
C TRP A 499 4.71 11.21 3.86
N LEU A 500 5.67 12.13 3.74
CA LEU A 500 5.30 13.49 3.35
C LEU A 500 4.69 13.51 1.95
N TRP A 501 5.18 12.63 1.06
CA TRP A 501 4.59 12.52 -0.29
C TRP A 501 3.14 12.04 -0.22
N LYS A 502 2.85 11.07 0.66
CA LYS A 502 1.48 10.57 0.80
C LYS A 502 0.54 11.65 1.37
N LEU A 503 1.02 12.40 2.36
CA LEU A 503 0.23 13.49 2.91
C LEU A 503 0.01 14.59 1.89
N ALA A 504 1.02 14.91 1.07
CA ALA A 504 0.83 15.91 0.01
C ALA A 504 -0.16 15.42 -1.05
N LYS A 505 -0.05 14.15 -1.48
CA LYS A 505 -1.08 13.56 -2.33
C LYS A 505 -2.46 13.70 -1.71
N THR A 506 -2.56 13.55 -0.39
CA THR A 506 -3.86 13.67 0.27
C THR A 506 -4.44 15.07 0.08
N HIS A 507 -3.60 16.11 0.23
CA HIS A 507 -4.09 17.47 0.06
C HIS A 507 -4.44 17.75 -1.38
N PHE A 508 -3.58 17.34 -2.32
CA PHE A 508 -3.87 17.63 -3.71
C PHE A 508 -5.11 16.88 -4.16
N LEU A 509 -5.29 15.66 -3.67
CA LEU A 509 -6.48 14.91 -4.06
C LEU A 509 -7.73 15.56 -3.51
N ALA A 510 -7.68 16.09 -2.28
CA ALA A 510 -8.83 16.84 -1.77
C ALA A 510 -9.10 18.05 -2.66
N HIS A 511 -8.04 18.73 -3.13
CA HIS A 511 -8.23 19.86 -4.03
C HIS A 511 -8.83 19.42 -5.35
N ASP A 512 -8.30 18.32 -5.91
CA ASP A 512 -8.83 17.80 -7.16
C ASP A 512 -10.27 17.38 -7.00
N ALA A 513 -10.61 16.82 -5.83
CA ALA A 513 -11.99 16.38 -5.59
C ALA A 513 -12.94 17.55 -5.52
N GLY A 514 -12.55 18.60 -4.80
CA GLY A 514 -13.37 19.81 -4.76
C GLY A 514 -13.52 20.44 -6.13
N TYR A 515 -12.44 20.49 -6.90
CA TYR A 515 -12.51 21.11 -8.22
C TYR A 515 -13.37 20.29 -9.16
N HIS A 516 -13.21 18.97 -9.15
CA HIS A 516 -14.07 18.11 -9.94
C HIS A 516 -15.53 18.33 -9.59
N GLN A 517 -15.85 18.27 -8.29
CA GLN A 517 -17.24 18.38 -7.88
C GLN A 517 -17.82 19.77 -8.21
N LEU A 518 -17.09 20.84 -7.87
CA LEU A 518 -17.61 22.20 -8.01
C LEU A 518 -17.49 22.75 -9.42
N VAL A 519 -16.46 22.39 -10.16
CA VAL A 519 -16.16 23.01 -11.45
C VAL A 519 -16.41 22.04 -12.61
N SER A 520 -15.69 20.91 -12.63
CA SER A 520 -15.86 19.96 -13.74
C SER A 520 -17.28 19.43 -13.79
N HIS A 521 -17.91 19.27 -12.63
CA HIS A 521 -19.22 18.66 -12.56
C HIS A 521 -20.30 19.72 -12.39
N TRP A 522 -20.41 20.31 -11.19
CA TRP A 522 -21.50 21.24 -10.93
C TRP A 522 -21.52 22.40 -11.92
N LEU A 523 -20.40 23.13 -12.04
CA LEU A 523 -20.41 24.34 -12.86
C LEU A 523 -20.63 24.03 -14.33
N ARG A 524 -19.74 23.22 -14.92
CA ARG A 524 -19.66 23.05 -16.36
C ARG A 524 -20.76 22.16 -16.95
N THR A 525 -21.48 21.40 -16.15
CA THR A 525 -22.62 20.68 -16.73
C THR A 525 -23.90 21.32 -16.20
N HIS A 526 -24.29 21.02 -14.96
CA HIS A 526 -25.53 21.52 -14.36
C HIS A 526 -25.72 23.03 -14.48
N CYS A 527 -24.76 23.78 -13.97
CA CYS A 527 -25.00 25.19 -13.69
C CYS A 527 -25.06 26.02 -14.98
N VAL A 528 -24.12 25.82 -15.90
CA VAL A 528 -24.17 26.60 -17.15
C VAL A 528 -25.29 26.11 -18.08
N THR A 529 -25.83 24.92 -17.89
CA THR A 529 -26.83 24.40 -18.81
C THR A 529 -28.22 24.95 -18.51
N GLU A 530 -28.58 25.11 -17.24
CA GLU A 530 -29.92 25.59 -16.89
C GLU A 530 -30.32 26.84 -17.68
N PRO A 531 -29.48 27.87 -17.81
CA PRO A 531 -29.87 28.99 -18.67
C PRO A 531 -30.20 28.59 -20.11
N TYR A 532 -29.55 27.57 -20.69
CA TYR A 532 -29.98 27.13 -22.03
C TYR A 532 -31.40 26.60 -22.00
N ILE A 533 -31.76 25.88 -20.93
CA ILE A 533 -33.10 25.31 -20.82
C ILE A 533 -34.15 26.42 -20.71
N ILE A 534 -33.84 27.46 -19.92
CA ILE A 534 -34.79 28.56 -19.74
C ILE A 534 -35.00 29.28 -21.07
N ALA A 535 -33.90 29.61 -21.76
CA ALA A 535 -34.03 30.33 -23.03
C ALA A 535 -34.73 29.49 -24.10
N THR A 536 -34.53 28.17 -24.05
CA THR A 536 -35.16 27.29 -25.04
C THR A 536 -36.67 27.34 -24.90
N ASN A 537 -37.17 27.30 -23.67
CA ASN A 537 -38.61 27.35 -23.47
C ASN A 537 -39.20 28.74 -23.67
N ARG A 538 -38.46 29.80 -23.30
CA ARG A 538 -38.96 31.17 -23.46
C ARG A 538 -39.00 31.60 -24.91
N GLN A 539 -38.09 31.10 -25.76
CA GLN A 539 -37.87 31.69 -27.06
C GLN A 539 -37.98 30.74 -28.25
N LEU A 540 -37.86 29.43 -28.06
CA LEU A 540 -38.07 28.46 -29.15
C LEU A 540 -39.41 27.78 -28.97
N SER A 541 -40.28 27.91 -29.98
CA SER A 541 -41.57 27.23 -29.96
C SER A 541 -41.39 25.72 -29.81
N ALA A 542 -42.32 25.08 -29.12
CA ALA A 542 -42.33 23.62 -29.06
C ALA A 542 -42.33 23.01 -30.46
N MET A 543 -42.88 23.72 -31.44
CA MET A 543 -42.90 23.40 -32.87
C MET A 543 -41.56 23.60 -33.57
N HIS A 544 -40.61 24.29 -32.94
CA HIS A 544 -39.36 24.63 -33.61
C HIS A 544 -38.45 23.42 -33.70
N PRO A 545 -37.80 23.18 -34.85
CA PRO A 545 -36.96 21.97 -34.97
C PRO A 545 -35.81 21.90 -33.97
N ILE A 546 -35.25 23.04 -33.59
CA ILE A 546 -34.11 23.06 -32.66
C ILE A 546 -34.58 22.85 -31.22
N TYR A 547 -35.77 23.34 -30.87
CA TYR A 547 -36.38 22.93 -29.60
C TYR A 547 -36.50 21.42 -29.55
N ARG A 548 -37.00 20.81 -30.62
CA ARG A 548 -37.18 19.38 -30.60
C ARG A 548 -35.87 18.61 -30.69
N LEU A 549 -34.80 19.21 -31.22
CA LEU A 549 -33.50 18.55 -31.13
C LEU A 549 -32.98 18.56 -29.69
N LEU A 550 -33.11 19.70 -29.01
CA LEU A 550 -32.47 19.89 -27.70
C LEU A 550 -33.25 19.23 -26.58
N HIS A 551 -34.58 19.29 -26.65
CA HIS A 551 -35.47 18.89 -25.53
C HIS A 551 -35.05 17.65 -24.74
N PRO A 552 -34.81 16.48 -25.35
CA PRO A 552 -34.43 15.32 -24.51
C PRO A 552 -33.14 15.53 -23.72
N HIS A 553 -32.19 16.28 -24.26
CA HIS A 553 -30.91 16.51 -23.59
C HIS A 553 -31.02 17.46 -22.42
N PHE A 554 -32.20 18.03 -22.19
CA PHE A 554 -32.42 18.97 -21.10
C PHE A 554 -33.28 18.38 -20.00
N ARG A 555 -33.68 17.10 -20.12
CA ARG A 555 -34.57 16.48 -19.14
C ARG A 555 -33.91 16.37 -17.76
N TYR A 556 -34.72 16.58 -16.72
CA TYR A 556 -34.38 16.41 -15.30
C TYR A 556 -33.38 17.42 -14.74
N THR A 557 -32.72 18.21 -15.60
CA THR A 557 -31.64 19.07 -15.12
C THR A 557 -32.15 20.18 -14.19
N MET A 558 -33.25 20.83 -14.55
CA MET A 558 -33.74 21.93 -13.71
C MET A 558 -34.14 21.45 -12.33
N GLU A 559 -34.81 20.30 -12.27
CA GLU A 559 -35.22 19.72 -11.00
C GLU A 559 -34.01 19.34 -10.15
N ILE A 560 -33.04 18.64 -10.76
CA ILE A 560 -31.84 18.27 -10.01
C ILE A 560 -31.15 19.52 -9.47
N ASN A 561 -30.96 20.52 -10.34
CA ASN A 561 -30.35 21.77 -9.89
C ASN A 561 -31.13 22.38 -8.74
N ALA A 562 -32.47 22.31 -8.80
CA ALA A 562 -33.26 22.78 -7.67
C ALA A 562 -32.89 22.02 -6.40
N LEU A 563 -32.85 20.69 -6.48
CA LEU A 563 -32.43 19.88 -5.34
C LEU A 563 -31.03 20.29 -4.87
N ALA A 564 -30.13 20.63 -5.79
CA ALA A 564 -28.79 21.05 -5.39
C ALA A 564 -28.82 22.36 -4.60
N ARG A 565 -29.61 23.34 -5.06
CA ARG A 565 -29.72 24.60 -4.32
C ARG A 565 -30.32 24.38 -2.95
N GLU A 566 -31.15 23.35 -2.80
CA GLU A 566 -31.82 23.09 -1.54
C GLU A 566 -30.90 22.39 -0.54
N ALA A 567 -30.06 21.46 -0.99
CA ALA A 567 -29.42 20.57 -0.05
C ALA A 567 -27.97 20.25 -0.34
N LEU A 568 -27.40 20.69 -1.46
CA LEU A 568 -26.04 20.30 -1.82
C LEU A 568 -25.05 21.45 -1.77
N ILE A 569 -25.37 22.59 -2.40
CA ILE A 569 -24.50 23.77 -2.43
C ILE A 569 -25.02 24.88 -1.53
N ASN A 570 -25.99 24.59 -0.66
CA ASN A 570 -26.52 25.61 0.24
C ASN A 570 -25.62 25.76 1.47
N ALA A 571 -25.89 26.81 2.24
CA ALA A 571 -25.16 27.05 3.48
C ALA A 571 -25.33 25.87 4.44
N ASP A 572 -24.21 25.33 4.92
CA ASP A 572 -24.18 24.15 5.78
C ASP A 572 -24.73 22.91 5.06
N GLY A 573 -24.69 22.90 3.74
CA GLY A 573 -25.14 21.75 2.98
C GLY A 573 -24.06 20.69 2.90
N ILE A 574 -24.32 19.70 2.06
CA ILE A 574 -23.45 18.54 1.99
C ILE A 574 -22.04 18.96 1.59
N ILE A 575 -21.92 19.80 0.57
CA ILE A 575 -20.60 20.15 0.07
C ILE A 575 -19.84 21.00 1.08
N GLU A 576 -20.49 22.04 1.61
CA GLU A 576 -19.81 22.90 2.59
C GLU A 576 -19.35 22.10 3.80
N SER A 577 -20.08 21.05 4.16
CA SER A 577 -19.78 20.29 5.34
C SER A 577 -18.74 19.20 5.13
N ALA A 578 -18.45 18.81 3.88
CA ALA A 578 -17.50 17.71 3.68
C ALA A 578 -16.36 18.04 2.73
N PHE A 579 -16.25 19.27 2.26
CA PHE A 579 -15.20 19.60 1.31
C PHE A 579 -14.29 20.67 1.89
N THR A 580 -13.02 20.60 1.47
CA THR A 580 -11.97 21.51 1.93
C THR A 580 -12.38 22.98 2.03
N PRO A 581 -12.99 23.61 1.02
CA PRO A 581 -13.24 25.07 1.11
C PRO A 581 -14.35 25.45 2.06
N GLY A 582 -15.11 24.48 2.58
CA GLY A 582 -16.19 24.81 3.51
C GLY A 582 -17.15 25.80 2.87
N LYS A 583 -17.45 26.88 3.59
CA LYS A 583 -18.41 27.88 3.15
C LYS A 583 -17.92 28.71 1.96
N TYR A 584 -16.69 28.53 1.52
CA TYR A 584 -16.18 29.20 0.34
C TYR A 584 -16.28 28.33 -0.90
N SER A 585 -16.98 27.20 -0.82
CA SER A 585 -16.97 26.25 -1.93
C SER A 585 -17.65 26.82 -3.17
N THR A 586 -18.87 27.33 -3.02
CA THR A 586 -19.58 27.86 -4.18
C THR A 586 -18.86 29.08 -4.75
N GLU A 587 -18.19 29.86 -3.89
CA GLU A 587 -17.47 31.02 -4.38
C GLU A 587 -16.35 30.63 -5.31
N ILE A 588 -15.68 29.52 -5.00
CA ILE A 588 -14.59 29.07 -5.86
C ILE A 588 -15.12 28.65 -7.22
N SER A 589 -16.33 28.08 -7.28
CA SER A 589 -16.92 27.81 -8.58
C SER A 589 -17.27 29.11 -9.31
N SER A 590 -17.69 30.15 -8.59
CA SER A 590 -17.87 31.45 -9.23
C SER A 590 -16.56 32.00 -9.77
N ALA A 591 -15.45 31.80 -9.03
CA ALA A 591 -14.16 32.26 -9.51
C ALA A 591 -13.76 31.52 -10.78
N ALA A 592 -13.96 30.20 -10.80
CA ALA A 592 -13.67 29.41 -11.98
C ALA A 592 -14.51 29.86 -13.17
N TYR A 593 -15.79 30.11 -12.94
CA TYR A 593 -16.65 30.64 -14.01
C TYR A 593 -16.14 31.99 -14.49
N GLY A 594 -15.90 32.92 -13.56
CA GLY A 594 -15.46 34.24 -13.94
C GLY A 594 -14.11 34.25 -14.64
N LEU A 595 -13.18 33.42 -14.17
CA LEU A 595 -11.80 33.43 -14.67
C LEU A 595 -11.55 32.51 -15.85
N GLN A 596 -12.25 31.37 -15.95
CA GLN A 596 -11.91 30.40 -16.96
C GLN A 596 -13.03 30.04 -17.94
N TRP A 597 -14.31 30.06 -17.54
CA TRP A 597 -15.35 29.49 -18.41
C TRP A 597 -15.58 30.35 -19.64
N ARG A 598 -15.59 29.71 -20.81
CA ARG A 598 -15.92 30.34 -22.07
C ARG A 598 -16.57 29.28 -22.95
N PHE A 599 -17.66 29.68 -23.63
CA PHE A 599 -18.50 28.71 -24.34
C PHE A 599 -17.69 27.98 -25.40
N ASP A 600 -16.77 28.67 -26.06
CA ASP A 600 -16.05 28.14 -27.21
C ASP A 600 -15.00 27.11 -26.86
N THR A 601 -14.68 26.89 -25.59
CA THR A 601 -13.80 25.79 -25.20
C THR A 601 -14.55 24.69 -24.46
N GLN A 602 -15.88 24.72 -24.46
CA GLN A 602 -16.61 23.62 -23.83
C GLN A 602 -16.80 22.43 -24.76
N GLY A 603 -16.61 22.60 -26.06
CA GLY A 603 -16.57 21.46 -26.96
C GLY A 603 -15.26 20.71 -26.81
N LEU A 604 -15.31 19.39 -27.05
CA LEU A 604 -14.15 18.55 -26.71
C LEU A 604 -12.89 18.90 -27.50
N PRO A 605 -12.91 18.97 -28.84
CA PRO A 605 -11.70 19.41 -29.56
C PRO A 605 -11.14 20.72 -29.03
N ALA A 606 -11.97 21.74 -28.84
CA ALA A 606 -11.48 23.02 -28.35
C ALA A 606 -10.90 22.90 -26.94
N ASP A 607 -11.52 22.07 -26.09
CA ASP A 607 -11.00 21.88 -24.73
C ASP A 607 -9.63 21.24 -24.75
N LEU A 608 -9.42 20.22 -25.60
CA LEU A 608 -8.12 19.57 -25.69
C LEU A 608 -7.07 20.48 -26.30
N ILE A 609 -7.46 21.33 -27.23
CA ILE A 609 -6.48 22.24 -27.81
C ILE A 609 -6.10 23.30 -26.78
N SER A 610 -7.10 23.81 -26.05
CA SER A 610 -6.87 24.79 -25.00
C SER A 610 -5.91 24.29 -23.94
N ARG A 611 -5.99 23.00 -23.57
CA ARG A 611 -5.14 22.47 -22.51
C ARG A 611 -3.78 22.02 -23.01
N GLY A 612 -3.48 22.20 -24.29
CA GLY A 612 -2.24 21.72 -24.87
C GLY A 612 -2.18 20.22 -25.12
N ILE A 613 -3.30 19.51 -25.00
CA ILE A 613 -3.28 18.07 -25.21
C ILE A 613 -3.27 17.74 -26.69
N ALA A 614 -3.98 18.54 -27.51
CA ALA A 614 -4.13 18.29 -28.93
C ALA A 614 -3.65 19.49 -29.72
N VAL A 615 -3.18 19.23 -30.95
CA VAL A 615 -3.00 20.27 -31.95
C VAL A 615 -3.73 19.82 -33.21
N GLU A 616 -4.22 20.79 -33.98
CA GLU A 616 -4.94 20.47 -35.20
C GLU A 616 -3.97 19.88 -36.21
N ASP A 617 -4.34 18.76 -36.81
CA ASP A 617 -3.42 18.04 -37.67
C ASP A 617 -4.24 17.23 -38.67
N PRO A 618 -4.28 17.66 -39.94
CA PRO A 618 -5.24 17.07 -40.89
C PRO A 618 -5.11 15.57 -41.05
N SER A 619 -3.90 15.03 -40.99
CA SER A 619 -3.68 13.61 -41.23
C SER A 619 -3.88 12.74 -40.00
N SER A 620 -4.12 13.32 -38.81
CA SER A 620 -4.36 12.49 -37.64
C SER A 620 -5.83 12.17 -37.48
N PRO A 621 -6.16 11.10 -36.74
CA PRO A 621 -7.56 10.79 -36.47
C PRO A 621 -8.27 11.96 -35.78
N HIS A 622 -9.50 12.21 -36.21
CA HIS A 622 -10.31 13.35 -35.80
C HIS A 622 -9.65 14.67 -36.15
N GLY A 623 -8.57 14.63 -36.93
CA GLY A 623 -7.86 15.84 -37.26
C GLY A 623 -7.10 16.46 -36.09
N LEU A 624 -6.87 15.68 -35.03
CA LEU A 624 -6.14 16.16 -33.87
C LEU A 624 -5.00 15.19 -33.58
N LYS A 625 -3.79 15.74 -33.46
CA LYS A 625 -2.66 14.97 -32.96
C LYS A 625 -2.57 15.19 -31.45
N LEU A 626 -2.66 14.09 -30.69
CA LEU A 626 -2.69 14.15 -29.24
C LEU A 626 -1.28 13.98 -28.65
N ALA A 627 -0.92 14.85 -27.71
CA ALA A 627 0.40 14.68 -27.08
C ALA A 627 0.40 13.58 -26.03
N ILE A 628 -0.78 13.17 -25.56
CA ILE A 628 -0.96 12.00 -24.72
C ILE A 628 -1.78 11.04 -25.56
N PRO A 629 -1.16 10.08 -26.25
CA PRO A 629 -1.92 9.31 -27.26
C PRO A 629 -2.87 8.30 -26.63
N ASP A 630 -2.54 7.74 -25.47
CA ASP A 630 -3.43 6.83 -24.75
C ASP A 630 -4.07 7.62 -23.62
N TYR A 631 -5.22 8.22 -23.91
CA TYR A 631 -5.91 9.11 -22.98
C TYR A 631 -7.38 8.71 -23.04
N PRO A 632 -7.78 7.71 -22.24
CA PRO A 632 -9.08 7.06 -22.49
C PRO A 632 -10.26 8.03 -22.63
N PHE A 633 -10.38 9.03 -21.75
CA PHE A 633 -11.47 10.01 -21.87
C PHE A 633 -11.42 10.73 -23.21
N ALA A 634 -10.24 11.18 -23.63
CA ALA A 634 -10.13 11.92 -24.89
C ALA A 634 -10.30 11.01 -26.10
N ASN A 635 -9.73 9.80 -26.06
CA ASN A 635 -9.87 8.90 -27.20
C ASN A 635 -11.34 8.51 -27.39
N ASP A 636 -12.01 8.11 -26.30
CA ASP A 636 -13.40 7.71 -26.42
C ASP A 636 -14.29 8.92 -26.68
N GLY A 637 -13.97 10.05 -26.03
CA GLY A 637 -14.80 11.24 -26.17
C GLY A 637 -14.84 11.77 -27.58
N LEU A 638 -13.72 11.68 -28.30
CA LEU A 638 -13.68 12.18 -29.68
C LEU A 638 -14.53 11.33 -30.59
N LEU A 639 -14.67 10.03 -30.30
CA LEU A 639 -15.61 9.21 -31.06
C LEU A 639 -17.04 9.70 -30.86
N LEU A 640 -17.44 9.88 -29.59
CA LEU A 640 -18.77 10.41 -29.28
C LEU A 640 -18.99 11.78 -29.93
N TRP A 641 -17.99 12.67 -29.82
CA TRP A 641 -18.09 14.01 -30.37
C TRP A 641 -18.43 13.98 -31.86
N ASP A 642 -17.64 13.24 -32.65
CA ASP A 642 -17.88 13.16 -34.09
C ASP A 642 -19.26 12.58 -34.40
N ALA A 643 -19.68 11.55 -33.66
CA ALA A 643 -21.00 10.96 -33.92
C ALA A 643 -22.11 11.95 -33.65
N ILE A 644 -22.03 12.67 -32.51
CA ILE A 644 -23.02 13.70 -32.21
C ILE A 644 -22.98 14.79 -33.27
N LYS A 645 -21.76 15.18 -33.69
CA LYS A 645 -21.65 16.31 -34.61
C LYS A 645 -22.23 15.99 -36.00
N GLU A 646 -22.09 14.76 -36.48
CA GLU A 646 -22.68 14.44 -37.76
C GLU A 646 -24.20 14.26 -37.67
N TRP A 647 -24.71 13.79 -36.53
CA TRP A 647 -26.16 13.80 -36.32
C TRP A 647 -26.70 15.23 -36.27
N VAL A 648 -26.05 16.12 -35.51
CA VAL A 648 -26.47 17.52 -35.48
C VAL A 648 -26.35 18.15 -36.86
N THR A 649 -25.28 17.82 -37.60
CA THR A 649 -25.12 18.35 -38.95
C THR A 649 -26.24 17.90 -39.87
N ASP A 650 -26.51 16.59 -39.88
CA ASP A 650 -27.64 16.10 -40.66
C ASP A 650 -28.94 16.81 -40.29
N TYR A 651 -29.15 17.00 -39.00
CA TYR A 651 -30.42 17.54 -38.53
C TYR A 651 -30.57 19.02 -38.93
N VAL A 652 -29.53 19.82 -38.65
CA VAL A 652 -29.55 21.24 -39.01
C VAL A 652 -29.71 21.41 -40.52
N ASN A 653 -28.99 20.62 -41.31
CA ASN A 653 -29.02 20.80 -42.75
C ASN A 653 -30.39 20.48 -43.32
N PHE A 654 -31.17 19.63 -42.64
CA PHE A 654 -32.54 19.38 -43.08
C PHE A 654 -33.41 20.63 -42.99
N PHE A 655 -33.17 21.49 -42.00
CA PHE A 655 -34.07 22.62 -41.76
C PHE A 655 -33.51 23.97 -42.19
N TYR A 656 -32.18 24.14 -42.19
CA TYR A 656 -31.54 25.41 -42.53
C TYR A 656 -30.72 25.19 -43.80
N LYS A 657 -31.24 25.62 -44.95
CA LYS A 657 -30.56 25.32 -46.21
C LYS A 657 -29.47 26.32 -46.55
N ASP A 658 -29.40 27.46 -45.86
CA ASP A 658 -28.37 28.45 -46.13
C ASP A 658 -28.32 29.42 -44.97
N ALA A 659 -27.38 30.37 -45.04
CA ALA A 659 -27.23 31.36 -43.98
C ALA A 659 -28.48 32.23 -43.83
N SER A 660 -29.14 32.57 -44.94
CA SER A 660 -30.29 33.47 -44.84
C SER A 660 -31.38 32.90 -43.97
N MET A 661 -31.52 31.58 -43.94
CA MET A 661 -32.54 30.97 -43.10
C MET A 661 -32.14 30.97 -41.63
N VAL A 662 -30.86 31.08 -41.33
CA VAL A 662 -30.46 31.18 -39.92
C VAL A 662 -30.65 32.60 -39.42
N LYS A 663 -30.22 33.60 -40.20
CA LYS A 663 -30.31 34.99 -39.78
C LYS A 663 -31.75 35.47 -39.67
N SER A 664 -32.64 34.99 -40.54
CA SER A 664 -34.02 35.43 -40.52
C SER A 664 -34.90 34.64 -39.54
N ASP A 665 -34.32 33.68 -38.81
CA ASP A 665 -35.08 32.94 -37.80
C ASP A 665 -35.13 33.77 -36.51
N ALA A 666 -36.21 34.53 -36.34
CA ALA A 666 -36.31 35.43 -35.19
C ALA A 666 -36.35 34.67 -33.86
N GLU A 667 -36.92 33.46 -33.83
CA GLU A 667 -36.95 32.69 -32.58
C GLU A 667 -35.54 32.24 -32.20
N LEU A 668 -34.79 31.73 -33.18
CA LEU A 668 -33.43 31.25 -32.93
C LEU A 668 -32.50 32.40 -32.53
N GLN A 669 -32.66 33.56 -33.17
CA GLN A 669 -31.82 34.71 -32.80
C GLN A 669 -32.17 35.19 -31.39
N ALA A 670 -33.46 35.30 -31.09
CA ALA A 670 -33.85 35.70 -29.74
C ALA A 670 -33.32 34.71 -28.70
N TRP A 671 -33.40 33.41 -29.02
CA TRP A 671 -32.88 32.36 -28.14
C TRP A 671 -31.40 32.58 -27.78
N TRP A 672 -30.56 32.79 -28.80
CA TRP A 672 -29.14 32.94 -28.57
C TRP A 672 -28.83 34.28 -27.88
N THR A 673 -29.56 35.32 -28.25
CA THR A 673 -29.38 36.60 -27.56
C THR A 673 -29.75 36.49 -26.08
N GLU A 674 -30.81 35.74 -25.77
CA GLU A 674 -31.18 35.60 -24.37
C GLU A 674 -30.15 34.76 -23.60
N ILE A 675 -29.56 33.76 -24.24
CA ILE A 675 -28.53 32.96 -23.57
C ILE A 675 -27.34 33.83 -23.18
N ARG A 676 -26.84 34.66 -24.10
CA ARG A 676 -25.65 35.44 -23.82
C ARG A 676 -25.94 36.65 -22.94
N THR A 677 -27.07 37.34 -23.14
CA THR A 677 -27.35 38.57 -22.40
C THR A 677 -28.18 38.37 -21.13
N ARG A 678 -28.78 37.20 -20.92
CA ARG A 678 -29.58 36.97 -19.71
C ARG A 678 -29.08 35.74 -18.96
N GLY A 679 -29.12 34.56 -19.58
CA GLY A 679 -28.68 33.36 -18.90
C GLY A 679 -27.25 33.43 -18.43
N HIS A 680 -26.37 33.98 -19.27
CA HIS A 680 -24.95 34.18 -18.96
C HIS A 680 -24.60 35.66 -18.96
N GLU A 681 -25.48 36.47 -18.39
CA GLU A 681 -25.36 37.94 -18.45
C GLU A 681 -23.98 38.44 -18.00
N ASP A 682 -23.37 37.78 -17.01
CA ASP A 682 -22.09 38.28 -16.52
C ASP A 682 -20.95 38.06 -17.50
N LYS A 683 -21.18 37.33 -18.59
CA LYS A 683 -20.19 37.18 -19.64
C LYS A 683 -20.68 37.80 -20.95
N LYS A 684 -21.68 38.67 -20.89
CA LYS A 684 -22.38 39.08 -22.11
C LYS A 684 -21.45 39.80 -23.08
N ASP A 685 -20.39 40.42 -22.57
CA ASP A 685 -19.51 41.24 -23.39
C ASP A 685 -18.29 40.50 -23.93
N GLU A 686 -18.11 39.22 -23.61
CA GLU A 686 -16.91 38.54 -24.07
C GLU A 686 -16.95 38.33 -25.58
N THR A 687 -15.78 38.41 -26.23
CA THR A 687 -15.75 38.26 -27.68
C THR A 687 -15.68 36.81 -28.13
N TRP A 688 -15.65 35.85 -27.21
CA TRP A 688 -15.54 34.45 -27.62
C TRP A 688 -16.91 33.79 -27.87
N TRP A 689 -18.01 34.52 -27.71
CA TRP A 689 -19.34 33.94 -27.99
C TRP A 689 -19.44 33.61 -29.48
N PRO A 690 -19.89 32.40 -29.84
CA PRO A 690 -20.10 32.10 -31.25
C PRO A 690 -21.09 33.06 -31.88
N ASP A 691 -20.79 33.49 -33.09
CA ASP A 691 -21.82 34.08 -33.94
C ASP A 691 -22.85 33.05 -34.34
N LEU A 692 -24.02 33.52 -34.72
CA LEU A 692 -25.10 32.62 -35.15
C LEU A 692 -25.68 33.20 -36.44
N LYS A 693 -24.95 32.98 -37.53
CA LYS A 693 -25.27 33.50 -38.84
C LYS A 693 -25.41 32.43 -39.92
N THR A 694 -24.86 31.25 -39.72
CA THR A 694 -24.76 30.19 -40.72
C THR A 694 -25.19 28.87 -40.12
N PRO A 695 -25.63 27.91 -40.95
CA PRO A 695 -25.91 26.57 -40.41
C PRO A 695 -24.74 25.99 -39.61
N GLN A 696 -23.50 26.22 -40.07
CA GLN A 696 -22.32 25.72 -39.39
C GLN A 696 -22.13 26.37 -38.01
N ASP A 697 -22.48 27.65 -37.85
CA ASP A 697 -22.50 28.24 -36.52
C ASP A 697 -23.44 27.46 -35.62
N LEU A 698 -24.65 27.19 -36.12
CA LEU A 698 -25.66 26.50 -35.32
C LEU A 698 -25.20 25.09 -34.94
N ILE A 699 -24.59 24.38 -35.89
CA ILE A 699 -24.09 23.03 -35.61
C ILE A 699 -23.03 23.07 -34.50
N GLY A 700 -22.14 24.05 -34.56
CA GLY A 700 -21.18 24.18 -33.47
C GLY A 700 -21.84 24.36 -32.13
N ILE A 701 -22.82 25.28 -32.06
CA ILE A 701 -23.46 25.59 -30.79
C ILE A 701 -24.19 24.37 -30.23
N VAL A 702 -24.98 23.70 -31.07
CA VAL A 702 -25.81 22.61 -30.58
C VAL A 702 -24.96 21.39 -30.23
N THR A 703 -23.92 21.09 -31.02
CA THR A 703 -23.07 19.95 -30.73
C THR A 703 -22.37 20.14 -29.38
N THR A 704 -21.92 21.36 -29.10
CA THR A 704 -21.35 21.69 -27.80
C THR A 704 -22.34 21.41 -26.68
N MET A 705 -23.56 21.97 -26.78
CA MET A 705 -24.56 21.74 -25.74
C MET A 705 -24.84 20.26 -25.54
N VAL A 706 -25.06 19.52 -26.63
CA VAL A 706 -25.42 18.11 -26.49
C VAL A 706 -24.23 17.34 -25.91
N TRP A 707 -23.00 17.69 -26.30
CA TRP A 707 -21.84 17.02 -25.71
C TRP A 707 -21.80 17.22 -24.20
N VAL A 708 -22.00 18.45 -23.75
CA VAL A 708 -21.93 18.75 -22.32
C VAL A 708 -23.00 17.97 -21.55
N THR A 709 -24.23 17.95 -22.06
CA THR A 709 -25.28 17.26 -21.32
C THR A 709 -25.12 15.74 -21.36
N SER A 710 -24.42 15.18 -22.35
CA SER A 710 -24.33 13.73 -22.43
C SER A 710 -22.91 13.27 -22.16
N GLY A 711 -22.03 13.39 -23.14
CA GLY A 711 -20.63 13.04 -22.96
C GLY A 711 -19.90 13.63 -21.77
N HIS A 712 -19.88 14.97 -21.66
CA HIS A 712 -19.15 15.63 -20.57
C HIS A 712 -19.70 15.19 -19.21
N HIS A 713 -21.03 15.19 -19.07
CA HIS A 713 -21.61 14.84 -17.78
C HIS A 713 -21.34 13.37 -17.43
N ALA A 714 -21.51 12.46 -18.40
CA ALA A 714 -21.24 11.03 -18.15
C ALA A 714 -19.81 10.81 -17.66
N ALA A 715 -18.84 11.54 -18.23
CA ALA A 715 -17.44 11.26 -17.92
C ALA A 715 -17.03 11.76 -16.54
N VAL A 716 -17.72 12.73 -15.96
CA VAL A 716 -17.36 13.22 -14.64
C VAL A 716 -18.28 12.74 -13.53
N ASN A 717 -19.37 12.06 -13.86
CA ASN A 717 -20.37 11.71 -12.84
C ASN A 717 -20.40 10.20 -12.59
N PHE A 718 -20.85 9.40 -13.55
CA PHE A 718 -21.06 7.98 -13.33
C PHE A 718 -19.75 7.23 -13.10
N ASN A 729 -13.09 5.88 -3.03
CA ASN A 729 -12.97 7.14 -3.74
C ASN A 729 -11.96 8.05 -3.05
N ARG A 730 -11.69 9.19 -3.65
CA ARG A 730 -10.70 10.14 -3.16
C ARG A 730 -11.22 10.89 -1.93
N PRO A 731 -10.34 11.46 -1.12
CA PRO A 731 -10.81 12.32 -0.03
C PRO A 731 -11.29 13.65 -0.59
N THR A 732 -12.37 14.17 0.00
CA THR A 732 -12.91 15.47 -0.37
C THR A 732 -12.41 16.61 0.51
N ILE A 733 -11.67 16.29 1.57
CA ILE A 733 -11.13 17.30 2.47
C ILE A 733 -9.84 16.76 3.08
N ALA A 734 -8.91 17.66 3.38
CA ALA A 734 -7.70 17.37 4.15
C ALA A 734 -7.70 18.32 5.33
N ARG A 735 -7.83 17.78 6.54
CA ARG A 735 -8.23 18.60 7.68
C ARG A 735 -7.07 19.24 8.44
N THR A 736 -5.84 18.75 8.27
CA THR A 736 -4.69 19.28 8.98
C THR A 736 -3.59 19.68 8.00
N ASN A 737 -2.70 20.56 8.45
CA ASN A 737 -1.60 21.06 7.66
C ASN A 737 -0.52 19.98 7.51
N LEU A 738 0.31 20.13 6.48
CA LEU A 738 1.45 19.23 6.33
C LEU A 738 2.32 19.30 7.59
N PRO A 739 2.78 18.15 8.11
CA PRO A 739 3.69 18.17 9.27
C PRO A 739 4.93 19.02 9.07
N SER A 740 5.37 19.21 7.83
CA SER A 740 6.57 19.98 7.53
C SER A 740 6.32 21.48 7.49
N GLU A 741 5.10 21.95 7.75
CA GLU A 741 4.77 23.38 7.72
C GLU A 741 4.92 23.95 9.12
N ASP A 742 5.94 24.78 9.32
CA ASP A 742 6.24 25.40 10.61
C ASP A 742 6.15 24.39 11.76
N PRO A 743 6.91 23.28 11.69
CA PRO A 743 6.76 22.25 12.72
C PRO A 743 7.31 22.70 14.06
N THR A 744 6.68 22.21 15.11
CA THR A 744 7.27 22.26 16.44
C THR A 744 7.99 20.95 16.72
N GLU A 745 8.84 20.97 17.74
CA GLU A 745 9.58 19.78 18.12
C GLU A 745 8.64 18.63 18.47
N GLU A 746 7.62 18.90 19.30
CA GLU A 746 6.73 17.84 19.75
C GLU A 746 5.76 17.41 18.65
N GLY A 747 5.28 18.36 17.85
CA GLY A 747 4.44 17.98 16.72
C GLY A 747 5.18 17.13 15.72
N TRP A 748 6.43 17.50 15.42
CA TRP A 748 7.21 16.70 14.48
C TRP A 748 7.47 15.30 15.04
N ARG A 749 7.79 15.23 16.33
CA ARG A 749 8.06 13.94 16.97
C ARG A 749 6.83 13.04 16.95
N ARG A 750 5.64 13.61 17.20
CA ARG A 750 4.39 12.85 17.11
C ARG A 750 4.22 12.26 15.73
N PHE A 751 4.47 13.07 14.71
CA PHE A 751 4.29 12.62 13.33
C PHE A 751 5.25 11.48 13.02
N LEU A 752 6.52 11.62 13.43
CA LEU A 752 7.50 10.55 13.19
C LEU A 752 7.10 9.27 13.91
N HIS A 753 6.57 9.38 15.12
CA HIS A 753 6.26 8.20 15.91
CA HIS A 753 6.27 8.19 15.90
C HIS A 753 4.98 7.52 15.46
N LYS A 754 3.99 8.30 14.98
CA LYS A 754 2.71 7.74 14.55
C LYS A 754 2.19 8.48 13.32
N PRO A 755 2.80 8.22 12.16
CA PRO A 755 2.34 8.91 10.94
C PRO A 755 0.94 8.46 10.50
N GLU A 756 0.58 7.20 10.77
CA GLU A 756 -0.75 6.72 10.42
C GLU A 756 -1.82 7.50 11.20
N ASN A 757 -1.52 7.87 12.44
CA ASN A 757 -2.43 8.72 13.18
C ASN A 757 -2.58 10.08 12.53
N GLU A 758 -1.47 10.62 12.00
CA GLU A 758 -1.52 11.92 11.35
C GLU A 758 -2.33 11.85 10.05
N LEU A 759 -2.18 10.76 9.30
CA LEU A 759 -3.01 10.56 8.11
C LEU A 759 -4.50 10.57 8.45
N LEU A 760 -4.88 9.81 9.49
CA LEU A 760 -6.29 9.73 9.87
C LEU A 760 -6.83 11.07 10.35
N ALA A 761 -6.00 11.88 11.02
CA ALA A 761 -6.44 13.19 11.45
C ALA A 761 -6.63 14.12 10.25
N CYS A 762 -5.92 13.86 9.17
CA CYS A 762 -6.02 14.68 7.97
C CYS A 762 -7.21 14.26 7.12
N LEU A 763 -7.37 12.95 6.90
CA LEU A 763 -8.41 12.40 6.06
C LEU A 763 -9.81 12.77 6.59
N PRO A 764 -10.83 12.71 5.74
CA PRO A 764 -12.19 13.02 6.21
C PRO A 764 -12.61 12.11 7.35
N THR A 765 -13.45 12.63 8.23
CA THR A 765 -14.06 11.78 9.25
C THR A 765 -15.00 10.78 8.61
N GLN A 766 -15.46 9.82 9.43
CA GLN A 766 -16.36 8.80 8.94
C GLN A 766 -17.72 9.40 8.56
N LEU A 767 -18.18 10.41 9.30
CA LEU A 767 -19.43 11.08 8.94
C LEU A 767 -19.30 11.81 7.60
N GLN A 768 -18.22 12.57 7.43
CA GLN A 768 -18.03 13.32 6.19
C GLN A 768 -17.99 12.39 4.98
N ALA A 769 -17.33 11.24 5.12
CA ALA A 769 -17.34 10.25 4.04
C ALA A 769 -18.74 9.68 3.83
N ALA A 770 -19.46 9.41 4.91
CA ALA A 770 -20.83 8.90 4.79
C ALA A 770 -21.70 9.86 4.00
N LYS A 771 -21.77 11.12 4.43
CA LYS A 771 -22.61 12.10 3.74
C LYS A 771 -22.30 12.15 2.26
N VAL A 772 -21.01 12.20 1.91
CA VAL A 772 -20.60 12.23 0.52
C VAL A 772 -21.05 10.96 -0.20
N LEU A 773 -20.63 9.81 0.31
CA LEU A 773 -20.90 8.56 -0.41
C LEU A 773 -22.39 8.22 -0.41
N THR A 774 -23.14 8.64 0.62
CA THR A 774 -24.59 8.44 0.57
C THR A 774 -25.24 9.35 -0.46
N VAL A 775 -24.81 10.61 -0.52
CA VAL A 775 -25.33 11.52 -1.53
C VAL A 775 -24.81 11.14 -2.92
N LEU A 776 -23.52 10.80 -3.03
CA LEU A 776 -22.97 10.37 -4.32
C LEU A 776 -23.62 9.08 -4.82
N ASP A 777 -24.38 8.38 -3.97
CA ASP A 777 -25.07 7.18 -4.42
C ASP A 777 -26.15 7.49 -5.45
N VAL A 778 -26.73 8.69 -5.39
CA VAL A 778 -27.76 9.08 -6.34
C VAL A 778 -27.18 9.92 -7.48
N GLU A 786 -33.61 6.68 -16.79
CA GLU A 786 -34.05 7.11 -18.12
C GLU A 786 -33.32 6.35 -19.23
N GLU A 787 -33.67 6.63 -20.47
CA GLU A 787 -33.02 5.99 -21.62
C GLU A 787 -31.68 6.67 -21.89
N TYR A 788 -30.99 6.18 -22.91
CA TYR A 788 -29.63 6.61 -23.17
C TYR A 788 -29.48 7.10 -24.59
N LEU A 789 -28.35 7.74 -24.83
CA LEU A 789 -28.04 8.34 -26.11
C LEU A 789 -28.13 7.29 -27.23
N GLY A 790 -28.81 7.64 -28.33
CA GLY A 790 -28.96 6.74 -29.45
C GLY A 790 -29.98 5.64 -29.30
N GLU A 791 -30.81 5.69 -28.26
CA GLU A 791 -31.72 4.61 -27.92
C GLU A 791 -33.17 4.88 -28.31
N HIS A 792 -33.73 6.05 -27.96
CA HIS A 792 -35.14 6.32 -28.19
C HIS A 792 -35.31 7.46 -29.18
N LEU A 793 -36.09 7.21 -30.24
CA LEU A 793 -36.50 8.28 -31.14
C LEU A 793 -37.46 9.24 -30.42
N GLU A 794 -37.15 10.54 -30.44
CA GLU A 794 -38.18 11.51 -30.12
C GLU A 794 -39.33 11.38 -31.12
N PRO A 795 -40.57 11.64 -30.70
CA PRO A 795 -41.70 11.54 -31.64
C PRO A 795 -41.52 12.35 -32.91
N ALA A 796 -41.12 13.63 -32.79
CA ALA A 796 -40.91 14.44 -33.98
C ALA A 796 -39.82 13.86 -34.87
N TRP A 797 -38.81 13.21 -34.28
CA TRP A 797 -37.75 12.60 -35.09
C TRP A 797 -38.27 11.41 -35.87
N GLY A 798 -39.11 10.58 -35.25
CA GLY A 798 -39.67 9.44 -35.97
C GLY A 798 -40.67 9.85 -37.03
N ALA A 799 -41.31 11.01 -36.87
CA ALA A 799 -42.34 11.45 -37.81
C ALA A 799 -41.77 11.80 -39.18
N ASP A 800 -40.50 12.16 -39.25
CA ASP A 800 -39.90 12.65 -40.48
C ASP A 800 -38.97 11.59 -41.04
N PRO A 801 -39.24 11.04 -42.24
CA PRO A 801 -38.43 9.89 -42.71
C PRO A 801 -36.95 10.17 -42.78
N LEU A 802 -36.54 11.37 -43.20
CA LEU A 802 -35.11 11.65 -43.33
C LEU A 802 -34.43 11.82 -41.97
N ILE A 803 -35.13 12.46 -41.02
CA ILE A 803 -34.57 12.61 -39.69
C ILE A 803 -34.51 11.26 -39.00
N LYS A 804 -35.58 10.47 -39.10
CA LYS A 804 -35.56 9.12 -38.56
C LYS A 804 -34.37 8.35 -39.12
N ALA A 805 -34.12 8.46 -40.43
CA ALA A 805 -32.97 7.77 -41.01
C ALA A 805 -31.66 8.30 -40.43
N ALA A 806 -31.55 9.61 -40.24
CA ALA A 806 -30.36 10.20 -39.65
C ALA A 806 -30.15 9.68 -38.23
N PHE A 807 -31.23 9.54 -37.46
CA PHE A 807 -31.09 9.02 -36.10
C PHE A 807 -30.62 7.57 -36.12
N GLU A 808 -31.12 6.76 -37.06
CA GLU A 808 -30.69 5.37 -37.15
C GLU A 808 -29.20 5.28 -37.43
N ARG A 809 -28.69 6.15 -38.32
CA ARG A 809 -27.25 6.21 -38.53
C ARG A 809 -26.52 6.63 -37.26
N PHE A 810 -27.09 7.59 -36.51
CA PHE A 810 -26.48 8.00 -35.24
C PHE A 810 -26.44 6.83 -34.27
N SER A 811 -27.57 6.15 -34.11
CA SER A 811 -27.63 4.99 -33.21
C SER A 811 -26.60 3.93 -33.59
N GLY A 812 -26.49 3.62 -34.89
CA GLY A 812 -25.52 2.63 -35.33
C GLY A 812 -24.08 3.03 -35.03
N ARG A 813 -23.74 4.28 -35.26
CA ARG A 813 -22.40 4.77 -34.92
C ARG A 813 -22.11 4.58 -33.44
N LEU A 814 -23.10 4.86 -32.58
CA LEU A 814 -22.90 4.67 -31.16
C LEU A 814 -22.67 3.21 -30.81
N LYS A 815 -23.37 2.31 -31.50
CA LYS A 815 -23.16 0.88 -31.29
C LYS A 815 -21.78 0.47 -31.77
N GLU A 816 -21.36 1.01 -32.93
CA GLU A 816 -19.98 0.84 -33.38
C GLU A 816 -18.99 1.29 -32.31
N ILE A 817 -19.22 2.48 -31.74
CA ILE A 817 -18.29 3.04 -30.76
C ILE A 817 -18.21 2.14 -29.53
N GLU A 818 -19.31 1.49 -29.17
CA GLU A 818 -19.28 0.55 -28.05
C GLU A 818 -18.29 -0.58 -28.32
N GLY A 819 -18.34 -1.13 -29.54
CA GLY A 819 -17.45 -2.22 -29.88
C GLY A 819 -16.01 -1.76 -29.98
N ILE A 820 -15.79 -0.54 -30.46
CA ILE A 820 -14.45 0.03 -30.47
C ILE A 820 -13.91 0.18 -29.05
N ILE A 821 -14.74 0.69 -28.14
CA ILE A 821 -14.30 0.90 -26.77
C ILE A 821 -14.02 -0.43 -26.09
N ASP A 822 -14.88 -1.44 -26.31
CA ASP A 822 -14.60 -2.75 -25.74
C ASP A 822 -13.30 -3.32 -26.28
N ALA A 823 -13.00 -3.10 -27.57
CA ALA A 823 -11.71 -3.53 -28.10
C ALA A 823 -10.56 -2.81 -27.40
N ARG A 824 -10.68 -1.48 -27.20
CA ARG A 824 -9.62 -0.70 -26.57
C ARG A 824 -9.34 -1.18 -25.15
N ASN A 825 -10.38 -1.58 -24.42
CA ASN A 825 -10.22 -2.06 -23.07
C ASN A 825 -9.57 -3.42 -23.01
N GLU A 826 -9.36 -4.09 -24.15
CA GLU A 826 -8.58 -5.33 -24.20
C GLU A 826 -7.19 -5.15 -24.81
N ASP A 827 -6.81 -3.93 -25.18
CA ASP A 827 -5.54 -3.68 -25.87
C ASP A 827 -4.41 -3.61 -24.85
N LYS A 828 -3.49 -4.58 -24.88
CA LYS A 828 -2.36 -4.56 -23.95
C LYS A 828 -1.46 -3.35 -24.15
N ASN A 829 -1.53 -2.68 -25.31
CA ASN A 829 -0.72 -1.49 -25.49
C ASN A 829 -1.30 -0.25 -24.82
N LEU A 830 -2.57 -0.29 -24.42
CA LEU A 830 -3.25 0.88 -23.87
C LEU A 830 -3.22 0.74 -22.34
N LYS A 831 -2.04 0.99 -21.77
CA LYS A 831 -1.81 0.71 -20.38
C LYS A 831 -2.59 1.62 -19.46
N ASN A 832 -3.16 2.71 -19.97
CA ASN A 832 -3.97 3.56 -19.12
C ASN A 832 -5.41 3.05 -18.98
N ARG A 833 -5.76 1.96 -19.68
CA ARG A 833 -7.10 1.40 -19.51
C ARG A 833 -7.09 -0.11 -19.39
N HIS A 834 -5.95 -0.77 -19.56
CA HIS A 834 -5.84 -2.23 -19.54
C HIS A 834 -4.59 -2.61 -18.75
N GLY A 835 -4.76 -3.40 -17.70
CA GLY A 835 -3.62 -3.84 -16.90
C GLY A 835 -4.09 -4.53 -15.64
N ALA A 836 -3.12 -5.06 -14.90
CA ALA A 836 -3.41 -5.86 -13.71
C ALA A 836 -4.22 -5.03 -12.72
N GLY A 837 -5.45 -5.48 -12.43
CA GLY A 837 -6.29 -4.74 -11.52
C GLY A 837 -6.82 -3.42 -12.03
N VAL A 838 -6.64 -3.12 -13.32
CA VAL A 838 -7.16 -1.89 -13.90
C VAL A 838 -8.60 -2.11 -14.35
N VAL A 839 -9.50 -1.29 -13.82
CA VAL A 839 -10.91 -1.39 -14.25
C VAL A 839 -11.01 -0.86 -15.68
N PRO A 840 -11.75 -1.52 -16.58
CA PRO A 840 -11.85 -1.00 -17.95
C PRO A 840 -12.57 0.34 -17.98
N TYR A 841 -12.12 1.22 -18.87
CA TYR A 841 -12.69 2.55 -18.96
C TYR A 841 -13.98 2.47 -19.78
N GLU A 842 -15.13 2.63 -19.10
CA GLU A 842 -16.43 2.44 -19.73
C GLU A 842 -17.38 3.62 -19.52
N LEU A 843 -16.90 4.73 -18.94
CA LEU A 843 -17.77 5.87 -18.66
C LEU A 843 -18.40 6.45 -19.92
N LEU A 844 -17.72 6.36 -21.06
CA LEU A 844 -18.23 6.91 -22.31
C LEU A 844 -18.76 5.84 -23.26
N LYS A 845 -18.95 4.63 -22.78
CA LYS A 845 -19.35 3.53 -23.63
C LYS A 845 -20.86 3.59 -23.87
N PRO A 846 -21.32 3.80 -25.11
CA PRO A 846 -22.77 3.85 -25.34
C PRO A 846 -23.43 2.53 -24.98
N PHE A 847 -24.71 2.61 -24.61
CA PHE A 847 -25.52 1.43 -24.30
C PHE A 847 -24.90 0.65 -23.14
N SER A 848 -24.79 1.36 -22.01
CA SER A 848 -24.21 0.86 -20.75
C SER A 848 -22.93 0.07 -20.97
N LYS A 855 -20.63 2.61 -18.57
CA LYS A 855 -21.51 2.86 -17.43
C LYS A 855 -22.75 3.61 -17.90
N GLY A 856 -22.89 3.74 -19.22
CA GLY A 856 -24.04 4.39 -19.80
C GLY A 856 -23.85 5.87 -20.03
N VAL A 857 -24.09 6.32 -21.25
CA VAL A 857 -24.14 7.75 -21.57
C VAL A 857 -25.61 8.14 -21.59
N PRO A 858 -26.11 8.86 -20.58
CA PRO A 858 -27.45 9.43 -20.68
C PRO A 858 -27.46 10.52 -21.74
N TYR A 859 -28.65 10.87 -22.21
CA TYR A 859 -28.71 11.97 -23.16
C TYR A 859 -28.72 13.33 -22.45
N SER A 860 -29.10 13.38 -21.18
CA SER A 860 -29.23 14.62 -20.43
C SER A 860 -28.52 14.53 -19.08
N ILE A 861 -28.30 15.69 -18.47
CA ILE A 861 -27.81 15.78 -17.10
C ILE A 861 -28.96 15.37 -16.18
N SER A 862 -29.00 14.10 -15.80
CA SER A 862 -30.17 13.51 -15.17
C SER A 862 -29.97 13.19 -13.70
N ILE A 863 -28.81 13.52 -13.14
CA ILE A 863 -28.51 13.15 -11.77
C ILE A 863 -27.29 13.92 -11.29
N SER B 29 41.64 -32.08 64.41
CA SER B 29 42.09 -30.80 64.96
C SER B 29 41.24 -29.62 64.46
N VAL B 30 40.55 -29.80 63.34
CA VAL B 30 39.70 -28.76 62.77
C VAL B 30 38.31 -29.32 62.56
N SER B 31 37.32 -28.75 63.22
CA SER B 31 35.93 -29.13 63.05
C SER B 31 35.31 -28.34 61.91
N VAL B 32 34.70 -29.04 60.96
CA VAL B 32 34.12 -28.44 59.77
C VAL B 32 32.64 -28.79 59.69
N LYS B 33 31.80 -27.79 59.48
CA LYS B 33 30.40 -28.00 59.13
C LYS B 33 30.27 -27.82 57.62
N ALA B 34 29.82 -28.86 56.92
CA ALA B 34 29.52 -28.77 55.51
C ALA B 34 28.01 -28.57 55.33
N THR B 35 27.64 -27.52 54.61
CA THR B 35 26.25 -27.24 54.30
C THR B 35 26.04 -27.32 52.81
N VAL B 36 25.09 -28.14 52.39
CA VAL B 36 24.72 -28.34 50.98
C VAL B 36 23.33 -27.74 50.79
N THR B 37 23.18 -26.92 49.77
CA THR B 37 21.89 -26.32 49.44
C THR B 37 21.33 -27.01 48.20
N VAL B 38 20.12 -27.54 48.30
CA VAL B 38 19.51 -28.31 47.21
C VAL B 38 18.20 -27.66 46.79
N LYS B 39 17.99 -27.58 45.48
CA LYS B 39 16.76 -27.02 44.90
C LYS B 39 15.76 -28.12 44.60
N LEU B 40 14.50 -27.88 44.97
CA LEU B 40 13.43 -28.84 44.73
C LEU B 40 12.71 -28.57 43.41
N THR B 41 12.42 -29.65 42.68
CA THR B 41 11.59 -29.63 41.49
C THR B 41 10.76 -30.91 41.44
N VAL B 42 9.49 -30.81 41.09
CA VAL B 42 8.74 -32.02 40.78
C VAL B 42 8.31 -31.92 39.32
N ASP B 57 11.08 -47.13 44.86
CA ASP B 57 12.49 -47.29 45.23
C ASP B 57 12.88 -46.36 46.39
N ASP B 58 12.21 -45.20 46.48
CA ASP B 58 12.50 -44.22 47.53
C ASP B 58 12.16 -44.72 48.93
N VAL B 59 11.23 -45.67 49.06
CA VAL B 59 10.92 -46.26 50.36
C VAL B 59 12.17 -46.78 51.05
N SER B 60 13.15 -47.25 50.28
CA SER B 60 14.37 -47.81 50.83
C SER B 60 15.55 -46.83 50.77
N ASP B 61 15.26 -45.53 50.65
CA ASP B 61 16.32 -44.54 50.79
C ASP B 61 17.06 -44.73 52.12
N TRP B 62 18.38 -44.67 52.05
CA TRP B 62 19.23 -44.76 53.25
C TRP B 62 18.87 -43.65 54.21
N LEU B 63 18.28 -44.01 55.35
CA LEU B 63 17.70 -43.03 56.25
C LEU B 63 18.77 -42.16 56.89
N GLY B 64 18.59 -40.84 56.80
CA GLY B 64 19.52 -39.93 57.42
C GLY B 64 20.90 -39.92 56.82
N LYS B 65 21.07 -40.51 55.63
CA LYS B 65 22.34 -40.50 54.93
C LYS B 65 22.06 -40.24 53.44
N THR B 66 21.62 -39.02 53.15
CA THR B 66 21.28 -38.70 51.77
C THR B 66 22.51 -38.49 50.92
N LEU B 67 23.51 -37.78 51.43
CA LEU B 67 24.68 -37.43 50.64
C LEU B 67 25.94 -37.84 51.40
N LEU B 68 26.89 -38.39 50.66
CA LEU B 68 28.25 -38.59 51.13
C LEU B 68 29.09 -37.42 50.61
N LEU B 69 29.73 -36.69 51.51
CA LEU B 69 30.59 -35.56 51.16
C LEU B 69 32.01 -35.85 51.61
N GLU B 70 32.97 -35.59 50.73
CA GLU B 70 34.38 -35.85 51.01
C GLU B 70 35.20 -34.66 50.54
N VAL B 71 36.06 -34.13 51.42
CA VAL B 71 36.91 -32.99 51.04
C VAL B 71 38.24 -33.50 50.53
N VAL B 72 38.79 -32.80 49.54
CA VAL B 72 40.02 -33.19 48.85
C VAL B 72 41.09 -32.14 49.10
N SER B 73 42.25 -32.57 49.54
CA SER B 73 43.34 -31.64 49.78
C SER B 73 43.96 -31.18 48.46
N SER B 74 44.37 -29.90 48.43
CA SER B 74 45.06 -29.36 47.27
C SER B 74 46.48 -29.89 47.12
N GLU B 75 47.06 -30.47 48.17
CA GLU B 75 48.46 -30.86 48.13
C GLU B 75 48.59 -32.37 48.31
N VAL B 76 49.56 -32.93 47.60
CA VAL B 76 49.93 -34.32 47.81
C VAL B 76 50.70 -34.44 49.11
N ASP B 77 50.71 -35.65 49.65
CA ASP B 77 51.51 -35.94 50.83
C ASP B 77 52.96 -35.63 50.53
N PRO B 78 53.53 -34.56 51.12
CA PRO B 78 54.90 -34.17 50.76
C PRO B 78 55.93 -35.23 51.10
N LYS B 79 55.55 -36.25 51.86
CA LYS B 79 56.47 -37.32 52.18
C LYS B 79 56.51 -38.40 51.11
N THR B 80 55.40 -38.61 50.39
CA THR B 80 55.33 -39.69 49.41
C THR B 80 55.04 -39.22 47.99
N GLY B 81 54.46 -38.05 47.80
CA GLY B 81 54.11 -37.58 46.47
C GLY B 81 52.77 -38.04 45.96
N LEU B 82 52.06 -38.85 46.72
CA LEU B 82 50.75 -39.37 46.35
C LEU B 82 49.65 -38.55 46.99
N GLU B 83 48.45 -38.64 46.39
CA GLU B 83 47.30 -37.93 46.92
C GLU B 83 46.96 -38.41 48.32
N LYS B 84 46.62 -37.47 49.19
CA LYS B 84 46.04 -37.82 50.48
C LYS B 84 44.64 -38.40 50.29
N LYS B 85 44.24 -39.23 51.25
CA LYS B 85 42.89 -39.77 51.17
C LYS B 85 41.87 -38.68 51.50
N PRO B 86 40.79 -38.58 50.72
CA PRO B 86 39.72 -37.66 51.08
C PRO B 86 39.11 -38.04 52.40
N ILE B 87 38.60 -37.05 53.11
CA ILE B 87 38.02 -37.21 54.44
C ILE B 87 36.55 -36.81 54.35
N GLY B 88 35.68 -37.60 54.98
CA GLY B 88 34.28 -37.26 54.78
C GLY B 88 33.33 -37.80 55.81
N ALA B 89 32.06 -37.56 55.55
CA ALA B 89 30.96 -37.98 56.40
C ALA B 89 29.68 -37.88 55.58
N TYR B 90 28.60 -38.43 56.11
CA TYR B 90 27.31 -38.37 55.46
C TYR B 90 26.57 -37.11 55.88
N ALA B 91 25.75 -36.59 54.97
CA ALA B 91 24.93 -35.42 55.22
C ALA B 91 23.45 -35.82 55.27
N HIS B 92 22.76 -35.31 56.28
CA HIS B 92 21.34 -35.58 56.51
C HIS B 92 20.52 -34.32 56.25
N ARG B 93 19.23 -34.52 55.96
CA ARG B 93 18.31 -33.41 55.71
C ARG B 93 18.18 -32.54 56.96
N ALA B 94 18.24 -31.21 56.77
CA ALA B 94 18.44 -30.28 57.88
C ALA B 94 17.39 -29.17 57.95
N ALA B 95 16.87 -28.71 56.82
CA ALA B 95 15.84 -27.68 56.81
C ALA B 95 15.31 -27.52 55.39
N GLU B 96 14.01 -27.28 55.27
CA GLU B 96 13.35 -27.03 54.00
C GLU B 96 12.73 -25.64 54.07
N LYS B 97 13.07 -24.77 53.11
CA LYS B 97 12.46 -23.46 53.02
C LYS B 97 12.19 -23.14 51.56
N ASP B 98 10.91 -23.05 51.19
CA ASP B 98 10.47 -22.52 49.91
C ASP B 98 11.20 -23.20 48.75
N GLY B 99 10.99 -24.51 48.65
CA GLY B 99 11.62 -25.27 47.58
C GLY B 99 13.13 -25.40 47.69
N GLU B 100 13.71 -25.13 48.86
CA GLU B 100 15.15 -25.23 49.07
C GLU B 100 15.42 -26.09 50.30
N VAL B 101 16.30 -27.07 50.14
CA VAL B 101 16.57 -28.07 51.16
C VAL B 101 18.04 -28.01 51.55
N THR B 102 18.30 -27.97 52.85
CA THR B 102 19.65 -27.97 53.39
C THR B 102 20.03 -29.36 53.88
N TYR B 103 21.27 -29.78 53.56
CA TYR B 103 21.86 -30.99 54.12
C TYR B 103 23.15 -30.62 54.86
N GLU B 104 23.32 -31.21 56.03
CA GLU B 104 24.43 -30.85 56.89
C GLU B 104 25.31 -32.06 57.19
N SER B 105 26.62 -31.84 57.14
CA SER B 105 27.62 -32.84 57.47
C SER B 105 28.66 -32.21 58.38
N ASP B 106 29.04 -32.93 59.44
CA ASP B 106 29.96 -32.45 60.47
C ASP B 106 31.08 -33.46 60.62
N PHE B 107 32.33 -33.02 60.40
CA PHE B 107 33.48 -33.91 60.49
C PHE B 107 34.73 -33.11 60.84
N VAL B 108 35.79 -33.84 61.20
CA VAL B 108 37.04 -33.27 61.70
C VAL B 108 38.17 -33.52 60.70
N ILE B 109 38.99 -32.49 60.48
CA ILE B 109 40.09 -32.53 59.52
C ILE B 109 41.38 -32.16 60.25
N PRO B 110 42.48 -32.90 60.07
CA PRO B 110 43.74 -32.53 60.72
C PRO B 110 44.28 -31.20 60.23
N ASP B 111 44.97 -30.49 61.13
CA ASP B 111 45.39 -29.14 60.78
C ASP B 111 46.53 -29.11 59.76
N ASP B 112 47.08 -30.26 59.36
CA ASP B 112 48.08 -30.34 58.31
C ASP B 112 47.52 -30.93 57.02
N PHE B 113 46.19 -31.05 56.90
CA PHE B 113 45.60 -31.67 55.72
C PHE B 113 45.89 -30.87 54.46
N GLY B 114 46.04 -29.57 54.59
CA GLY B 114 46.20 -28.68 53.46
C GLY B 114 44.91 -27.97 53.11
N GLU B 115 45.04 -26.97 52.24
CA GLU B 115 43.87 -26.28 51.72
C GLU B 115 42.98 -27.26 50.97
N ILE B 116 41.68 -27.19 51.25
CA ILE B 116 40.71 -27.99 50.53
C ILE B 116 40.51 -27.40 49.15
N GLY B 117 40.84 -28.17 48.12
CA GLY B 117 40.68 -27.69 46.74
C GLY B 117 39.49 -28.28 46.00
N ALA B 118 38.86 -29.31 46.55
CA ALA B 118 37.68 -29.86 45.90
C ALA B 118 36.84 -30.63 46.92
N VAL B 119 35.60 -30.91 46.53
CA VAL B 119 34.66 -31.69 47.34
C VAL B 119 34.05 -32.78 46.46
N LEU B 120 33.99 -34.00 46.99
CA LEU B 120 33.37 -35.14 46.32
C LEU B 120 31.99 -35.37 46.92
N VAL B 121 31.04 -35.72 46.07
CA VAL B 121 29.64 -35.91 46.47
C VAL B 121 29.15 -37.22 45.91
N GLN B 122 28.49 -38.03 46.75
CA GLN B 122 27.73 -39.18 46.29
C GLN B 122 26.28 -39.08 46.74
N ASN B 123 25.35 -39.25 45.79
CA ASN B 123 23.92 -39.27 46.11
C ASN B 123 23.52 -40.70 46.47
N GLU B 124 23.22 -40.94 47.75
CA GLU B 124 22.86 -42.27 48.23
C GLU B 124 21.44 -42.66 47.90
N HIS B 125 20.57 -41.71 47.57
CA HIS B 125 19.16 -42.02 47.41
C HIS B 125 18.83 -42.33 45.95
N HIS B 126 17.58 -42.72 45.71
CA HIS B 126 17.19 -43.27 44.41
C HIS B 126 16.81 -42.22 43.38
N LYS B 127 16.64 -40.97 43.77
CA LYS B 127 16.28 -39.90 42.86
C LYS B 127 17.42 -38.89 42.77
N GLU B 128 17.63 -38.36 41.57
CA GLU B 128 18.60 -37.28 41.39
C GLU B 128 18.21 -36.06 42.23
N MET B 129 19.22 -35.26 42.56
CA MET B 129 19.02 -34.04 43.33
C MET B 129 19.82 -32.92 42.68
N TYR B 130 19.29 -31.71 42.72
CA TYR B 130 19.94 -30.56 42.13
C TYR B 130 20.66 -29.81 43.25
N LEU B 131 21.99 -29.84 43.21
CA LEU B 131 22.82 -29.15 44.19
C LEU B 131 23.12 -27.74 43.72
N ARG B 132 22.72 -26.75 44.53
CA ARG B 132 23.08 -25.37 44.23
C ARG B 132 24.54 -25.11 44.56
N TYR B 133 24.88 -25.17 45.84
CA TYR B 133 26.25 -24.91 46.25
C TYR B 133 26.53 -25.61 47.57
N ILE B 134 27.82 -25.75 47.87
CA ILE B 134 28.28 -26.31 49.14
C ILE B 134 29.11 -25.24 49.85
N VAL B 135 28.88 -25.09 51.15
CA VAL B 135 29.65 -24.17 51.98
C VAL B 135 30.35 -24.96 53.09
N LEU B 136 31.65 -24.72 53.25
CA LEU B 136 32.42 -25.32 54.33
C LEU B 136 32.75 -24.25 55.36
N ASP B 137 32.12 -24.34 56.52
CA ASP B 137 32.37 -23.46 57.66
C ASP B 137 33.26 -24.16 58.68
N GLY B 138 33.92 -23.35 59.50
CA GLY B 138 34.73 -23.83 60.59
C GLY B 138 36.21 -23.59 60.43
N PHE B 139 36.66 -23.13 59.27
CA PHE B 139 38.06 -22.78 59.11
C PHE B 139 38.31 -21.38 59.63
N PRO B 140 39.55 -21.09 60.05
CA PRO B 140 39.89 -19.72 60.46
C PRO B 140 40.01 -18.73 59.30
N ASN B 141 40.10 -19.21 58.05
CA ASN B 141 40.16 -18.34 56.89
C ASN B 141 38.78 -17.95 56.37
N GLY B 142 37.73 -18.20 57.14
CA GLY B 142 36.38 -17.94 56.70
C GLY B 142 35.81 -19.12 55.94
N PRO B 143 34.57 -18.99 55.48
CA PRO B 143 33.95 -20.09 54.73
C PRO B 143 34.62 -20.29 53.38
N ILE B 144 34.34 -21.45 52.79
CA ILE B 144 34.66 -21.75 51.41
C ILE B 144 33.38 -22.14 50.69
N GLU B 145 33.07 -21.46 49.59
CA GLU B 145 31.93 -21.83 48.77
C GLU B 145 32.40 -22.71 47.62
N PHE B 146 31.63 -23.74 47.32
CA PHE B 146 31.78 -24.50 46.09
C PHE B 146 30.51 -24.32 45.27
N ASN B 147 30.65 -23.82 44.06
CA ASN B 147 29.49 -23.71 43.17
C ASN B 147 29.24 -25.05 42.52
N CYS B 148 28.02 -25.56 42.65
CA CYS B 148 27.69 -26.87 42.10
C CYS B 148 26.87 -26.73 40.83
N SER B 149 25.71 -26.07 40.92
CA SER B 149 24.78 -25.89 39.81
C SER B 149 24.62 -27.16 38.99
N SER B 150 24.32 -28.27 39.66
CA SER B 150 24.38 -29.54 38.95
C SER B 150 23.39 -30.53 39.53
N TRP B 151 22.79 -31.32 38.65
CA TRP B 151 22.10 -32.53 39.06
C TRP B 151 23.11 -33.59 39.41
N VAL B 152 22.95 -34.21 40.58
CA VAL B 152 23.78 -35.34 40.99
C VAL B 152 22.93 -36.59 40.92
N ALA B 153 23.32 -37.50 40.04
CA ALA B 153 22.57 -38.72 39.78
C ALA B 153 22.55 -39.61 41.02
N SER B 154 21.49 -40.39 41.13
CA SER B 154 21.46 -41.50 42.07
C SER B 154 22.67 -42.40 41.86
N LYS B 155 23.29 -42.83 42.97
CA LYS B 155 24.38 -43.80 42.87
C LYS B 155 23.90 -45.10 42.22
N PHE B 156 22.60 -45.37 42.20
CA PHE B 156 22.13 -46.57 41.55
C PHE B 156 22.02 -46.40 40.03
N ASP B 157 22.10 -45.17 39.52
CA ASP B 157 22.28 -44.96 38.09
C ASP B 157 23.75 -44.84 37.74
N ASP B 158 24.49 -44.05 38.51
CA ASP B 158 25.91 -43.84 38.29
C ASP B 158 26.59 -43.75 39.65
N PRO B 159 27.40 -44.75 40.00
CA PRO B 159 28.04 -44.76 41.32
C PRO B 159 29.32 -43.92 41.39
N GLN B 160 29.80 -43.36 40.29
CA GLN B 160 31.01 -42.57 40.37
C GLN B 160 30.75 -41.28 41.14
N LYS B 161 31.72 -40.91 41.99
CA LYS B 161 31.55 -39.69 42.75
C LYS B 161 31.63 -38.47 41.83
N ARG B 162 30.77 -37.50 42.10
CA ARG B 162 30.88 -36.20 41.45
C ARG B 162 31.91 -35.34 42.18
N VAL B 163 32.60 -34.47 41.43
CA VAL B 163 33.60 -33.59 42.02
C VAL B 163 33.24 -32.14 41.72
N PHE B 164 33.43 -31.26 42.71
CA PHE B 164 33.26 -29.82 42.54
C PHE B 164 34.50 -29.12 43.06
N PHE B 165 35.06 -28.25 42.23
CA PHE B 165 36.28 -27.51 42.54
C PHE B 165 35.94 -26.12 43.11
N THR B 166 36.90 -25.53 43.85
CA THR B 166 36.72 -24.15 44.25
C THR B 166 36.67 -23.24 43.00
N ASN B 167 36.21 -22.01 43.22
CA ASN B 167 36.11 -20.98 42.21
C ASN B 167 37.46 -20.48 41.70
N LYS B 168 38.57 -20.91 42.27
CA LYS B 168 39.88 -20.53 41.74
C LYS B 168 40.16 -21.32 40.46
N SER B 169 40.64 -20.63 39.40
CA SER B 169 40.85 -21.27 38.11
C SER B 169 42.34 -21.44 37.83
N TYR B 170 42.67 -22.50 37.08
CA TYR B 170 44.06 -22.86 36.82
C TYR B 170 44.19 -23.44 35.42
N LEU B 171 45.26 -23.03 34.73
CA LEU B 171 45.79 -23.81 33.63
C LEU B 171 46.27 -25.18 34.14
N PRO B 172 46.38 -26.17 33.25
CA PRO B 172 46.71 -27.53 33.73
C PRO B 172 48.03 -27.60 34.50
N LEU B 173 49.08 -26.97 33.97
CA LEU B 173 50.37 -27.02 34.64
C LEU B 173 50.38 -26.26 35.96
N GLU B 174 49.42 -25.36 36.20
CA GLU B 174 49.36 -24.63 37.47
C GLU B 174 48.46 -25.30 38.50
N THR B 175 47.84 -26.42 38.13
CA THR B 175 46.93 -27.11 39.03
C THR B 175 47.65 -27.53 40.30
N PRO B 176 47.08 -27.25 41.49
CA PRO B 176 47.67 -27.78 42.73
C PRO B 176 47.85 -29.29 42.63
N SER B 177 48.96 -29.76 43.21
CA SER B 177 49.38 -31.15 43.00
C SER B 177 48.33 -32.14 43.49
N GLY B 178 47.59 -31.82 44.55
CA GLY B 178 46.55 -32.73 44.99
C GLY B 178 45.35 -32.83 44.07
N LEU B 179 45.23 -31.93 43.10
CA LEU B 179 44.04 -31.95 42.24
C LEU B 179 44.34 -32.44 40.82
N LYS B 180 45.60 -32.66 40.47
CA LYS B 180 45.96 -32.97 39.08
C LYS B 180 45.24 -34.22 38.58
N GLU B 181 45.29 -35.32 39.33
CA GLU B 181 44.71 -36.56 38.81
C GLU B 181 43.19 -36.49 38.77
N ILE B 182 42.56 -35.92 39.79
CA ILE B 182 41.10 -35.86 39.77
C ILE B 182 40.61 -34.91 38.66
N ARG B 183 41.35 -33.83 38.40
CA ARG B 183 41.04 -32.98 37.25
C ARG B 183 41.04 -33.79 35.97
N GLU B 184 42.09 -34.59 35.75
CA GLU B 184 42.13 -35.39 34.54
C GLU B 184 41.05 -36.47 34.55
N LYS B 185 40.88 -37.16 35.68
CA LYS B 185 39.88 -38.24 35.72
C LYS B 185 38.48 -37.72 35.41
N GLU B 186 38.18 -36.48 35.80
CA GLU B 186 36.86 -35.95 35.55
C GLU B 186 36.62 -35.71 34.04
N LEU B 187 37.63 -35.22 33.33
CA LEU B 187 37.54 -35.09 31.88
C LEU B 187 37.27 -36.45 31.22
N VAL B 188 37.99 -37.49 31.64
CA VAL B 188 37.79 -38.83 31.10
C VAL B 188 36.33 -39.25 31.25
N THR B 189 35.76 -38.96 32.41
CA THR B 189 34.38 -39.31 32.70
C THR B 189 33.43 -38.62 31.72
N LEU B 190 33.70 -37.34 31.39
CA LEU B 190 32.80 -36.58 30.53
C LEU B 190 32.88 -37.03 29.07
N ARG B 191 34.03 -37.58 28.66
CA ARG B 191 34.18 -38.08 27.30
C ARG B 191 33.38 -39.35 27.09
N GLY B 192 33.21 -40.16 28.14
CA GLY B 192 32.70 -41.52 27.92
C GLY B 192 33.65 -42.31 27.02
N ASN B 193 33.13 -43.44 26.52
CA ASN B 193 33.97 -44.34 25.73
C ASN B 193 33.46 -44.53 24.31
N GLY B 194 32.58 -43.64 23.83
CA GLY B 194 32.18 -43.69 22.45
C GLY B 194 31.09 -44.67 22.09
N GLN B 195 30.53 -45.39 23.07
CA GLN B 195 29.55 -46.43 22.77
C GLN B 195 28.39 -46.32 23.74
N GLY B 196 27.32 -47.04 23.42
CA GLY B 196 26.20 -47.12 24.32
C GLY B 196 25.10 -46.14 23.98
N GLU B 197 23.87 -46.53 24.28
CA GLU B 197 22.73 -45.61 24.18
C GLU B 197 22.75 -44.68 25.39
N ARG B 198 22.74 -43.37 25.12
CA ARG B 198 22.90 -42.43 26.22
C ARG B 198 21.62 -42.35 27.04
N LYS B 199 21.78 -42.36 28.36
CA LYS B 199 20.69 -42.32 29.33
C LYS B 199 20.52 -40.91 29.88
N SER B 200 19.34 -40.62 30.41
CA SER B 200 19.03 -39.26 30.85
C SER B 200 20.00 -38.77 31.92
N TYR B 201 20.50 -39.67 32.77
CA TYR B 201 21.40 -39.24 33.84
C TYR B 201 22.85 -39.13 33.39
N ASP B 202 23.18 -39.55 32.16
CA ASP B 202 24.56 -39.47 31.70
C ASP B 202 25.01 -38.01 31.56
N ARG B 203 26.29 -37.78 31.86
CA ARG B 203 26.95 -36.52 31.62
C ARG B 203 28.05 -36.71 30.58
N ILE B 204 27.74 -37.37 29.47
CA ILE B 204 28.74 -37.81 28.49
C ILE B 204 28.58 -37.00 27.20
N TYR B 205 29.67 -36.37 26.79
CA TYR B 205 29.70 -35.47 25.65
C TYR B 205 30.55 -36.11 24.56
N ASP B 206 29.97 -36.24 23.37
CA ASP B 206 30.62 -36.89 22.24
C ASP B 206 29.84 -36.50 20.97
N TYR B 207 30.40 -36.85 19.81
CA TYR B 207 29.97 -36.39 18.50
C TYR B 207 29.24 -37.46 17.70
N ASP B 208 28.30 -37.04 16.84
CA ASP B 208 27.69 -37.92 15.86
C ASP B 208 27.11 -37.06 14.75
N VAL B 209 26.94 -37.67 13.57
CA VAL B 209 26.41 -36.96 12.41
C VAL B 209 24.91 -36.75 12.56
N TYR B 210 24.32 -35.95 11.65
CA TYR B 210 22.88 -35.71 11.62
C TYR B 210 22.22 -36.82 10.79
N ASP B 211 22.08 -37.99 11.43
CA ASP B 211 21.39 -39.13 10.83
C ASP B 211 20.07 -39.42 11.54
N ASP B 212 19.54 -38.43 12.28
CA ASP B 212 18.33 -38.61 13.06
C ASP B 212 17.20 -37.66 12.67
N LEU B 213 17.26 -36.99 11.52
CA LEU B 213 16.19 -36.08 11.12
C LEU B 213 15.05 -36.76 10.37
N GLY B 214 15.34 -37.82 9.62
CA GLY B 214 14.29 -38.54 8.94
C GLY B 214 13.58 -39.49 9.87
N ASP B 215 12.45 -40.00 9.41
CA ASP B 215 11.69 -41.01 10.12
C ASP B 215 11.32 -42.13 9.17
N PRO B 216 12.31 -42.84 8.62
CA PRO B 216 12.01 -43.89 7.64
C PRO B 216 11.13 -45.00 8.19
N ASP B 217 11.09 -45.17 9.51
CA ASP B 217 10.26 -46.18 10.15
C ASP B 217 8.78 -45.84 10.06
N SER B 218 8.44 -44.56 9.96
CA SER B 218 7.04 -44.19 9.75
C SER B 218 6.63 -44.38 8.30
N SER B 219 7.45 -43.89 7.37
CA SER B 219 7.23 -44.07 5.95
C SER B 219 8.55 -43.85 5.24
N PRO B 220 8.82 -44.58 4.14
CA PRO B 220 9.98 -44.23 3.31
C PRO B 220 9.94 -42.79 2.80
N GLU B 221 8.76 -42.17 2.69
CA GLU B 221 8.69 -40.78 2.26
C GLU B 221 9.47 -39.85 3.19
N LEU B 222 9.59 -40.25 4.46
CA LEU B 222 10.27 -39.45 5.48
C LEU B 222 11.75 -39.76 5.56
N THR B 223 12.29 -40.52 4.61
CA THR B 223 13.73 -40.77 4.56
C THR B 223 14.48 -39.50 4.17
N ARG B 224 15.51 -39.15 4.93
CA ARG B 224 16.30 -37.96 4.71
C ARG B 224 17.78 -38.33 4.65
N PRO B 225 18.58 -37.58 3.87
CA PRO B 225 20.01 -37.91 3.76
C PRO B 225 20.75 -37.58 5.05
N VAL B 226 21.83 -38.32 5.31
CA VAL B 226 22.67 -37.98 6.46
C VAL B 226 23.44 -36.70 6.16
N LEU B 227 23.36 -35.72 7.06
CA LEU B 227 24.13 -34.49 6.94
C LEU B 227 25.39 -34.64 7.81
N GLY B 228 26.56 -34.66 7.16
CA GLY B 228 27.81 -34.86 7.84
C GLY B 228 28.55 -36.12 7.44
N GLY B 229 29.85 -36.02 7.20
CA GLY B 229 30.64 -37.19 6.92
C GLY B 229 30.79 -37.55 5.47
N SER B 230 30.39 -36.67 4.55
CA SER B 230 30.50 -36.93 3.14
C SER B 230 30.78 -35.63 2.40
N LYS B 231 31.40 -35.77 1.23
CA LYS B 231 31.67 -34.61 0.39
C LYS B 231 30.38 -33.94 -0.05
N GLN B 232 29.33 -34.73 -0.35
CA GLN B 232 28.09 -34.16 -0.85
C GLN B 232 27.25 -33.49 0.24
N TYR B 233 27.33 -33.98 1.48
CA TYR B 233 26.57 -33.41 2.59
C TYR B 233 27.49 -33.15 3.79
N PRO B 234 28.34 -32.12 3.70
CA PRO B 234 29.14 -31.72 4.86
C PRO B 234 28.29 -31.00 5.90
N TYR B 235 28.67 -31.13 7.17
CA TYR B 235 27.86 -30.56 8.23
C TYR B 235 28.59 -30.64 9.57
N PRO B 236 28.39 -29.67 10.45
CA PRO B 236 28.90 -29.84 11.82
C PRO B 236 28.28 -31.05 12.50
N ARG B 237 29.05 -31.69 13.38
CA ARG B 237 28.55 -32.80 14.19
C ARG B 237 27.69 -32.29 15.33
N ARG B 238 26.87 -33.19 15.88
CA ARG B 238 26.03 -32.89 17.03
C ARG B 238 26.32 -33.88 18.15
N CYS B 239 25.61 -33.71 19.27
CA CYS B 239 25.79 -34.57 20.42
C CYS B 239 25.41 -36.02 20.14
N ARG B 240 26.27 -36.96 20.53
CA ARG B 240 26.01 -38.36 20.27
C ARG B 240 24.92 -38.84 21.19
N THR B 241 23.90 -39.52 20.61
CA THR B 241 22.82 -40.09 21.40
C THR B 241 22.84 -41.61 21.48
N GLY B 242 23.35 -42.27 20.44
CA GLY B 242 23.59 -43.70 20.50
C GLY B 242 22.39 -44.62 20.45
N ARG B 243 21.21 -44.13 20.03
CA ARG B 243 20.05 -45.01 19.92
C ARG B 243 20.26 -46.02 18.78
N PRO B 244 19.47 -47.10 18.74
CA PRO B 244 19.69 -48.12 17.70
C PRO B 244 19.43 -47.56 16.31
N MET B 245 20.16 -48.10 15.34
CA MET B 245 19.94 -47.71 13.95
C MET B 245 18.68 -48.40 13.42
N SER B 246 18.05 -47.78 12.43
CA SER B 246 16.76 -48.25 11.95
C SER B 246 16.93 -49.51 11.10
N LYS B 247 15.86 -50.31 11.09
CA LYS B 247 15.79 -51.52 10.26
C LYS B 247 15.30 -51.26 8.84
N ILE B 248 14.59 -50.16 8.60
CA ILE B 248 14.13 -49.83 7.25
C ILE B 248 15.19 -49.05 6.48
N ASP B 249 15.76 -48.02 7.11
CA ASP B 249 16.88 -47.28 6.56
C ASP B 249 18.10 -47.47 7.46
N PRO B 250 19.08 -48.28 7.06
CA PRO B 250 20.18 -48.61 7.99
C PRO B 250 21.08 -47.44 8.31
N LYS B 251 21.16 -46.41 7.46
CA LYS B 251 22.03 -45.30 7.80
C LYS B 251 21.35 -44.31 8.75
N ALA B 252 20.12 -44.58 9.17
CA ALA B 252 19.34 -43.68 10.02
C ALA B 252 19.29 -44.17 11.46
N GLU B 253 19.43 -43.23 12.40
CA GLU B 253 19.23 -43.54 13.82
C GLU B 253 17.74 -43.48 14.14
N THR B 254 17.27 -44.44 14.93
CA THR B 254 15.83 -44.50 15.17
C THR B 254 15.36 -43.26 15.91
N ARG B 255 14.13 -42.85 15.62
CA ARG B 255 13.52 -41.70 16.29
C ARG B 255 13.09 -42.06 17.71
N SER B 256 13.01 -41.04 18.56
CA SER B 256 12.55 -41.20 19.92
C SER B 256 11.84 -39.92 20.35
N SER B 257 10.78 -40.07 21.14
CA SER B 257 10.08 -38.89 21.66
C SER B 257 10.91 -38.13 22.69
N THR B 258 12.00 -38.70 23.17
CA THR B 258 12.91 -38.01 24.09
C THR B 258 14.32 -38.09 23.54
N VAL B 259 14.96 -36.94 23.44
CA VAL B 259 16.29 -36.81 22.86
C VAL B 259 17.27 -36.51 23.99
N TYR B 260 18.31 -37.32 24.10
CA TYR B 260 19.29 -37.12 25.16
C TYR B 260 20.12 -35.87 24.94
N VAL B 261 20.32 -35.11 26.01
CA VAL B 261 21.48 -34.23 26.13
C VAL B 261 22.14 -34.53 27.47
N PRO B 262 23.42 -34.24 27.61
CA PRO B 262 24.06 -34.46 28.94
C PRO B 262 23.26 -33.76 30.03
N ARG B 263 23.15 -34.40 31.20
CA ARG B 263 22.06 -34.07 32.13
C ARG B 263 22.00 -32.59 32.48
N ASP B 264 23.14 -31.94 32.71
CA ASP B 264 23.11 -30.54 33.10
C ASP B 264 22.85 -29.60 31.94
N GLU B 265 22.78 -30.10 30.71
CA GLU B 265 22.37 -29.25 29.61
C GLU B 265 20.86 -29.14 29.49
N ALA B 266 20.09 -29.95 30.22
CA ALA B 266 18.63 -29.91 30.11
C ALA B 266 18.07 -28.60 30.69
N PHE B 267 16.85 -28.27 30.26
CA PHE B 267 16.16 -27.08 30.76
C PHE B 267 15.82 -27.21 32.24
N PHE B 359 2.38 -6.38 6.12
CA PHE B 359 2.68 -6.08 4.72
C PHE B 359 3.58 -4.86 4.55
N SER B 360 4.41 -4.57 5.54
CA SER B 360 5.27 -3.40 5.46
C SER B 360 6.15 -3.42 4.21
N TRP B 361 6.55 -4.61 3.76
CA TRP B 361 7.43 -4.73 2.61
C TRP B 361 6.77 -4.31 1.29
N PHE B 362 5.48 -3.96 1.26
CA PHE B 362 4.93 -3.32 0.07
C PHE B 362 5.61 -1.97 -0.18
N ARG B 363 6.15 -1.36 0.87
CA ARG B 363 6.91 -0.13 0.72
C ARG B 363 8.33 -0.47 0.29
N ASP B 364 8.74 0.03 -0.88
CA ASP B 364 10.10 -0.22 -1.36
C ASP B 364 11.16 0.24 -0.37
N GLU B 365 10.91 1.31 0.37
CA GLU B 365 11.97 1.78 1.25
C GLU B 365 12.05 0.95 2.53
N GLU B 366 10.97 0.27 2.94
CA GLU B 366 11.05 -0.62 4.10
C GLU B 366 11.60 -1.99 3.73
N PHE B 367 11.20 -2.51 2.57
CA PHE B 367 11.85 -3.68 1.99
C PHE B 367 13.37 -3.52 1.96
N SER B 368 13.84 -2.33 1.57
CA SER B 368 15.28 -2.09 1.45
C SER B 368 15.92 -1.89 2.80
N ARG B 369 15.28 -1.10 3.66
CA ARG B 369 15.84 -0.79 4.97
C ARG B 369 16.06 -2.06 5.78
N GLN B 370 15.19 -3.05 5.57
CA GLN B 370 15.24 -4.32 6.31
C GLN B 370 16.51 -5.13 6.01
N THR B 371 17.14 -4.92 4.85
CA THR B 371 18.43 -5.57 4.59
C THR B 371 19.53 -5.07 5.54
N LEU B 372 19.35 -3.90 6.14
CA LEU B 372 20.34 -3.31 7.05
C LEU B 372 19.94 -3.35 8.51
N ALA B 373 18.65 -3.33 8.81
CA ALA B 373 18.18 -3.25 10.18
C ALA B 373 17.07 -4.26 10.46
N GLY B 374 16.88 -5.24 9.59
CA GLY B 374 15.90 -6.28 9.80
C GLY B 374 16.49 -7.47 10.55
N LEU B 375 15.76 -8.58 10.50
CA LEU B 375 16.20 -9.79 11.17
C LEU B 375 17.24 -10.60 10.39
N ASN B 376 17.48 -10.29 9.11
CA ASN B 376 18.54 -10.96 8.35
C ASN B 376 19.47 -9.93 7.73
N PRO B 377 20.30 -9.27 8.54
CA PRO B 377 21.22 -8.26 8.03
C PRO B 377 22.51 -8.83 7.46
N TYR B 378 22.58 -10.14 7.24
CA TYR B 378 23.83 -10.81 6.92
C TYR B 378 24.00 -11.10 5.44
N SER B 379 22.99 -10.87 4.61
CA SER B 379 23.06 -11.31 3.21
C SER B 379 23.60 -10.25 2.25
N ILE B 380 23.37 -8.96 2.51
CA ILE B 380 23.67 -7.95 1.51
C ILE B 380 25.18 -7.85 1.29
N GLN B 381 25.59 -7.69 0.03
CA GLN B 381 27.01 -7.60 -0.27
C GLN B 381 27.27 -6.63 -1.41
N LEU B 382 28.52 -6.18 -1.52
CA LEU B 382 28.90 -5.20 -2.53
C LEU B 382 28.97 -5.82 -3.92
N VAL B 383 28.42 -5.13 -4.91
CA VAL B 383 28.64 -5.51 -6.31
C VAL B 383 30.02 -5.04 -6.73
N LYS B 384 30.87 -5.98 -7.15
CA LYS B 384 32.16 -5.64 -7.75
C LYS B 384 32.22 -5.96 -9.24
N GLU B 385 31.67 -7.08 -9.69
CA GLU B 385 31.69 -7.44 -11.10
C GLU B 385 30.50 -6.84 -11.83
N TRP B 386 30.66 -6.58 -13.12
CA TRP B 386 29.54 -6.15 -13.94
C TRP B 386 29.82 -6.44 -15.41
N PRO B 387 28.87 -7.09 -16.10
CA PRO B 387 27.57 -7.50 -15.55
C PRO B 387 27.65 -8.69 -14.59
N LEU B 388 26.59 -8.91 -13.82
CA LEU B 388 26.51 -10.06 -12.93
C LEU B 388 26.50 -11.35 -13.74
N LYS B 389 27.22 -12.34 -13.27
CA LYS B 389 27.38 -13.57 -14.03
C LYS B 389 27.30 -14.76 -13.09
N SER B 390 26.51 -15.76 -13.47
CA SER B 390 26.42 -16.98 -12.69
C SER B 390 27.70 -17.80 -12.84
N THR B 391 28.12 -18.43 -11.75
CA THR B 391 29.24 -19.36 -11.80
C THR B 391 28.84 -20.75 -12.23
N LEU B 392 27.54 -21.04 -12.36
CA LEU B 392 27.10 -22.40 -12.61
C LEU B 392 27.37 -22.80 -14.05
N ASP B 393 27.36 -24.11 -14.29
CA ASP B 393 27.66 -24.69 -15.58
C ASP B 393 26.62 -24.33 -16.63
N PRO B 394 26.96 -23.58 -17.68
CA PRO B 394 25.95 -23.22 -18.67
C PRO B 394 25.35 -24.41 -19.37
N LYS B 395 26.08 -25.53 -19.46
CA LYS B 395 25.56 -26.71 -20.17
C LYS B 395 24.39 -27.36 -19.44
N ILE B 396 24.27 -27.12 -18.14
CA ILE B 396 23.18 -27.65 -17.32
C ILE B 396 22.20 -26.54 -16.98
N TYR B 397 22.70 -25.31 -16.85
CA TYR B 397 21.91 -24.24 -16.25
C TYR B 397 21.54 -23.11 -17.19
N GLY B 398 21.90 -23.17 -18.47
CA GLY B 398 21.53 -22.12 -19.39
C GLY B 398 22.50 -20.95 -19.34
N PRO B 399 22.21 -19.90 -20.11
CA PRO B 399 23.12 -18.73 -20.15
C PRO B 399 23.41 -18.22 -18.75
N PRO B 400 24.68 -18.02 -18.42
CA PRO B 400 25.03 -17.54 -17.07
C PRO B 400 24.88 -16.05 -16.85
N GLU B 401 24.78 -15.26 -17.91
CA GLU B 401 24.78 -13.81 -17.76
C GLU B 401 23.45 -13.33 -17.20
N SER B 402 23.52 -12.40 -16.26
CA SER B 402 22.31 -11.82 -15.69
C SER B 402 21.55 -11.01 -16.74
N ALA B 403 20.22 -10.96 -16.57
CA ALA B 403 19.37 -10.12 -17.40
C ALA B 403 19.22 -8.70 -16.85
N ILE B 404 19.79 -8.42 -15.68
CA ILE B 404 19.86 -7.05 -15.20
C ILE B 404 20.89 -6.31 -16.06
N THR B 405 20.43 -5.38 -16.89
CA THR B 405 21.32 -4.66 -17.78
C THR B 405 21.69 -3.27 -17.23
N THR B 406 22.76 -2.71 -17.79
CA THR B 406 23.09 -1.31 -17.55
C THR B 406 21.90 -0.40 -17.88
N GLU B 407 21.19 -0.68 -18.98
CA GLU B 407 20.09 0.18 -19.40
C GLU B 407 18.97 0.20 -18.38
N ILE B 408 18.60 -0.96 -17.86
CA ILE B 408 17.57 -1.06 -16.82
C ILE B 408 17.95 -0.24 -15.60
N VAL B 409 19.21 -0.37 -15.14
CA VAL B 409 19.61 0.33 -13.92
C VAL B 409 19.71 1.83 -14.17
N GLU B 410 20.28 2.23 -15.31
CA GLU B 410 20.47 3.65 -15.56
C GLU B 410 19.15 4.39 -15.77
N ARG B 411 18.14 3.70 -16.31
CA ARG B 411 16.82 4.33 -16.36
C ARG B 411 16.37 4.79 -14.97
N GLU B 412 16.83 4.11 -13.93
CA GLU B 412 16.44 4.42 -12.55
C GLU B 412 17.38 5.41 -11.84
N ILE B 413 18.69 5.36 -12.07
CA ILE B 413 19.64 6.08 -11.23
C ILE B 413 20.41 7.16 -11.96
N LYS B 414 20.20 7.34 -13.28
CA LYS B 414 21.05 8.27 -14.02
C LYS B 414 20.89 9.72 -13.57
N GLY B 415 19.79 10.08 -12.91
CA GLY B 415 19.69 11.43 -12.36
C GLY B 415 20.69 11.69 -11.25
N PHE B 416 21.28 10.64 -10.70
CA PHE B 416 22.34 10.74 -9.70
C PHE B 416 23.70 10.33 -10.24
N MET B 417 23.80 9.23 -10.98
CA MET B 417 25.06 8.84 -11.60
C MET B 417 24.82 7.69 -12.57
N THR B 418 25.84 7.40 -13.36
CA THR B 418 25.84 6.26 -14.26
C THR B 418 26.18 4.98 -13.51
N VAL B 419 25.97 3.85 -14.19
CA VAL B 419 26.30 2.55 -13.59
C VAL B 419 27.81 2.46 -13.35
N ASP B 420 28.60 2.98 -14.28
CA ASP B 420 30.05 2.93 -14.13
C ASP B 420 30.49 3.67 -12.88
N GLU B 421 30.00 4.90 -12.71
CA GLU B 421 30.29 5.64 -11.49
C GLU B 421 29.78 4.90 -10.26
N ALA B 422 28.60 4.29 -10.35
CA ALA B 422 28.02 3.60 -9.20
C ALA B 422 28.88 2.41 -8.80
N LEU B 423 29.37 1.65 -9.78
CA LEU B 423 30.29 0.57 -9.48
C LEU B 423 31.57 1.11 -8.84
N LYS B 424 32.18 2.12 -9.45
CA LYS B 424 33.44 2.64 -8.92
C LYS B 424 33.28 3.25 -7.53
N GLN B 425 32.13 3.85 -7.24
CA GLN B 425 31.93 4.54 -5.98
C GLN B 425 31.21 3.66 -4.97
N LYS B 426 31.07 2.37 -5.25
CA LYS B 426 30.50 1.41 -4.30
C LYS B 426 29.09 1.81 -3.88
N LYS B 427 28.22 2.00 -4.87
CA LYS B 427 26.83 2.34 -4.62
C LYS B 427 25.84 1.23 -4.97
N LEU B 428 26.30 0.14 -5.59
CA LEU B 428 25.43 -0.96 -5.96
C LEU B 428 25.63 -2.12 -5.00
N PHE B 429 24.53 -2.60 -4.40
CA PHE B 429 24.59 -3.72 -3.47
C PHE B 429 23.56 -4.77 -3.88
N ILE B 430 23.80 -6.00 -3.44
CA ILE B 430 23.02 -7.11 -3.96
C ILE B 430 22.87 -8.17 -2.87
N ILE B 431 21.70 -8.79 -2.84
CA ILE B 431 21.51 -10.08 -2.18
C ILE B 431 21.33 -11.11 -3.29
N ASP B 432 22.28 -12.06 -3.37
CA ASP B 432 22.42 -12.97 -4.50
C ASP B 432 22.26 -14.40 -3.98
N TYR B 433 21.07 -14.96 -4.18
CA TYR B 433 20.72 -16.34 -3.89
C TYR B 433 20.68 -17.22 -5.12
N HIS B 434 21.10 -16.70 -6.28
CA HIS B 434 20.90 -17.40 -7.54
C HIS B 434 21.66 -18.73 -7.57
N ASP B 435 22.97 -18.68 -7.32
CA ASP B 435 23.80 -19.86 -7.50
C ASP B 435 23.53 -20.91 -6.44
N ILE B 436 23.13 -20.51 -5.23
CA ILE B 436 22.90 -21.51 -4.20
C ILE B 436 21.56 -22.20 -4.40
N LEU B 437 20.56 -21.46 -4.91
CA LEU B 437 19.21 -22.01 -5.05
C LEU B 437 18.95 -22.68 -6.39
N LEU B 438 19.55 -22.22 -7.48
CA LEU B 438 19.19 -22.79 -8.79
C LEU B 438 19.37 -24.32 -8.87
N PRO B 439 20.41 -24.94 -8.28
CA PRO B 439 20.54 -26.41 -8.37
C PRO B 439 19.43 -27.17 -7.65
N TYR B 440 18.62 -26.53 -6.83
CA TYR B 440 17.49 -27.16 -6.18
C TYR B 440 16.15 -26.90 -6.87
N VAL B 441 16.08 -25.97 -7.83
CA VAL B 441 14.79 -25.57 -8.41
C VAL B 441 14.05 -26.79 -8.94
N SER B 442 14.74 -27.63 -9.70
CA SER B 442 14.11 -28.79 -10.32
C SER B 442 13.49 -29.72 -9.28
N GLU B 443 14.26 -30.10 -8.24
CA GLU B 443 13.72 -31.00 -7.22
C GLU B 443 12.58 -30.36 -6.45
N VAL B 444 12.78 -29.10 -6.03
CA VAL B 444 11.77 -28.46 -5.20
C VAL B 444 10.46 -28.30 -5.97
N ARG B 445 10.55 -28.02 -7.28
CA ARG B 445 9.32 -27.85 -8.07
C ARG B 445 8.51 -29.14 -8.21
N GLN B 446 9.07 -30.30 -7.88
CA GLN B 446 8.26 -31.51 -7.91
C GLN B 446 7.38 -31.65 -6.66
N ILE B 447 7.46 -30.69 -5.74
CA ILE B 447 6.73 -30.73 -4.46
C ILE B 447 5.45 -29.94 -4.60
N LYS B 448 4.32 -30.56 -4.29
CA LYS B 448 3.05 -29.86 -4.45
C LYS B 448 2.93 -28.73 -3.43
N GLY B 449 2.47 -27.58 -3.91
CA GLY B 449 2.21 -26.43 -3.06
C GLY B 449 3.38 -25.52 -2.81
N THR B 450 4.46 -25.64 -3.57
CA THR B 450 5.60 -24.72 -3.48
C THR B 450 6.22 -24.63 -4.86
N THR B 451 7.24 -23.80 -4.98
CA THR B 451 7.99 -23.64 -6.21
C THR B 451 9.33 -23.03 -5.82
N LEU B 452 10.16 -22.75 -6.82
CA LEU B 452 11.43 -22.10 -6.51
C LEU B 452 11.96 -21.42 -7.76
N TYR B 453 12.73 -20.37 -7.53
CA TYR B 453 13.57 -19.71 -8.52
C TYR B 453 14.94 -19.49 -7.90
N GLY B 454 15.97 -19.35 -8.72
CA GLY B 454 17.19 -18.69 -8.26
C GLY B 454 17.02 -17.18 -8.44
N SER B 455 17.41 -16.41 -7.42
CA SER B 455 17.00 -15.01 -7.36
C SER B 455 18.15 -14.09 -6.99
N ARG B 456 18.02 -12.82 -7.44
CA ARG B 456 18.91 -11.72 -7.11
C ARG B 456 18.07 -10.49 -6.81
N ALA B 457 18.47 -9.72 -5.80
CA ALA B 457 17.86 -8.43 -5.53
C ALA B 457 18.95 -7.37 -5.54
N LEU B 458 18.80 -6.35 -6.40
CA LEU B 458 19.83 -5.32 -6.58
C LEU B 458 19.38 -4.01 -5.96
N PHE B 459 20.32 -3.29 -5.32
CA PHE B 459 20.02 -2.05 -4.60
C PHE B 459 21.03 -0.96 -4.92
N PHE B 460 20.53 0.28 -5.00
CA PHE B 460 21.33 1.48 -5.16
C PHE B 460 21.38 2.21 -3.82
N LEU B 461 22.59 2.55 -3.37
CA LEU B 461 22.75 3.40 -2.17
C LEU B 461 22.60 4.86 -2.59
N GLY B 462 21.49 5.49 -2.21
CA GLY B 462 21.16 6.81 -2.72
C GLY B 462 21.63 7.99 -1.87
N PRO B 463 21.09 9.17 -2.17
CA PRO B 463 21.64 10.42 -1.60
C PRO B 463 21.37 10.60 -0.12
N ASP B 464 20.45 9.84 0.47
CA ASP B 464 20.24 9.90 1.92
C ASP B 464 20.94 8.75 2.65
N ASN B 465 21.88 8.08 1.99
CA ASN B 465 22.48 6.84 2.49
C ASN B 465 21.41 5.79 2.79
N THR B 466 20.32 5.77 2.04
CA THR B 466 19.34 4.71 2.13
C THR B 466 19.35 3.92 0.82
N LEU B 467 18.99 2.65 0.90
CA LEU B 467 18.98 1.78 -0.27
C LEU B 467 17.68 1.90 -1.04
N LYS B 468 17.81 1.96 -2.36
CA LYS B 468 16.66 1.98 -3.26
C LYS B 468 16.64 0.66 -4.02
N PRO B 469 15.53 -0.10 -3.99
CA PRO B 469 15.50 -1.34 -4.77
C PRO B 469 15.50 -1.03 -6.26
N LEU B 470 16.42 -1.68 -6.99
CA LEU B 470 16.49 -1.51 -8.44
C LEU B 470 15.80 -2.63 -9.21
N ALA B 471 15.96 -3.88 -8.79
CA ALA B 471 15.48 -4.98 -9.61
C ALA B 471 15.50 -6.26 -8.81
N ILE B 472 14.66 -7.20 -9.23
CA ILE B 472 14.70 -8.57 -8.74
C ILE B 472 14.72 -9.47 -9.97
N GLU B 473 15.70 -10.37 -10.02
CA GLU B 473 15.86 -11.31 -11.11
C GLU B 473 15.42 -12.68 -10.61
N LEU B 474 14.57 -13.36 -11.39
CA LEU B 474 14.13 -14.70 -11.07
C LEU B 474 14.46 -15.61 -12.24
N VAL B 475 15.09 -16.75 -11.94
CA VAL B 475 15.60 -17.66 -12.95
C VAL B 475 15.09 -19.07 -12.64
N ARG B 476 14.53 -19.73 -13.66
CA ARG B 476 14.30 -21.16 -13.69
C ARG B 476 15.29 -21.76 -14.68
N PRO B 477 16.03 -22.80 -14.29
CA PRO B 477 16.97 -23.43 -15.22
C PRO B 477 16.22 -24.29 -16.23
N PRO B 478 16.89 -24.72 -17.30
CA PRO B 478 16.22 -25.62 -18.24
C PRO B 478 15.69 -26.85 -17.51
N MET B 479 14.44 -27.20 -17.80
CA MET B 479 13.83 -28.41 -17.26
C MET B 479 12.62 -28.76 -18.11
N ASP B 480 12.41 -30.06 -18.31
CA ASP B 480 11.20 -30.56 -18.97
C ASP B 480 11.08 -30.06 -20.40
N GLY B 481 12.16 -30.21 -21.16
CA GLY B 481 12.16 -29.78 -22.55
C GLY B 481 12.06 -28.29 -22.76
N LYS B 482 12.10 -27.49 -21.69
CA LYS B 482 12.02 -26.06 -21.85
C LYS B 482 13.39 -25.44 -21.60
N PRO B 483 13.70 -24.32 -22.23
CA PRO B 483 14.97 -23.65 -21.97
C PRO B 483 14.92 -22.91 -20.64
N GLN B 484 16.06 -22.32 -20.28
CA GLN B 484 16.12 -21.43 -19.12
C GLN B 484 15.08 -20.34 -19.27
N TRP B 485 14.35 -20.06 -18.17
CA TRP B 485 13.43 -18.94 -18.09
C TRP B 485 14.03 -17.88 -17.19
N LYS B 486 14.08 -16.64 -17.66
CA LYS B 486 14.77 -15.61 -16.89
C LYS B 486 14.08 -14.27 -17.13
N GLN B 487 13.66 -13.60 -16.05
CA GLN B 487 13.01 -12.31 -16.17
C GLN B 487 13.48 -11.38 -15.06
N VAL B 488 13.45 -10.07 -15.35
CA VAL B 488 13.80 -9.03 -14.40
C VAL B 488 12.55 -8.21 -14.11
N PHE B 489 12.38 -7.87 -12.83
CA PHE B 489 11.26 -7.07 -12.38
C PHE B 489 11.83 -5.84 -11.68
N THR B 490 11.16 -4.70 -11.83
CA THR B 490 11.59 -3.44 -11.23
C THR B 490 10.41 -2.72 -10.63
N PRO B 491 10.64 -1.78 -9.69
CA PRO B 491 9.57 -0.83 -9.33
C PRO B 491 9.00 -0.16 -10.57
N SER B 492 7.70 0.11 -10.56
CA SER B 492 7.02 0.47 -11.80
C SER B 492 5.88 1.44 -11.51
N TRP B 493 5.66 2.36 -12.44
CA TRP B 493 4.51 3.26 -12.33
C TRP B 493 3.40 2.91 -13.31
N GLU B 494 3.30 1.66 -13.74
CA GLU B 494 2.10 1.18 -14.41
C GLU B 494 1.66 -0.11 -13.73
N ALA B 495 0.37 -0.42 -13.86
CA ALA B 495 -0.24 -1.37 -12.93
C ALA B 495 0.36 -2.78 -13.05
N THR B 496 0.51 -3.28 -14.28
CA THR B 496 0.99 -4.65 -14.44
C THR B 496 2.43 -4.81 -13.94
N GLY B 497 3.32 -3.89 -14.35
CA GLY B 497 4.69 -3.95 -13.86
C GLY B 497 4.79 -3.84 -12.35
N SER B 498 3.89 -3.05 -11.75
CA SER B 498 3.92 -2.90 -10.30
C SER B 498 3.39 -4.15 -9.59
N TRP B 499 2.40 -4.82 -10.19
CA TRP B 499 1.92 -6.09 -9.63
C TRP B 499 2.94 -7.20 -9.79
N LEU B 500 3.63 -7.26 -10.93
CA LEU B 500 4.71 -8.24 -11.09
C LEU B 500 5.85 -7.97 -10.09
N TRP B 501 6.13 -6.71 -9.81
CA TRP B 501 7.13 -6.35 -8.80
C TRP B 501 6.74 -6.85 -7.42
N LYS B 502 5.48 -6.65 -7.02
CA LYS B 502 5.00 -7.14 -5.73
C LYS B 502 5.13 -8.66 -5.63
N LEU B 503 4.79 -9.37 -6.71
CA LEU B 503 4.93 -10.82 -6.71
C LEU B 503 6.40 -11.21 -6.72
N ALA B 504 7.23 -10.44 -7.41
CA ALA B 504 8.65 -10.73 -7.42
C ALA B 504 9.26 -10.59 -6.02
N LYS B 505 8.88 -9.52 -5.29
CA LYS B 505 9.30 -9.37 -3.91
C LYS B 505 8.80 -10.52 -3.05
N THR B 506 7.60 -11.02 -3.33
CA THR B 506 7.07 -12.14 -2.55
C THR B 506 7.99 -13.35 -2.64
N HIS B 507 8.36 -13.74 -3.87
CA HIS B 507 9.30 -14.84 -4.04
C HIS B 507 10.64 -14.53 -3.38
N PHE B 508 11.21 -13.35 -3.65
CA PHE B 508 12.51 -13.05 -3.06
C PHE B 508 12.45 -13.08 -1.54
N LEU B 509 11.36 -12.56 -0.97
CA LEU B 509 11.29 -12.55 0.50
C LEU B 509 11.13 -13.95 1.07
N ALA B 510 10.43 -14.84 0.37
CA ALA B 510 10.42 -16.25 0.78
C ALA B 510 11.82 -16.84 0.74
N HIS B 511 12.61 -16.52 -0.29
CA HIS B 511 13.98 -17.04 -0.33
C HIS B 511 14.81 -16.47 0.81
N ASP B 512 14.64 -15.18 1.10
CA ASP B 512 15.42 -14.56 2.16
C ASP B 512 14.95 -15.04 3.53
N ALA B 513 13.66 -15.34 3.68
CA ALA B 513 13.18 -15.93 4.92
C ALA B 513 13.79 -17.32 5.14
N GLY B 514 13.82 -18.15 4.09
CA GLY B 514 14.42 -19.47 4.24
C GLY B 514 15.92 -19.39 4.51
N TYR B 515 16.62 -18.54 3.77
CA TYR B 515 18.05 -18.38 3.99
C TYR B 515 18.33 -17.86 5.40
N HIS B 516 17.55 -16.87 5.84
CA HIS B 516 17.66 -16.38 7.21
C HIS B 516 17.51 -17.51 8.22
N GLN B 517 16.43 -18.29 8.10
CA GLN B 517 16.13 -19.29 9.11
C GLN B 517 17.17 -20.42 9.12
N LEU B 518 17.56 -20.92 7.94
CA LEU B 518 18.38 -22.12 7.87
C LEU B 518 19.87 -21.82 7.97
N VAL B 519 20.30 -20.66 7.48
CA VAL B 519 21.72 -20.35 7.35
C VAL B 519 22.12 -19.25 8.32
N SER B 520 21.56 -18.04 8.15
CA SER B 520 21.93 -16.94 9.03
C SER B 520 21.65 -17.29 10.47
N HIS B 521 20.59 -18.05 10.70
CA HIS B 521 20.17 -18.37 12.05
C HIS B 521 20.56 -19.80 12.43
N TRP B 522 19.91 -20.83 11.86
CA TRP B 522 20.15 -22.18 12.36
C TRP B 522 21.62 -22.59 12.19
N LEU B 523 22.13 -22.53 10.96
CA LEU B 523 23.49 -23.01 10.71
C LEU B 523 24.52 -22.22 11.50
N ARG B 524 24.51 -20.89 11.37
CA ARG B 524 25.67 -20.12 11.79
C ARG B 524 25.71 -19.82 13.29
N THR B 525 24.62 -20.04 14.01
CA THR B 525 24.61 -19.88 15.45
C THR B 525 24.41 -21.25 16.11
N HIS B 526 23.21 -21.81 16.03
CA HIS B 526 22.93 -23.10 16.68
C HIS B 526 23.89 -24.21 16.24
N CYS B 527 23.91 -24.49 14.93
CA CYS B 527 24.48 -25.73 14.44
C CYS B 527 26.00 -25.77 14.59
N VAL B 528 26.69 -24.71 14.16
CA VAL B 528 28.15 -24.74 14.24
C VAL B 528 28.62 -24.55 15.68
N THR B 529 27.76 -24.07 16.58
CA THR B 529 28.21 -23.83 17.96
C THR B 529 28.20 -25.10 18.80
N GLU B 530 27.24 -26.00 18.57
CA GLU B 530 27.18 -27.21 19.40
C GLU B 530 28.50 -27.99 19.45
N PRO B 531 29.24 -28.19 18.35
CA PRO B 531 30.56 -28.84 18.48
C PRO B 531 31.52 -28.12 19.44
N TYR B 532 31.51 -26.78 19.47
CA TYR B 532 32.34 -26.06 20.44
C TYR B 532 31.96 -26.45 21.86
N ILE B 533 30.66 -26.57 22.12
CA ILE B 533 30.19 -26.91 23.46
C ILE B 533 30.65 -28.32 23.84
N ILE B 534 30.47 -29.27 22.93
CA ILE B 534 30.91 -30.64 23.18
C ILE B 534 32.40 -30.67 23.50
N ALA B 535 33.20 -29.98 22.69
CA ALA B 535 34.64 -30.00 22.88
C ALA B 535 35.04 -29.34 24.20
N THR B 536 34.36 -28.25 24.56
CA THR B 536 34.63 -27.54 25.80
C THR B 536 34.50 -28.46 27.00
N ASN B 537 33.42 -29.25 27.03
CA ASN B 537 33.20 -30.16 28.15
C ASN B 537 34.09 -31.39 28.07
N ARG B 538 34.51 -31.79 26.86
CA ARG B 538 35.38 -32.95 26.72
C ARG B 538 36.84 -32.67 27.08
N GLN B 539 37.33 -31.45 26.86
CA GLN B 539 38.76 -31.20 26.91
C GLN B 539 39.18 -30.11 27.88
N LEU B 540 38.29 -29.20 28.27
CA LEU B 540 38.62 -28.13 29.21
C LEU B 540 38.03 -28.51 30.56
N SER B 541 38.90 -28.61 31.56
CA SER B 541 38.44 -28.88 32.91
C SER B 541 37.45 -27.81 33.36
N ALA B 542 36.48 -28.19 34.19
CA ALA B 542 35.59 -27.19 34.73
C ALA B 542 36.32 -26.09 35.51
N MET B 543 37.53 -26.34 36.00
CA MET B 543 38.35 -25.30 36.65
C MET B 543 39.30 -24.61 35.68
N HIS B 544 39.27 -24.96 34.41
CA HIS B 544 40.05 -24.23 33.41
C HIS B 544 39.47 -22.83 33.22
N PRO B 545 40.31 -21.80 33.14
CA PRO B 545 39.77 -20.43 32.99
C PRO B 545 38.96 -20.23 31.72
N ILE B 546 39.33 -20.87 30.63
CA ILE B 546 38.62 -20.68 29.38
C ILE B 546 37.30 -21.43 29.40
N TYR B 547 37.24 -22.55 30.12
CA TYR B 547 35.94 -23.18 30.37
C TYR B 547 35.00 -22.20 31.08
N ARG B 548 35.49 -21.56 32.14
CA ARG B 548 34.64 -20.69 32.93
C ARG B 548 34.29 -19.38 32.21
N LEU B 549 35.11 -18.96 31.24
CA LEU B 549 34.74 -17.84 30.38
C LEU B 549 33.64 -18.25 29.40
N LEU B 550 33.86 -19.36 28.69
CA LEU B 550 32.92 -19.84 27.68
C LEU B 550 31.59 -20.26 28.27
N HIS B 551 31.59 -20.75 29.52
CA HIS B 551 30.49 -21.55 30.03
C HIS B 551 29.12 -20.88 29.94
N PRO B 552 28.93 -19.63 30.40
CA PRO B 552 27.59 -19.05 30.35
C PRO B 552 27.08 -18.83 28.94
N HIS B 553 27.97 -18.60 27.97
CA HIS B 553 27.58 -18.38 26.58
C HIS B 553 27.11 -19.64 25.86
N PHE B 554 27.23 -20.81 26.49
CA PHE B 554 26.81 -22.08 25.91
C PHE B 554 25.57 -22.65 26.60
N ARG B 555 24.96 -21.92 27.54
CA ARG B 555 23.80 -22.43 28.25
C ARG B 555 22.59 -22.58 27.30
N TYR B 556 21.85 -23.68 27.48
CA TYR B 556 20.58 -23.98 26.78
C TYR B 556 20.70 -24.36 25.30
N THR B 557 21.89 -24.21 24.69
CA THR B 557 21.98 -24.39 23.24
C THR B 557 21.80 -25.85 22.85
N MET B 558 22.51 -26.77 23.52
CA MET B 558 22.40 -28.19 23.17
C MET B 558 20.96 -28.69 23.32
N GLU B 559 20.23 -28.21 24.32
CA GLU B 559 18.85 -28.63 24.49
C GLU B 559 17.96 -28.05 23.39
N ILE B 560 18.13 -26.76 23.07
CA ILE B 560 17.39 -26.16 21.97
C ILE B 560 17.69 -26.89 20.68
N ASN B 561 18.96 -27.24 20.45
CA ASN B 561 19.30 -27.97 19.25
C ASN B 561 18.64 -29.35 19.20
N ALA B 562 18.60 -30.06 20.34
CA ALA B 562 17.88 -31.34 20.37
C ALA B 562 16.40 -31.14 20.06
N LEU B 563 15.80 -30.06 20.57
CA LEU B 563 14.41 -29.77 20.22
C LEU B 563 14.27 -29.50 18.72
N ALA B 564 15.26 -28.81 18.13
CA ALA B 564 15.19 -28.54 16.69
C ALA B 564 15.27 -29.83 15.88
N ARG B 565 16.12 -30.78 16.30
CA ARG B 565 16.21 -32.03 15.57
C ARG B 565 14.95 -32.85 15.75
N GLU B 566 14.25 -32.64 16.86
CA GLU B 566 13.04 -33.39 17.14
C GLU B 566 11.84 -32.86 16.36
N ALA B 567 11.77 -31.52 16.19
CA ALA B 567 10.51 -30.89 15.81
C ALA B 567 10.63 -29.69 14.89
N LEU B 568 11.83 -29.25 14.53
CA LEU B 568 11.99 -28.08 13.68
C LEU B 568 12.59 -28.40 12.31
N ILE B 569 13.73 -29.08 12.28
CA ILE B 569 14.44 -29.40 11.03
C ILE B 569 14.30 -30.86 10.66
N ASN B 570 13.37 -31.58 11.27
CA ASN B 570 13.14 -32.99 10.98
C ASN B 570 12.15 -33.14 9.81
N ALA B 571 12.10 -34.37 9.27
CA ALA B 571 11.18 -34.69 8.19
C ALA B 571 9.75 -34.39 8.60
N ASP B 572 9.06 -33.59 7.79
CA ASP B 572 7.70 -33.14 8.06
C ASP B 572 7.58 -32.32 9.34
N GLY B 573 8.69 -31.78 9.84
CA GLY B 573 8.66 -30.83 10.92
C GLY B 573 8.20 -29.46 10.45
N ILE B 574 8.46 -28.46 11.30
CA ILE B 574 7.84 -27.16 11.08
C ILE B 574 8.47 -26.45 9.87
N ILE B 575 9.78 -26.57 9.69
CA ILE B 575 10.39 -25.88 8.56
C ILE B 575 9.94 -26.51 7.24
N GLU B 576 10.02 -27.83 7.14
CA GLU B 576 9.67 -28.49 5.90
C GLU B 576 8.24 -28.20 5.49
N SER B 577 7.34 -27.98 6.44
CA SER B 577 5.93 -27.86 6.10
C SER B 577 5.51 -26.42 5.83
N ALA B 578 6.33 -25.43 6.16
CA ALA B 578 5.94 -24.04 6.00
C ALA B 578 6.91 -23.22 5.15
N PHE B 579 8.02 -23.78 4.69
CA PHE B 579 9.04 -23.01 3.99
C PHE B 579 9.19 -23.51 2.56
N THR B 580 9.47 -22.58 1.65
CA THR B 580 9.70 -22.83 0.22
C THR B 580 10.39 -24.16 -0.12
N PRO B 581 11.56 -24.51 0.45
CA PRO B 581 12.29 -25.69 -0.06
C PRO B 581 11.70 -27.02 0.39
N GLY B 582 10.76 -27.03 1.33
CA GLY B 582 10.12 -28.29 1.68
C GLY B 582 11.13 -29.26 2.26
N LYS B 583 11.08 -30.51 1.79
CA LYS B 583 11.98 -31.52 2.32
C LYS B 583 13.44 -31.27 1.94
N TYR B 584 13.71 -30.28 1.10
CA TYR B 584 15.09 -29.98 0.75
C TYR B 584 15.69 -28.88 1.60
N SER B 585 14.93 -28.35 2.57
CA SER B 585 15.38 -27.21 3.35
C SER B 585 16.70 -27.50 4.08
N THR B 586 16.75 -28.60 4.85
CA THR B 586 17.95 -28.79 5.67
C THR B 586 19.17 -29.08 4.80
N GLU B 587 18.97 -29.74 3.66
CA GLU B 587 20.05 -29.96 2.71
C GLU B 587 20.66 -28.64 2.25
N ILE B 588 19.83 -27.61 2.09
CA ILE B 588 20.35 -26.32 1.66
C ILE B 588 21.28 -25.73 2.71
N SER B 589 20.94 -25.87 4.00
CA SER B 589 21.89 -25.43 5.02
C SER B 589 23.22 -26.18 4.93
N SER B 590 23.19 -27.45 4.52
CA SER B 590 24.42 -28.21 4.34
C SER B 590 25.24 -27.67 3.19
N ALA B 591 24.58 -27.27 2.08
CA ALA B 591 25.26 -26.63 0.95
C ALA B 591 25.87 -25.30 1.36
N ALA B 592 25.15 -24.51 2.15
CA ALA B 592 25.71 -23.25 2.61
C ALA B 592 26.91 -23.50 3.50
N TYR B 593 26.82 -24.50 4.38
CA TYR B 593 27.99 -24.89 5.17
C TYR B 593 29.14 -25.30 4.28
N GLY B 594 28.88 -26.18 3.30
CA GLY B 594 29.95 -26.67 2.47
C GLY B 594 30.60 -25.56 1.64
N LEU B 595 29.77 -24.74 0.98
CA LEU B 595 30.30 -23.78 0.03
C LEU B 595 30.89 -22.55 0.71
N GLN B 596 30.28 -22.08 1.79
CA GLN B 596 30.52 -20.76 2.35
C GLN B 596 31.11 -20.71 3.77
N TRP B 597 30.75 -21.64 4.66
CA TRP B 597 31.12 -21.43 6.07
C TRP B 597 32.63 -21.59 6.29
N ARG B 598 33.20 -20.64 7.02
CA ARG B 598 34.58 -20.71 7.46
C ARG B 598 34.72 -19.94 8.77
N PHE B 599 35.45 -20.51 9.72
CA PHE B 599 35.51 -19.93 11.06
C PHE B 599 35.99 -18.49 11.03
N ASP B 600 36.98 -18.19 10.18
CA ASP B 600 37.67 -16.91 10.21
C ASP B 600 36.87 -15.77 9.61
N THR B 601 35.66 -16.01 9.07
CA THR B 601 34.76 -14.92 8.69
C THR B 601 33.51 -14.89 9.55
N GLN B 602 33.49 -15.62 10.66
CA GLN B 602 32.32 -15.54 11.55
C GLN B 602 32.42 -14.41 12.56
N GLY B 603 33.61 -13.86 12.79
CA GLY B 603 33.71 -12.61 13.55
C GLY B 603 33.15 -11.45 12.73
N LEU B 604 32.61 -10.44 13.42
CA LEU B 604 31.91 -9.37 12.70
C LEU B 604 32.82 -8.57 11.76
N PRO B 605 34.02 -8.12 12.14
CA PRO B 605 34.85 -7.41 11.14
C PRO B 605 35.13 -8.24 9.89
N ALA B 606 35.54 -9.50 10.05
CA ALA B 606 35.86 -10.33 8.89
C ALA B 606 34.63 -10.59 8.03
N ASP B 607 33.45 -10.76 8.65
CA ASP B 607 32.23 -10.92 7.86
C ASP B 607 31.94 -9.68 7.02
N LEU B 608 31.96 -8.51 7.65
CA LEU B 608 31.74 -7.26 6.90
C LEU B 608 32.77 -7.12 5.79
N ILE B 609 34.04 -7.37 6.10
CA ILE B 609 35.09 -7.30 5.08
C ILE B 609 34.81 -8.30 3.97
N SER B 610 34.46 -9.54 4.34
CA SER B 610 34.23 -10.58 3.35
C SER B 610 33.13 -10.20 2.36
N ARG B 611 32.11 -9.48 2.81
CA ARG B 611 30.98 -9.11 1.96
C ARG B 611 31.19 -7.82 1.20
N GLY B 612 32.35 -7.18 1.31
CA GLY B 612 32.60 -5.94 0.63
C GLY B 612 31.95 -4.73 1.26
N ILE B 613 31.34 -4.90 2.44
CA ILE B 613 30.76 -3.77 3.14
C ILE B 613 31.85 -2.91 3.79
N ALA B 614 32.99 -3.51 4.12
CA ALA B 614 34.01 -2.79 4.89
C ALA B 614 35.40 -3.10 4.34
N VAL B 615 36.30 -2.13 4.49
CA VAL B 615 37.74 -2.35 4.36
C VAL B 615 38.39 -1.83 5.63
N GLU B 616 39.54 -2.39 5.96
CA GLU B 616 40.27 -1.91 7.13
C GLU B 616 40.78 -0.49 6.88
N ASP B 617 40.71 0.35 7.93
CA ASP B 617 41.12 1.74 7.88
C ASP B 617 41.46 2.20 9.30
N PRO B 618 42.74 2.38 9.63
CA PRO B 618 43.11 2.63 11.03
C PRO B 618 42.51 3.90 11.59
N SER B 619 42.28 4.92 10.76
CA SER B 619 41.67 6.16 11.25
C SER B 619 40.22 5.94 11.64
N SER B 620 39.40 5.43 10.70
CA SER B 620 37.94 5.24 10.85
C SER B 620 37.56 4.59 12.18
N PRO B 621 36.33 4.82 12.65
CA PRO B 621 35.86 4.14 13.86
C PRO B 621 35.92 2.62 13.73
N HIS B 622 36.44 1.98 14.78
CA HIS B 622 36.69 0.54 14.87
C HIS B 622 37.70 0.04 13.84
N GLY B 623 38.42 0.93 13.17
CA GLY B 623 39.36 0.50 12.16
C GLY B 623 38.74 0.06 10.85
N LEU B 624 37.46 0.36 10.62
CA LEU B 624 36.76 -0.11 9.43
C LEU B 624 36.05 1.05 8.76
N LYS B 625 36.27 1.19 7.46
CA LYS B 625 35.53 2.12 6.62
C LYS B 625 34.40 1.36 5.93
N LEU B 626 33.17 1.77 6.20
CA LEU B 626 31.98 1.09 5.72
C LEU B 626 31.46 1.74 4.45
N ALA B 627 31.29 0.95 3.40
CA ALA B 627 30.63 1.44 2.19
C ALA B 627 29.16 1.78 2.43
N ILE B 628 28.55 1.22 3.46
CA ILE B 628 27.19 1.58 3.86
C ILE B 628 27.33 2.20 5.25
N PRO B 629 27.44 3.52 5.35
CA PRO B 629 27.83 4.12 6.64
C PRO B 629 26.74 4.07 7.71
N ASP B 630 25.47 4.18 7.34
CA ASP B 630 24.35 4.01 8.28
C ASP B 630 23.82 2.60 8.05
N TYR B 631 24.36 1.66 8.82
CA TYR B 631 24.09 0.23 8.64
C TYR B 631 23.83 -0.26 10.04
N PRO B 632 22.61 -0.06 10.55
CA PRO B 632 22.38 -0.17 12.00
C PRO B 632 22.91 -1.44 12.61
N PHE B 633 22.76 -2.58 11.92
CA PHE B 633 23.32 -3.82 12.43
C PHE B 633 24.84 -3.77 12.55
N ALA B 634 25.52 -3.34 11.49
CA ALA B 634 26.97 -3.26 11.53
C ALA B 634 27.45 -2.21 12.55
N ASN B 635 26.82 -1.02 12.58
CA ASN B 635 27.26 0.04 13.50
C ASN B 635 27.13 -0.40 14.95
N ASP B 636 25.95 -0.90 15.33
CA ASP B 636 25.76 -1.32 16.72
C ASP B 636 26.55 -2.57 17.02
N GLY B 637 26.64 -3.49 16.05
CA GLY B 637 27.39 -4.72 16.26
C GLY B 637 28.86 -4.49 16.51
N LEU B 638 29.46 -3.51 15.83
CA LEU B 638 30.89 -3.25 16.04
C LEU B 638 31.16 -2.68 17.42
N LEU B 639 30.21 -1.95 18.01
CA LEU B 639 30.38 -1.54 19.41
C LEU B 639 30.39 -2.76 20.33
N LEU B 640 29.38 -3.63 20.21
CA LEU B 640 29.35 -4.87 20.98
C LEU B 640 30.61 -5.68 20.75
N TRP B 641 31.03 -5.80 19.49
CA TRP B 641 32.21 -6.60 19.17
C TRP B 641 33.44 -6.08 19.89
N ASP B 642 33.64 -4.76 19.90
CA ASP B 642 34.82 -4.19 20.55
C ASP B 642 34.80 -4.41 22.06
N ALA B 643 33.63 -4.27 22.68
CA ALA B 643 33.52 -4.45 24.13
C ALA B 643 33.81 -5.89 24.52
N ILE B 644 33.21 -6.84 23.80
CA ILE B 644 33.48 -8.25 24.07
C ILE B 644 34.97 -8.52 23.91
N LYS B 645 35.56 -8.04 22.81
CA LYS B 645 36.97 -8.32 22.56
C LYS B 645 37.86 -7.78 23.69
N GLU B 646 37.56 -6.59 24.20
CA GLU B 646 38.36 -6.01 25.27
C GLU B 646 38.21 -6.82 26.55
N TRP B 647 37.02 -7.37 26.80
CA TRP B 647 36.81 -8.23 27.96
C TRP B 647 37.54 -9.56 27.80
N VAL B 648 37.44 -10.17 26.63
CA VAL B 648 38.16 -11.42 26.39
C VAL B 648 39.66 -11.19 26.47
N THR B 649 40.11 -10.04 25.97
CA THR B 649 41.53 -9.71 26.04
C THR B 649 42.02 -9.60 27.48
N ASP B 650 41.29 -8.85 28.32
CA ASP B 650 41.65 -8.73 29.73
C ASP B 650 41.69 -10.09 30.39
N TYR B 651 40.69 -10.93 30.09
CA TYR B 651 40.56 -12.23 30.72
C TYR B 651 41.69 -13.16 30.31
N VAL B 652 41.94 -13.27 28.99
CA VAL B 652 43.02 -14.13 28.55
C VAL B 652 44.36 -13.67 29.12
N ASN B 653 44.63 -12.36 29.08
CA ASN B 653 45.93 -11.86 29.52
C ASN B 653 46.18 -12.10 31.00
N PHE B 654 45.12 -12.22 31.80
CA PHE B 654 45.31 -12.53 33.22
C PHE B 654 45.88 -13.93 33.42
N PHE B 655 45.52 -14.87 32.52
CA PHE B 655 45.91 -16.27 32.68
C PHE B 655 47.03 -16.70 31.74
N TYR B 656 47.13 -16.11 30.55
CA TYR B 656 48.20 -16.45 29.62
C TYR B 656 49.11 -15.24 29.46
N LYS B 657 50.31 -15.32 30.03
CA LYS B 657 51.25 -14.22 30.02
C LYS B 657 52.11 -14.18 28.76
N ASP B 658 52.17 -15.26 27.98
CA ASP B 658 52.94 -15.28 26.75
C ASP B 658 52.51 -16.47 25.91
N ALA B 659 53.18 -16.64 24.77
CA ALA B 659 52.80 -17.68 23.83
C ALA B 659 53.13 -19.07 24.37
N SER B 660 54.23 -19.19 25.14
CA SER B 660 54.62 -20.50 25.65
C SER B 660 53.58 -21.08 26.59
N MET B 661 52.87 -20.22 27.34
CA MET B 661 51.78 -20.70 28.18
C MET B 661 50.55 -21.13 27.36
N VAL B 662 50.35 -20.52 26.19
CA VAL B 662 49.31 -21.01 25.27
C VAL B 662 49.75 -22.31 24.62
N LYS B 663 50.98 -22.34 24.10
CA LYS B 663 51.47 -23.54 23.43
C LYS B 663 51.50 -24.73 24.38
N SER B 664 51.86 -24.53 25.65
CA SER B 664 52.01 -25.66 26.55
C SER B 664 50.72 -26.05 27.28
N ASP B 665 49.60 -25.37 27.02
CA ASP B 665 48.33 -25.77 27.64
C ASP B 665 47.79 -26.99 26.89
N ALA B 666 47.93 -28.18 27.48
CA ALA B 666 47.53 -29.39 26.76
C ALA B 666 46.01 -29.55 26.69
N GLU B 667 45.27 -29.05 27.68
CA GLU B 667 43.81 -29.07 27.57
C GLU B 667 43.35 -28.15 26.45
N LEU B 668 43.96 -26.96 26.35
CA LEU B 668 43.57 -25.98 25.33
C LEU B 668 43.89 -26.48 23.93
N GLN B 669 45.10 -26.99 23.73
CA GLN B 669 45.48 -27.56 22.45
C GLN B 669 44.55 -28.71 22.06
N ALA B 670 44.22 -29.60 23.00
CA ALA B 670 43.32 -30.72 22.69
C ALA B 670 41.94 -30.20 22.28
N TRP B 671 41.47 -29.17 22.97
CA TRP B 671 40.16 -28.57 22.72
C TRP B 671 40.06 -28.05 21.28
N TRP B 672 41.04 -27.26 20.86
CA TRP B 672 41.00 -26.64 19.55
C TRP B 672 41.25 -27.67 18.45
N THR B 673 42.12 -28.65 18.71
CA THR B 673 42.31 -29.73 17.76
C THR B 673 41.03 -30.55 17.60
N GLU B 674 40.31 -30.77 18.69
CA GLU B 674 39.11 -31.60 18.56
C GLU B 674 37.98 -30.87 17.84
N ILE B 675 37.82 -29.57 18.12
CA ILE B 675 36.83 -28.77 17.41
C ILE B 675 37.02 -28.90 15.89
N ARG B 676 38.27 -28.83 15.45
CA ARG B 676 38.52 -28.83 14.02
C ARG B 676 38.45 -30.23 13.43
N THR B 677 39.06 -31.21 14.08
CA THR B 677 39.17 -32.53 13.49
C THR B 677 37.96 -33.41 13.76
N ARG B 678 37.13 -33.08 14.75
CA ARG B 678 35.95 -33.88 15.06
C ARG B 678 34.67 -33.08 14.95
N GLY B 679 34.57 -31.96 15.66
CA GLY B 679 33.32 -31.21 15.65
C GLY B 679 32.99 -30.66 14.27
N HIS B 680 34.02 -30.21 13.55
CA HIS B 680 33.87 -29.73 12.18
C HIS B 680 34.73 -30.58 11.25
N GLU B 681 34.64 -31.91 11.42
CA GLU B 681 35.50 -32.85 10.70
C GLU B 681 35.48 -32.65 9.19
N ASP B 682 34.31 -32.32 8.61
CA ASP B 682 34.20 -32.24 7.15
C ASP B 682 34.97 -31.06 6.56
N LYS B 683 35.43 -30.12 7.40
CA LYS B 683 36.26 -29.00 6.97
C LYS B 683 37.65 -29.01 7.61
N LYS B 684 38.09 -30.17 8.13
CA LYS B 684 39.29 -30.17 8.96
C LYS B 684 40.54 -29.85 8.16
N ASP B 685 40.54 -30.12 6.86
CA ASP B 685 41.71 -29.89 6.03
C ASP B 685 41.76 -28.49 5.42
N GLU B 686 40.75 -27.65 5.66
CA GLU B 686 40.77 -26.31 5.09
C GLU B 686 41.92 -25.51 5.67
N THR B 687 42.45 -24.58 4.88
CA THR B 687 43.61 -23.81 5.29
C THR B 687 43.25 -22.57 6.11
N TRP B 688 41.96 -22.28 6.30
CA TRP B 688 41.60 -21.03 6.96
C TRP B 688 41.42 -21.19 8.47
N TRP B 689 41.76 -22.34 9.04
CA TRP B 689 41.60 -22.52 10.47
C TRP B 689 42.66 -21.73 11.23
N PRO B 690 42.28 -20.88 12.18
CA PRO B 690 43.28 -20.12 12.95
C PRO B 690 44.25 -21.03 13.68
N ASP B 691 45.49 -20.59 13.80
CA ASP B 691 46.44 -21.22 14.71
C ASP B 691 46.09 -20.89 16.16
N LEU B 692 46.57 -21.72 17.08
CA LEU B 692 46.42 -21.44 18.51
C LEU B 692 47.81 -21.50 19.14
N LYS B 693 48.58 -20.43 18.98
CA LYS B 693 49.94 -20.39 19.48
C LYS B 693 50.28 -19.18 20.34
N THR B 694 49.42 -18.16 20.39
CA THR B 694 49.69 -16.93 21.11
C THR B 694 48.43 -16.52 21.87
N PRO B 695 48.57 -15.68 22.90
CA PRO B 695 47.35 -15.13 23.54
C PRO B 695 46.42 -14.42 22.56
N GLN B 696 46.97 -13.79 21.52
CA GLN B 696 46.14 -13.08 20.55
C GLN B 696 45.31 -14.05 19.70
N ASP B 697 45.89 -15.18 19.29
CA ASP B 697 45.13 -16.25 18.64
C ASP B 697 43.93 -16.67 19.48
N LEU B 698 44.15 -16.88 20.78
CA LEU B 698 43.08 -17.33 21.66
C LEU B 698 41.99 -16.27 21.77
N ILE B 699 42.39 -15.01 21.95
CA ILE B 699 41.45 -13.91 22.03
C ILE B 699 40.57 -13.87 20.78
N GLY B 700 41.19 -14.08 19.61
CA GLY B 700 40.43 -14.08 18.38
C GLY B 700 39.40 -15.20 18.32
N ILE B 701 39.80 -16.41 18.73
CA ILE B 701 38.89 -17.55 18.69
C ILE B 701 37.73 -17.34 19.65
N VAL B 702 38.02 -16.88 20.87
CA VAL B 702 37.00 -16.79 21.91
C VAL B 702 36.05 -15.62 21.62
N THR B 703 36.59 -14.50 21.17
CA THR B 703 35.72 -13.38 20.79
C THR B 703 34.76 -13.80 19.69
N THR B 704 35.25 -14.55 18.70
CA THR B 704 34.35 -15.05 17.64
C THR B 704 33.23 -15.91 18.22
N MET B 705 33.57 -16.88 19.07
CA MET B 705 32.55 -17.74 19.65
C MET B 705 31.53 -16.93 20.45
N VAL B 706 32.01 -16.00 21.28
CA VAL B 706 31.10 -15.27 22.16
C VAL B 706 30.23 -14.32 21.34
N TRP B 707 30.81 -13.68 20.32
CA TRP B 707 30.02 -12.82 19.43
C TRP B 707 28.86 -13.59 18.83
N VAL B 708 29.13 -14.81 18.35
CA VAL B 708 28.11 -15.63 17.67
C VAL B 708 26.96 -15.96 18.63
N THR B 709 27.28 -16.30 19.88
CA THR B 709 26.28 -16.80 20.82
C THR B 709 25.46 -15.68 21.43
N SER B 710 25.96 -14.45 21.35
CA SER B 710 25.29 -13.30 21.94
C SER B 710 24.83 -12.36 20.83
N GLY B 711 25.75 -11.58 20.24
CA GLY B 711 25.36 -10.55 19.27
C GLY B 711 24.78 -11.08 17.98
N HIS B 712 25.46 -12.04 17.33
CA HIS B 712 24.96 -12.61 16.07
C HIS B 712 23.57 -13.20 16.28
N HIS B 713 23.42 -14.04 17.31
CA HIS B 713 22.13 -14.68 17.52
C HIS B 713 21.05 -13.66 17.87
N ALA B 714 21.42 -12.65 18.67
CA ALA B 714 20.45 -11.59 18.99
C ALA B 714 19.96 -10.88 17.72
N ALA B 715 20.88 -10.65 16.77
CA ALA B 715 20.55 -9.86 15.58
C ALA B 715 19.62 -10.58 14.61
N VAL B 716 19.57 -11.91 14.66
CA VAL B 716 18.70 -12.67 13.77
C VAL B 716 17.45 -13.19 14.48
N ASN B 717 17.21 -12.76 15.73
CA ASN B 717 15.96 -13.00 16.45
C ASN B 717 15.36 -11.66 16.89
N PRO B 728 7.95 -9.30 11.87
CA PRO B 728 7.76 -10.68 11.38
C PRO B 728 6.68 -10.78 10.30
N ASN B 729 6.75 -9.92 9.30
CA ASN B 729 5.77 -9.85 8.23
C ASN B 729 6.12 -10.70 7.01
N ARG B 730 7.31 -11.27 6.97
CA ARG B 730 7.76 -11.82 5.69
C ARG B 730 7.14 -13.18 5.41
N PRO B 731 6.82 -13.48 4.15
CA PRO B 731 6.36 -14.83 3.82
C PRO B 731 7.50 -15.84 3.89
N THR B 732 7.22 -17.01 4.42
CA THR B 732 8.23 -18.07 4.44
C THR B 732 8.15 -19.00 3.22
N ILE B 733 7.12 -18.86 2.41
CA ILE B 733 6.92 -19.70 1.23
C ILE B 733 6.14 -18.89 0.19
N ALA B 734 6.48 -19.09 -1.09
CA ALA B 734 5.72 -18.53 -2.21
C ALA B 734 5.17 -19.71 -3.00
N ARG B 735 3.86 -19.90 -2.98
CA ARG B 735 3.27 -21.17 -3.39
C ARG B 735 2.99 -21.26 -4.89
N THR B 736 3.10 -20.18 -5.65
CA THR B 736 2.77 -20.23 -7.07
C THR B 736 3.82 -19.50 -7.89
N ASN B 737 3.98 -19.92 -9.14
CA ASN B 737 4.92 -19.25 -10.03
C ASN B 737 4.41 -17.87 -10.43
N LEU B 738 5.34 -17.03 -10.88
CA LEU B 738 4.98 -15.73 -11.43
C LEU B 738 3.96 -15.90 -12.54
N PRO B 739 2.98 -14.98 -12.66
CA PRO B 739 2.03 -15.07 -13.78
C PRO B 739 2.68 -14.93 -15.14
N SER B 740 3.81 -14.24 -15.21
CA SER B 740 4.55 -14.08 -16.45
C SER B 740 5.43 -15.30 -16.80
N GLU B 741 5.41 -16.37 -16.01
CA GLU B 741 6.20 -17.55 -16.35
C GLU B 741 5.33 -18.46 -17.22
N ASP B 742 5.70 -18.56 -18.49
CA ASP B 742 5.01 -19.36 -19.49
C ASP B 742 3.48 -19.26 -19.34
N PRO B 743 2.93 -18.04 -19.40
CA PRO B 743 1.48 -17.89 -19.17
C PRO B 743 0.68 -18.50 -20.30
N THR B 744 -0.53 -18.93 -19.95
CA THR B 744 -1.59 -19.20 -20.91
C THR B 744 -2.42 -17.93 -21.09
N GLU B 745 -3.09 -17.84 -22.24
CA GLU B 745 -3.92 -16.67 -22.50
C GLU B 745 -4.92 -16.45 -21.36
N GLU B 746 -5.56 -17.53 -20.92
CA GLU B 746 -6.59 -17.37 -19.90
C GLU B 746 -6.04 -17.31 -18.47
N GLY B 747 -4.86 -17.89 -18.21
CA GLY B 747 -4.23 -17.68 -16.93
C GLY B 747 -3.78 -16.24 -16.75
N TRP B 748 -3.23 -15.65 -17.81
CA TRP B 748 -2.84 -14.25 -17.79
C TRP B 748 -4.05 -13.34 -17.58
N ARG B 749 -5.18 -13.67 -18.21
CA ARG B 749 -6.35 -12.81 -18.07
C ARG B 749 -6.94 -12.89 -16.66
N ARG B 750 -6.88 -14.08 -16.05
CA ARG B 750 -7.31 -14.21 -14.66
C ARG B 750 -6.45 -13.36 -13.74
N PHE B 751 -5.14 -13.30 -13.99
CA PHE B 751 -4.26 -12.48 -13.17
C PHE B 751 -4.57 -10.99 -13.33
N LEU B 752 -4.80 -10.54 -14.57
CA LEU B 752 -5.14 -9.13 -14.79
C LEU B 752 -6.46 -8.78 -14.10
N HIS B 753 -7.41 -9.70 -14.07
CA HIS B 753 -8.73 -9.37 -13.54
C HIS B 753 -8.73 -9.30 -12.02
N LYS B 754 -8.04 -10.25 -11.36
CA LYS B 754 -8.00 -10.29 -9.90
C LYS B 754 -6.58 -10.61 -9.44
N PRO B 755 -5.68 -9.62 -9.48
CA PRO B 755 -4.30 -9.87 -9.05
C PRO B 755 -4.17 -10.06 -7.55
N GLU B 756 -5.10 -9.52 -6.77
CA GLU B 756 -5.14 -9.79 -5.34
C GLU B 756 -5.32 -11.29 -5.05
N ASN B 757 -6.14 -11.96 -5.86
CA ASN B 757 -6.32 -13.40 -5.71
C ASN B 757 -5.03 -14.14 -5.99
N GLU B 758 -4.28 -13.70 -7.00
CA GLU B 758 -3.01 -14.34 -7.32
C GLU B 758 -2.01 -14.15 -6.20
N LEU B 759 -1.99 -12.95 -5.61
CA LEU B 759 -1.14 -12.72 -4.45
C LEU B 759 -1.49 -13.66 -3.30
N LEU B 760 -2.78 -13.78 -2.98
CA LEU B 760 -3.19 -14.67 -1.90
C LEU B 760 -2.90 -16.12 -2.23
N ALA B 761 -2.99 -16.52 -3.49
CA ALA B 761 -2.61 -17.89 -3.85
C ALA B 761 -1.12 -18.12 -3.71
N CYS B 762 -0.31 -17.07 -3.83
CA CYS B 762 1.13 -17.22 -3.70
C CYS B 762 1.58 -17.16 -2.24
N LEU B 763 0.98 -16.26 -1.47
CA LEU B 763 1.32 -16.08 -0.07
C LEU B 763 1.04 -17.35 0.72
N PRO B 764 1.69 -17.51 1.87
CA PRO B 764 1.38 -18.65 2.73
C PRO B 764 -0.09 -18.65 3.12
N THR B 765 -0.65 -19.85 3.22
CA THR B 765 -1.99 -20.00 3.78
C THR B 765 -2.00 -19.47 5.20
N GLN B 766 -3.19 -19.01 5.64
CA GLN B 766 -3.32 -18.51 7.00
C GLN B 766 -2.94 -19.57 8.03
N LEU B 767 -2.96 -20.85 7.65
CA LEU B 767 -2.46 -21.91 8.53
C LEU B 767 -0.94 -21.92 8.60
N GLN B 768 -0.28 -21.91 7.44
CA GLN B 768 1.18 -21.91 7.41
C GLN B 768 1.74 -20.73 8.18
N ALA B 769 1.20 -19.53 7.94
CA ALA B 769 1.62 -18.36 8.69
C ALA B 769 1.35 -18.52 10.18
N ALA B 770 0.14 -18.98 10.52
CA ALA B 770 -0.16 -19.28 11.92
C ALA B 770 0.76 -20.36 12.48
N LYS B 771 1.23 -21.28 11.63
CA LYS B 771 2.21 -22.27 12.08
C LYS B 771 3.51 -21.58 12.48
N VAL B 772 4.13 -20.85 11.56
CA VAL B 772 5.44 -20.26 11.82
C VAL B 772 5.37 -19.30 13.01
N LEU B 773 4.39 -18.39 13.00
CA LEU B 773 4.30 -17.36 14.03
C LEU B 773 4.10 -17.98 15.41
N THR B 774 3.08 -18.84 15.56
CA THR B 774 2.83 -19.51 16.84
C THR B 774 4.01 -20.37 17.28
N VAL B 775 4.88 -20.78 16.35
CA VAL B 775 6.03 -21.60 16.73
C VAL B 775 7.11 -20.74 17.39
N LEU B 776 7.18 -19.45 17.06
CA LEU B 776 8.06 -18.57 17.81
C LEU B 776 7.69 -18.65 19.29
N ASP B 777 8.42 -19.51 20.02
CA ASP B 777 8.03 -20.12 21.31
C ASP B 777 6.62 -19.82 21.80
N GLU B 786 18.57 -16.17 29.85
CA GLU B 786 17.88 -15.58 30.99
C GLU B 786 18.29 -14.13 31.20
N GLU B 787 19.35 -13.91 31.96
CA GLU B 787 19.86 -12.57 32.18
C GLU B 787 20.59 -12.05 30.93
N TYR B 788 20.76 -10.74 30.87
CA TYR B 788 21.41 -10.14 29.70
C TYR B 788 22.94 -10.25 29.81
N LEU B 789 23.59 -10.19 28.65
CA LEU B 789 25.02 -9.93 28.59
C LEU B 789 25.40 -8.75 29.46
N GLY B 790 26.36 -8.97 30.36
CA GLY B 790 26.86 -7.92 31.23
C GLY B 790 26.09 -7.70 32.52
N GLU B 791 25.09 -8.51 32.82
CA GLU B 791 24.36 -8.30 34.08
C GLU B 791 24.87 -9.17 35.23
N HIS B 792 25.29 -10.40 35.00
CA HIS B 792 25.53 -11.33 36.10
C HIS B 792 26.96 -11.83 36.07
N LEU B 793 27.62 -11.77 37.24
CA LEU B 793 28.95 -12.36 37.40
C LEU B 793 28.84 -13.88 37.55
N GLU B 794 29.66 -14.61 36.80
CA GLU B 794 29.86 -16.02 37.11
C GLU B 794 30.56 -16.14 38.46
N PRO B 795 30.23 -17.16 39.27
CA PRO B 795 30.91 -17.32 40.58
C PRO B 795 32.43 -17.17 40.54
N ALA B 796 33.10 -17.73 39.52
CA ALA B 796 34.56 -17.70 39.48
C ALA B 796 35.10 -16.33 39.07
N TRP B 797 34.39 -15.63 38.18
CA TRP B 797 34.76 -14.26 37.84
C TRP B 797 34.72 -13.36 39.07
N GLY B 798 33.68 -13.48 39.88
CA GLY B 798 33.52 -12.65 41.06
C GLY B 798 34.49 -12.96 42.18
N ALA B 799 35.20 -14.09 42.08
CA ALA B 799 36.14 -14.55 43.09
C ALA B 799 37.55 -14.04 42.85
N ASP B 800 37.91 -13.73 41.62
CA ASP B 800 39.21 -13.13 41.31
C ASP B 800 39.00 -11.62 41.24
N PRO B 801 39.58 -10.83 42.17
CA PRO B 801 39.30 -9.38 42.14
C PRO B 801 39.60 -8.74 40.81
N LEU B 802 40.64 -9.20 40.09
CA LEU B 802 40.99 -8.58 38.82
C LEU B 802 40.00 -8.97 37.73
N ILE B 803 39.57 -10.23 37.72
CA ILE B 803 38.55 -10.64 36.76
C ILE B 803 37.25 -9.90 37.03
N LYS B 804 36.89 -9.76 38.31
CA LYS B 804 35.68 -9.04 38.65
C LYS B 804 35.74 -7.60 38.17
N ALA B 805 36.90 -6.93 38.35
CA ALA B 805 37.08 -5.56 37.86
C ALA B 805 36.95 -5.48 36.35
N ALA B 806 37.50 -6.47 35.63
CA ALA B 806 37.35 -6.47 34.17
C ALA B 806 35.89 -6.61 33.78
N PHE B 807 35.14 -7.43 34.52
CA PHE B 807 33.72 -7.59 34.19
C PHE B 807 32.95 -6.30 34.45
N GLU B 808 33.26 -5.59 35.53
CA GLU B 808 32.60 -4.31 35.78
C GLU B 808 32.84 -3.33 34.63
N ARG B 809 34.07 -3.31 34.10
CA ARG B 809 34.36 -2.43 32.97
C ARG B 809 33.60 -2.89 31.72
N PHE B 810 33.43 -4.21 31.56
CA PHE B 810 32.61 -4.76 30.47
C PHE B 810 31.17 -4.32 30.61
N SER B 811 30.59 -4.56 31.78
CA SER B 811 29.23 -4.12 32.06
C SER B 811 29.06 -2.63 31.79
N GLY B 812 30.01 -1.82 32.24
CA GLY B 812 29.92 -0.39 32.02
C GLY B 812 29.93 -0.02 30.54
N ARG B 813 30.80 -0.68 29.75
CA ARG B 813 30.83 -0.39 28.32
C ARG B 813 29.52 -0.77 27.65
N LEU B 814 28.94 -1.89 28.07
CA LEU B 814 27.62 -2.28 27.57
C LEU B 814 26.58 -1.22 27.89
N LYS B 815 26.58 -0.71 29.14
CA LYS B 815 25.66 0.35 29.49
C LYS B 815 25.91 1.61 28.66
N GLU B 816 27.20 1.95 28.44
CA GLU B 816 27.51 3.08 27.57
C GLU B 816 26.95 2.87 26.16
N ILE B 817 27.06 1.65 25.64
CA ILE B 817 26.58 1.36 24.30
C ILE B 817 25.05 1.46 24.25
N GLU B 818 24.37 1.08 25.33
CA GLU B 818 22.92 1.31 25.37
C GLU B 818 22.58 2.79 25.13
N GLY B 819 23.30 3.70 25.78
CA GLY B 819 23.04 5.12 25.59
C GLY B 819 23.46 5.62 24.21
N ILE B 820 24.55 5.06 23.67
CA ILE B 820 24.96 5.39 22.30
C ILE B 820 23.87 4.98 21.31
N ILE B 821 23.36 3.76 21.45
CA ILE B 821 22.33 3.26 20.53
C ILE B 821 21.05 4.07 20.66
N ASP B 822 20.67 4.41 21.89
CA ASP B 822 19.48 5.21 22.08
C ASP B 822 19.62 6.58 21.42
N ALA B 823 20.83 7.14 21.41
CA ALA B 823 21.03 8.42 20.73
C ALA B 823 21.02 8.23 19.21
N ARG B 824 21.56 7.11 18.73
CA ARG B 824 21.53 6.85 17.29
C ARG B 824 20.09 6.72 16.80
N ASN B 825 19.21 6.13 17.61
CA ASN B 825 17.83 5.98 17.22
C ASN B 825 17.07 7.30 17.22
N GLU B 826 17.67 8.37 17.74
CA GLU B 826 17.08 9.71 17.71
C GLU B 826 17.73 10.63 16.69
N ASP B 827 18.66 10.12 15.89
CA ASP B 827 19.47 10.93 14.99
C ASP B 827 18.78 11.06 13.63
N LYS B 828 18.32 12.27 13.29
CA LYS B 828 17.65 12.52 12.02
C LYS B 828 18.51 12.17 10.80
N ASN B 829 19.84 12.09 10.95
CA ASN B 829 20.70 11.77 9.83
C ASN B 829 20.81 10.27 9.56
N LEU B 830 20.35 9.41 10.47
CA LEU B 830 20.46 7.97 10.32
C LEU B 830 19.10 7.46 9.88
N LYS B 831 18.82 7.67 8.59
CA LYS B 831 17.51 7.37 8.06
C LYS B 831 17.22 5.86 8.00
N ASN B 832 18.21 5.00 8.21
CA ASN B 832 17.88 3.58 8.27
C ASN B 832 17.43 3.13 9.65
N ARG B 833 17.40 4.04 10.64
CA ARG B 833 16.87 3.71 11.94
C ARG B 833 15.95 4.78 12.50
N HIS B 834 15.82 5.93 11.84
CA HIS B 834 15.06 7.06 12.35
C HIS B 834 14.30 7.70 11.21
N GLY B 835 13.00 7.84 11.37
CA GLY B 835 12.16 8.33 10.28
C GLY B 835 10.71 8.04 10.55
N ALA B 836 9.85 8.67 9.76
CA ALA B 836 8.42 8.51 9.96
C ALA B 836 8.04 7.04 9.86
N GLY B 837 7.46 6.50 10.93
CA GLY B 837 7.07 5.11 10.96
C GLY B 837 8.19 4.10 11.16
N VAL B 838 9.44 4.54 11.30
CA VAL B 838 10.58 3.62 11.36
C VAL B 838 10.77 3.18 12.81
N VAL B 839 10.56 1.90 13.07
CA VAL B 839 10.83 1.34 14.40
C VAL B 839 12.31 1.53 14.74
N PRO B 840 12.64 1.99 15.95
CA PRO B 840 14.06 2.12 16.33
C PRO B 840 14.76 0.77 16.32
N TYR B 841 16.04 0.79 15.96
CA TYR B 841 16.82 -0.45 15.90
C TYR B 841 17.35 -0.76 17.28
N GLU B 842 16.79 -1.81 17.92
CA GLU B 842 17.12 -2.14 19.30
C GLU B 842 17.53 -3.58 19.49
N LEU B 843 17.75 -4.31 18.39
CA LEU B 843 18.10 -5.74 18.46
C LEU B 843 19.43 -5.98 19.16
N LEU B 844 20.36 -5.02 19.09
CA LEU B 844 21.68 -5.18 19.72
C LEU B 844 21.85 -4.26 20.93
N LYS B 845 20.75 -3.83 21.54
CA LYS B 845 20.81 -2.88 22.64
C LYS B 845 20.95 -3.64 23.95
N PRO B 846 22.04 -3.45 24.70
CA PRO B 846 22.15 -4.10 26.01
C PRO B 846 21.10 -3.56 26.98
N PHE B 847 20.73 -4.39 27.94
CA PHE B 847 19.85 -3.96 29.03
C PHE B 847 18.53 -3.39 28.48
N SER B 848 17.81 -4.24 27.75
CA SER B 848 16.56 -3.86 27.06
C SER B 848 16.79 -2.72 26.07
N GLY B 856 16.93 -6.63 25.21
CA GLY B 856 18.31 -6.83 25.66
C GLY B 856 19.07 -7.85 24.86
N VAL B 857 20.39 -7.88 25.01
CA VAL B 857 21.24 -8.84 24.32
C VAL B 857 21.42 -10.05 25.22
N PRO B 858 20.98 -11.25 24.81
CA PRO B 858 21.26 -12.45 25.60
C PRO B 858 22.74 -12.80 25.56
N TYR B 859 23.17 -13.65 26.49
CA TYR B 859 24.56 -14.07 26.44
C TYR B 859 24.75 -15.44 25.81
N SER B 860 23.68 -16.19 25.58
CA SER B 860 23.79 -17.48 24.92
C SER B 860 22.62 -17.67 23.96
N ILE B 861 22.75 -18.71 23.14
CA ILE B 861 21.71 -19.13 22.22
C ILE B 861 20.70 -19.96 23.01
N SER B 862 19.64 -19.30 23.48
CA SER B 862 18.66 -19.93 24.36
C SER B 862 17.25 -20.04 23.75
N ILE B 863 17.09 -19.66 22.49
CA ILE B 863 15.76 -19.72 21.85
C ILE B 863 15.92 -20.02 20.35
FE FE C . -24.55 15.50 -12.04
O72 PQE D . -29.92 13.52 -29.84
C65 PQE D . -29.80 12.13 -29.76
C64 PQE D . -30.39 11.60 -28.46
O73 PQE D . -30.28 10.20 -28.38
C60 PQE D . -31.48 9.52 -28.10
C59 PQE D . -32.24 10.26 -27.00
O74 PQE D . -33.48 9.65 -26.83
C57 PQE D . -34.51 10.51 -26.44
C56 PQE D . -35.26 9.87 -25.27
O75 PQE D . -36.56 9.56 -25.66
C1 EDO E . -13.97 26.88 -15.42
O1 EDO E . -12.85 26.13 -15.92
C2 EDO E . -15.20 26.49 -16.22
O2 EDO E . -14.75 26.20 -17.56
C1 EDO F . -12.98 33.93 -19.15
O1 EDO F . -14.34 34.26 -19.47
C2 EDO F . -12.14 34.13 -20.39
O2 EDO F . -12.59 35.32 -21.08
C1 EDO G . -25.78 16.82 -9.20
O1 EDO G . -25.24 15.51 -9.41
C2 EDO G . -25.23 17.42 -7.92
O2 EDO G . -23.80 17.43 -7.94
FE FE H . 17.63 -19.40 17.79
O72 PQE I . 31.25 -12.96 29.09
C65 PQE I . 30.46 -12.02 29.78
C64 PQE I . 29.02 -12.51 29.85
O73 PQE I . 28.22 -11.51 30.44
C60 PQE I . 27.52 -11.86 31.61
C59 PQE I . 27.07 -13.32 31.55
O74 PQE I . 26.64 -13.66 32.84
C57 PQE I . 26.68 -15.03 33.17
C56 PQE I . 25.32 -15.42 33.74
O75 PQE I . 25.47 -15.89 35.06
C1 EDO J . 30.42 2.66 14.70
O1 EDO J . 29.74 1.87 15.69
C2 EDO J . 29.81 2.42 13.32
O2 EDO J . 30.74 1.84 12.39
C1 EDO K . 34.71 -22.71 2.26
O1 EDO K . 35.18 -23.54 3.33
C2 EDO K . 35.88 -21.91 1.70
O2 EDO K . 37.01 -22.78 1.53
C1 EDO L . 15.37 -22.68 15.59
O1 EDO L . 15.81 -22.10 14.35
C2 EDO L . 16.19 -22.10 16.73
O2 EDO L . 15.58 -20.90 17.21
#